data_7L8E
#
_entry.id   7L8E
#
loop_
_entity.id
_entity.type
_entity.pdbx_description
1 polymer 'Envelope glycoprotein gp160'
2 polymer 'Rh.33172 pAbC-1 Heavy Chain'
3 polymer 'Rh.33172 pAbC-1 Light Chain'
4 branched alpha-D-mannopyranose-(1-3)-[alpha-D-mannopyranose-(1-6)]beta-D-mannopyranose-(1-4)-2-acetamido-2-deoxy-beta-D-glucopyranose-(1-4)-2-acetamido-2-deoxy-beta-D-glucopyranose
5 branched 2-acetamido-2-deoxy-beta-D-glucopyranose-(1-4)-2-acetamido-2-deoxy-beta-D-glucopyranose
6 non-polymer 2-acetamido-2-deoxy-beta-D-glucopyranose
#
loop_
_entity_poly.entity_id
_entity_poly.type
_entity_poly.pdbx_seq_one_letter_code
_entity_poly.pdbx_strand_id
1 'polypeptide(L)'
;MKRGLCCVLLLCGAVFVSPSQEIHARFRRGARAENLWVTVYYGVPVWKDAETTLFCASDAKAYETKKHNVWATHCCVPTD
PNPQEIHLENVTEEFNMWKNNMVEQMHTDIISLWDQSLKPCVKLTPLCVTLQCTNVTNNITDDMRGELKNCSFNMTTELR
DKKQKVYSLFYRLDVVQINENQGNRSNNSNKEYRLINCNTSAITQACPKVSFEPIPIHYCAPAGFAILKCKDKKFNGTGP
CTNVSTVQCTHGIKPVVSTQLLLNGSLAEEEVIIRSENITNNAKNILVQLNESVQINCTRPNNNTVKSIRIGPGQWFYYT
GDIIGDIRQAHCNVSKATWNETLGKVVKQLRKHFGNNTIIRFANSSGGDLEVTTHSFNCGGEFFYCNTSGLFNSTWISNT
SVQGSNSTGSNDSITLPCRIKQIINMWQRIGQAMYAPPIQGVIRCVSNITGLILTRDGGSTNSTTETFRPGGGDMRDNWR
SELYKYKVVKIEPLGVAPTRCKRRVVGRRRRAVGIGAVSLGFLGAAGSTMGAASMTLTVQARNLLSGIVQQQSNLLRAPE
CQQHLLKDTHWGIKQLQARVLAVEHYLRDQQLLGIWGCSGKLICCTNVPWNSSWSNRNLSEIWDNMTWLQWDKEISNYTQ
IIYGLLEESQNQQEKNEQDLLELD
;
C,D,E,F,A,B
2 'polypeptide(L)'
;(UNK)(UNK)(UNK)(UNK)(UNK)(UNK)(UNK)(UNK)(UNK)(UNK)(UNK)(UNK)(UNK)(UNK)(UNK)(UNK)
(UNK)(UNK)(UNK)(UNK)(UNK)(UNK)(UNK)(UNK)(UNK)(UNK)(UNK)(UNK)(UNK)(UNK)(UNK)(UNK)
(UNK)(UNK)(UNK)(UNK)(UNK)(UNK)(UNK)(UNK)(UNK)(UNK)(UNK)(UNK)(UNK)(UNK)(UNK)(UNK)
(UNK)(UNK)(UNK)(UNK)(UNK)(UNK)(UNK)(UNK)(UNK)(UNK)(UNK)(UNK)(UNK)(UNK)(UNK)(UNK)
(UNK)(UNK)(UNK)(UNK)(UNK)(UNK)(UNK)(UNK)(UNK)(UNK)(UNK)(UNK)(UNK)(UNK)(UNK)(UNK)
(UNK)(UNK)(UNK)(UNK)(UNK)(UNK)(UNK)(UNK)(UNK)(UNK)(UNK)(UNK)(UNK)(UNK)(UNK)(UNK)
(UNK)(UNK)(UNK)(UNK)(UNK)(UNK)(UNK)(UNK)(UNK)(UNK)(UNK)(UNK)(UNK)(UNK)(UNK)
;
H
3 'polypeptide(L)'
;(UNK)(UNK)(UNK)(UNK)(UNK)(UNK)(UNK)(UNK)(UNK)(UNK)(UNK)(UNK)(UNK)(UNK)(UNK)(UNK)
(UNK)(UNK)(UNK)(UNK)(UNK)(UNK)(UNK)(UNK)(UNK)(UNK)(UNK)(UNK)(UNK)(UNK)(UNK)(UNK)
(UNK)(UNK)(UNK)(UNK)(UNK)(UNK)(UNK)(UNK)(UNK)(UNK)(UNK)(UNK)(UNK)(UNK)(UNK)(UNK)
(UNK)(UNK)(UNK)(UNK)(UNK)(UNK)(UNK)(UNK)(UNK)(UNK)(UNK)(UNK)(UNK)(UNK)(UNK)(UNK)
(UNK)(UNK)(UNK)(UNK)(UNK)(UNK)(UNK)(UNK)(UNK)(UNK)(UNK)(UNK)(UNK)(UNK)(UNK)(UNK)
(UNK)(UNK)(UNK)(UNK)(UNK)(UNK)(UNK)(UNK)(UNK)(UNK)(UNK)(UNK)(UNK)(UNK)(UNK)(UNK)
(UNK)(UNK)(UNK)
;
L
#
# COMPACT_ATOMS: atom_id res chain seq x y z
N ASN A 35 40.60 -44.63 -19.14
CA ASN A 35 39.75 -45.12 -18.05
C ASN A 35 39.37 -44.05 -16.99
N LEU A 36 39.88 -42.81 -17.12
CA LEU A 36 39.62 -41.67 -16.23
C LEU A 36 38.83 -40.58 -16.91
N TRP A 37 37.56 -40.45 -16.54
CA TRP A 37 36.67 -39.47 -17.15
C TRP A 37 35.69 -38.86 -16.18
N VAL A 38 34.89 -37.93 -16.69
CA VAL A 38 33.90 -37.24 -15.89
C VAL A 38 32.46 -37.56 -16.30
N THR A 39 31.65 -37.91 -15.31
CA THR A 39 30.22 -38.08 -15.52
C THR A 39 29.50 -37.10 -14.63
N VAL A 40 28.37 -36.61 -15.10
CA VAL A 40 27.59 -35.66 -14.33
C VAL A 40 26.19 -36.18 -14.09
N TYR A 41 25.70 -35.92 -12.87
CA TYR A 41 24.39 -36.34 -12.45
C TYR A 41 23.53 -35.20 -11.97
N TYR A 42 22.24 -35.33 -12.20
CA TYR A 42 21.25 -34.42 -11.65
C TYR A 42 20.21 -35.19 -10.89
N GLY A 43 19.93 -34.75 -9.67
CA GLY A 43 18.96 -35.43 -8.82
C GLY A 43 19.69 -36.24 -7.76
N VAL A 44 20.88 -35.82 -7.40
CA VAL A 44 21.63 -36.54 -6.41
C VAL A 44 21.13 -36.17 -5.01
N PRO A 45 21.05 -37.11 -4.04
CA PRO A 45 20.59 -36.91 -2.68
C PRO A 45 21.60 -36.22 -1.79
N VAL A 46 21.89 -34.96 -2.08
CA VAL A 46 22.89 -34.18 -1.36
C VAL A 46 22.34 -32.89 -0.84
N TRP A 47 22.83 -32.47 0.32
CA TRP A 47 22.41 -31.24 0.92
C TRP A 47 23.50 -30.58 1.73
N LYS A 48 23.27 -29.32 2.02
CA LYS A 48 24.16 -28.51 2.85
C LYS A 48 23.41 -27.74 3.92
N ASP A 49 24.09 -27.43 5.01
CA ASP A 49 23.46 -26.63 6.06
C ASP A 49 22.99 -25.36 5.41
N ALA A 50 21.78 -24.92 5.71
CA ALA A 50 21.36 -23.70 5.05
C ALA A 50 20.32 -22.93 5.82
N GLU A 51 20.27 -21.63 5.56
CA GLU A 51 19.30 -20.78 6.18
C GLU A 51 18.27 -20.24 5.21
N THR A 52 17.02 -20.55 5.46
CA THR A 52 15.93 -20.06 4.64
C THR A 52 14.85 -19.59 5.56
N THR A 53 13.81 -19.03 5.00
CA THR A 53 12.67 -18.56 5.78
C THR A 53 11.59 -19.61 5.79
N LEU A 54 11.17 -20.01 6.97
CA LEU A 54 10.12 -21.01 7.07
C LEU A 54 8.79 -20.35 7.21
N PHE A 55 7.72 -21.07 6.92
CA PHE A 55 6.42 -20.50 7.16
C PHE A 55 5.71 -21.42 8.13
N CYS A 56 4.70 -20.90 8.85
CA CYS A 56 3.94 -21.69 9.82
C CYS A 56 2.64 -22.19 9.23
N ALA A 57 2.18 -23.27 9.81
CA ALA A 57 0.90 -23.84 9.48
C ALA A 57 0.26 -24.49 10.69
N SER A 58 -1.06 -24.37 10.85
CA SER A 58 -1.72 -25.12 11.92
C SER A 58 -3.18 -25.35 11.60
N ASP A 59 -3.73 -26.48 12.04
CA ASP A 59 -5.14 -26.78 11.81
C ASP A 59 -5.74 -27.61 12.95
N ALA A 60 -6.98 -27.25 13.37
CA ALA A 60 -7.76 -27.92 14.41
C ALA A 60 -9.23 -27.59 14.18
N LYS A 67 -11.90 -19.32 18.31
CA LYS A 67 -12.52 -18.43 17.29
C LYS A 67 -11.48 -17.46 16.75
N HIS A 68 -11.44 -16.24 17.30
CA HIS A 68 -10.57 -15.17 16.78
C HIS A 68 -9.19 -15.25 17.40
N ASN A 69 -8.53 -16.36 17.14
CA ASN A 69 -7.22 -16.68 17.63
C ASN A 69 -6.18 -16.17 16.66
N VAL A 70 -5.18 -15.47 17.16
CA VAL A 70 -4.19 -14.88 16.26
C VAL A 70 -3.33 -15.90 15.57
N TRP A 71 -3.04 -16.98 16.25
CA TRP A 71 -2.17 -17.98 15.70
C TRP A 71 -2.90 -18.69 14.62
N ALA A 72 -4.17 -18.95 14.90
CA ALA A 72 -5.00 -19.67 13.96
C ALA A 72 -5.26 -18.85 12.72
N THR A 73 -5.40 -17.55 12.91
CA THR A 73 -5.63 -16.66 11.80
C THR A 73 -4.41 -16.58 10.93
N HIS A 74 -3.26 -16.45 11.57
CA HIS A 74 -2.02 -16.29 10.83
C HIS A 74 -1.54 -17.54 10.08
N CYS A 75 -1.47 -18.71 10.75
CA CYS A 75 -0.92 -19.96 10.21
C CYS A 75 -2.05 -20.71 9.47
N CYS A 76 -2.47 -20.07 8.39
CA CYS A 76 -3.62 -20.46 7.56
C CYS A 76 -3.50 -21.74 6.75
N VAL A 77 -2.30 -22.24 6.60
CA VAL A 77 -2.06 -23.45 5.83
C VAL A 77 -2.58 -24.68 6.60
N PRO A 78 -3.41 -25.56 5.98
CA PRO A 78 -4.06 -26.76 6.54
C PRO A 78 -3.24 -27.86 7.20
N THR A 79 -1.93 -27.94 6.96
CA THR A 79 -1.02 -28.99 7.50
C THR A 79 -1.41 -30.40 7.01
N ASP A 80 -2.09 -31.20 7.84
CA ASP A 80 -2.48 -32.58 7.54
C ASP A 80 -1.24 -33.40 7.14
N PRO A 81 -0.24 -33.53 8.04
CA PRO A 81 1.08 -34.11 7.79
C PRO A 81 1.13 -35.64 7.76
N ASN A 82 0.26 -36.23 7.01
CA ASN A 82 0.20 -37.68 6.97
C ASN A 82 1.45 -38.39 6.43
N PRO A 83 2.07 -37.95 5.31
CA PRO A 83 3.24 -38.55 4.70
C PRO A 83 4.57 -37.98 5.17
N GLN A 84 4.62 -37.23 6.25
CA GLN A 84 5.86 -36.51 6.52
C GLN A 84 7.13 -37.28 6.82
N GLU A 85 7.03 -38.42 7.49
CA GLU A 85 8.26 -39.05 7.96
C GLU A 85 9.00 -39.99 7.01
N ILE A 86 10.25 -39.61 6.71
CA ILE A 86 11.16 -40.45 5.92
C ILE A 86 12.42 -40.71 6.72
N HIS A 87 12.69 -41.96 7.02
CA HIS A 87 13.88 -42.31 7.78
C HIS A 87 15.11 -42.31 6.92
N LEU A 88 16.23 -41.77 7.40
CA LEU A 88 17.43 -41.85 6.60
C LEU A 88 18.34 -42.97 7.08
N GLU A 89 18.48 -44.00 6.29
CA GLU A 89 19.30 -45.10 6.72
C GLU A 89 20.76 -44.68 6.59
N ASN A 90 21.62 -45.12 7.55
CA ASN A 90 23.08 -44.92 7.60
C ASN A 90 23.52 -43.44 7.55
N VAL A 91 22.78 -42.54 8.26
CA VAL A 91 23.07 -41.10 8.34
C VAL A 91 23.38 -40.59 9.73
N THR A 92 24.52 -39.91 9.80
CA THR A 92 24.97 -39.23 10.99
C THR A 92 25.08 -37.77 10.66
N GLU A 93 24.52 -36.92 11.51
CA GLU A 93 24.52 -35.47 11.31
C GLU A 93 24.94 -34.70 12.53
N GLU A 94 25.50 -33.52 12.27
CA GLU A 94 25.93 -32.62 13.32
C GLU A 94 24.86 -31.56 13.60
N PHE A 95 24.38 -31.53 14.83
CA PHE A 95 23.36 -30.60 15.25
C PHE A 95 23.94 -29.61 16.23
N ASN A 96 23.38 -28.40 16.28
CA ASN A 96 23.80 -27.43 17.29
C ASN A 96 22.67 -26.49 17.63
N MET A 97 21.96 -26.79 18.70
CA MET A 97 20.79 -26.03 19.07
C MET A 97 21.10 -24.58 19.41
N TRP A 98 22.32 -24.29 19.79
CA TRP A 98 22.63 -22.97 20.26
C TRP A 98 22.79 -22.00 19.12
N LYS A 99 22.83 -22.53 17.91
CA LYS A 99 23.02 -21.75 16.72
C LYS A 99 21.84 -21.93 15.79
N ASN A 100 20.71 -22.35 16.36
CA ASN A 100 19.55 -22.61 15.54
C ASN A 100 18.82 -21.34 15.09
N ASN A 101 18.89 -21.08 13.80
CA ASN A 101 18.31 -19.88 13.21
C ASN A 101 16.80 -19.94 13.26
N MET A 102 16.26 -21.13 13.47
CA MET A 102 14.83 -21.25 13.57
C MET A 102 14.37 -20.58 14.83
N VAL A 103 15.21 -20.55 15.86
CA VAL A 103 14.84 -19.93 17.10
C VAL A 103 14.75 -18.47 16.84
N GLU A 104 15.72 -17.98 16.10
CA GLU A 104 15.71 -16.57 15.82
C GLU A 104 14.46 -16.22 15.02
N GLN A 105 14.07 -17.07 14.07
CA GLN A 105 12.86 -16.72 13.35
C GLN A 105 11.66 -16.76 14.23
N MET A 106 11.54 -17.75 15.11
CA MET A 106 10.36 -17.77 15.94
C MET A 106 10.31 -16.54 16.79
N HIS A 107 11.43 -16.09 17.31
CA HIS A 107 11.40 -14.91 18.14
C HIS A 107 10.85 -13.76 17.33
N THR A 108 11.39 -13.58 16.13
CA THR A 108 11.00 -12.48 15.27
C THR A 108 9.55 -12.53 14.85
N ASP A 109 9.09 -13.72 14.47
CA ASP A 109 7.77 -13.91 13.94
C ASP A 109 6.72 -13.77 14.99
N ILE A 110 7.02 -14.24 16.18
CA ILE A 110 6.08 -14.15 17.25
C ILE A 110 5.90 -12.72 17.62
N ILE A 111 6.98 -11.97 17.72
CA ILE A 111 6.81 -10.58 18.06
C ILE A 111 6.03 -9.90 16.96
N SER A 112 6.35 -10.17 15.70
CA SER A 112 5.63 -9.53 14.64
C SER A 112 4.14 -9.82 14.69
N LEU A 113 3.75 -11.06 14.93
CA LEU A 113 2.34 -11.36 14.98
C LEU A 113 1.70 -10.62 16.11
N TRP A 114 2.36 -10.61 17.25
CA TRP A 114 1.84 -9.92 18.41
C TRP A 114 1.55 -8.46 18.09
N ASP A 115 2.52 -7.77 17.53
CA ASP A 115 2.33 -6.36 17.27
C ASP A 115 1.30 -6.10 16.24
N GLN A 116 1.23 -6.93 15.22
CA GLN A 116 0.28 -6.70 14.17
C GLN A 116 -1.12 -6.88 14.70
N SER A 117 -1.29 -7.84 15.59
CA SER A 117 -2.58 -8.15 16.14
C SER A 117 -3.12 -7.00 16.96
N LEU A 118 -2.23 -6.24 17.58
CA LEU A 118 -2.65 -5.12 18.40
C LEU A 118 -2.80 -3.82 17.65
N LYS A 119 -2.51 -3.78 16.36
CA LYS A 119 -2.62 -2.52 15.69
C LYS A 119 -4.05 -2.01 15.58
N PRO A 120 -5.03 -2.79 15.09
CA PRO A 120 -6.40 -2.34 14.93
C PRO A 120 -7.18 -2.40 16.23
N CYS A 121 -6.74 -1.64 17.25
CA CYS A 121 -7.28 -1.64 18.61
C CYS A 121 -7.30 -0.24 19.17
N VAL A 122 -7.91 -0.10 20.33
CA VAL A 122 -8.07 1.18 20.99
C VAL A 122 -6.82 1.72 21.62
N LYS A 123 -6.54 2.98 21.31
CA LYS A 123 -5.40 3.64 21.90
C LYS A 123 -5.88 4.20 23.21
N LEU A 124 -5.09 4.14 24.25
CA LEU A 124 -5.49 4.67 25.53
C LEU A 124 -4.78 5.95 25.86
N THR A 125 -4.20 6.57 24.86
CA THR A 125 -3.50 7.83 25.04
C THR A 125 -4.30 8.83 25.88
N PRO A 126 -5.62 9.01 25.68
CA PRO A 126 -6.46 9.94 26.38
C PRO A 126 -6.50 9.74 27.89
N LEU A 127 -6.03 8.61 28.39
CA LEU A 127 -6.07 8.36 29.83
C LEU A 127 -4.85 8.88 30.62
N CYS A 128 -3.83 9.50 29.96
CA CYS A 128 -2.67 10.06 30.65
C CYS A 128 -3.02 11.42 31.26
N VAL A 129 -3.68 11.31 32.39
CA VAL A 129 -4.20 12.41 33.17
C VAL A 129 -3.74 12.29 34.59
N THR A 130 -3.85 13.36 35.34
CA THR A 130 -3.54 13.24 36.73
C THR A 130 -4.66 12.44 37.34
N LEU A 131 -4.31 11.41 38.05
CA LEU A 131 -5.24 10.50 38.66
C LEU A 131 -5.32 10.73 40.17
N GLN A 132 -6.51 10.79 40.74
CA GLN A 132 -6.55 10.97 42.19
C GLN A 132 -6.87 9.63 42.81
N CYS A 133 -6.16 9.20 43.89
CA CYS A 133 -6.38 7.90 44.51
C CYS A 133 -6.37 7.94 46.04
N THR A 134 -7.08 6.96 46.58
CA THR A 134 -7.09 6.63 48.00
C THR A 134 -6.85 5.13 48.10
N ASN A 135 -6.65 4.57 49.32
CA ASN A 135 -6.45 3.14 49.54
C ASN A 135 -7.80 2.41 49.50
N VAL A 136 -7.80 1.15 48.99
CA VAL A 136 -8.96 0.28 49.11
C VAL A 136 -8.76 -0.34 50.48
N THR A 137 -9.74 -0.23 51.36
CA THR A 137 -9.59 -0.74 52.71
C THR A 137 -10.57 -1.85 53.10
N ASN A 138 -11.63 -2.02 52.33
CA ASN A 138 -12.67 -2.93 52.74
C ASN A 138 -12.38 -4.39 52.44
N ASN A 139 -12.57 -5.23 53.46
CA ASN A 139 -12.42 -6.67 53.39
C ASN A 139 -11.07 -7.14 52.85
N ILE A 140 -10.00 -6.52 53.31
CA ILE A 140 -8.65 -6.86 52.87
C ILE A 140 -7.78 -7.57 53.88
N THR A 141 -7.16 -8.67 53.45
CA THR A 141 -6.25 -9.37 54.36
C THR A 141 -4.89 -8.71 54.43
N ASP A 142 -4.05 -9.15 55.36
CA ASP A 142 -2.74 -8.52 55.56
C ASP A 142 -1.83 -8.56 54.35
N ASP A 143 -1.91 -9.63 53.60
CA ASP A 143 -1.07 -9.86 52.45
C ASP A 143 -1.36 -8.88 51.31
N MET A 144 -2.54 -8.27 51.36
CA MET A 144 -3.04 -7.37 50.37
C MET A 144 -3.15 -5.92 50.84
N ARG A 145 -2.55 -5.58 51.98
CA ARG A 145 -2.73 -4.22 52.44
C ARG A 145 -1.98 -3.26 51.55
N GLY A 146 -2.70 -2.28 51.03
CA GLY A 146 -2.13 -1.24 50.20
C GLY A 146 -1.92 -1.69 48.75
N GLU A 147 -2.31 -2.93 48.44
CA GLU A 147 -2.10 -3.47 47.11
C GLU A 147 -3.00 -2.83 46.08
N LEU A 148 -4.22 -2.51 46.49
CA LEU A 148 -5.15 -1.93 45.54
C LEU A 148 -5.48 -0.52 45.91
N LYS A 149 -5.59 0.30 44.88
CA LYS A 149 -5.98 1.68 45.07
C LYS A 149 -7.32 1.94 44.39
N ASN A 150 -8.13 2.84 44.99
CA ASN A 150 -9.41 3.33 44.47
C ASN A 150 -9.17 4.72 43.87
N CYS A 151 -9.19 4.79 42.52
CA CYS A 151 -8.80 5.98 41.76
C CYS A 151 -9.94 6.55 40.92
N SER A 152 -9.86 7.85 40.67
CA SER A 152 -10.83 8.51 39.81
C SER A 152 -10.22 9.64 38.99
N PHE A 153 -10.85 9.89 37.86
CA PHE A 153 -10.37 10.93 36.97
C PHE A 153 -11.43 11.46 36.00
N ASN A 154 -11.13 12.62 35.37
CA ASN A 154 -11.97 13.26 34.34
C ASN A 154 -11.50 12.80 32.94
N MET A 155 -12.30 11.92 32.31
CA MET A 155 -12.03 11.27 31.02
C MET A 155 -12.87 11.94 29.95
N THR A 156 -12.41 11.94 28.72
CA THR A 156 -13.23 12.53 27.67
C THR A 156 -14.29 11.56 27.21
N THR A 157 -15.27 12.06 26.47
CA THR A 157 -16.27 11.17 25.88
C THR A 157 -16.45 11.46 24.38
N GLU A 158 -17.55 10.99 23.80
CA GLU A 158 -17.78 11.05 22.38
C GLU A 158 -17.69 12.45 21.80
N LEU A 159 -18.20 13.43 22.52
CA LEU A 159 -18.11 14.79 22.03
C LEU A 159 -16.88 15.36 22.67
N ARG A 160 -16.12 16.16 21.94
CA ARG A 160 -14.91 16.72 22.55
C ARG A 160 -15.24 17.57 23.77
N ASP A 161 -16.37 18.23 23.70
CA ASP A 161 -16.89 19.13 24.70
C ASP A 161 -17.28 18.49 25.99
N LYS A 162 -17.50 17.19 26.00
CA LYS A 162 -17.97 16.57 27.20
C LYS A 162 -16.94 15.71 27.87
N LYS A 163 -16.94 15.78 29.19
CA LYS A 163 -16.06 15.01 30.02
C LYS A 163 -16.93 14.17 30.93
N GLN A 164 -16.36 13.11 31.45
CA GLN A 164 -17.07 12.27 32.39
C GLN A 164 -16.14 11.89 33.52
N LYS A 165 -16.66 11.79 34.72
CA LYS A 165 -15.82 11.37 35.82
C LYS A 165 -16.02 9.90 36.02
N VAL A 166 -14.93 9.18 36.06
CA VAL A 166 -15.01 7.76 36.19
C VAL A 166 -14.19 7.24 37.34
N TYR A 167 -14.52 6.03 37.77
CA TYR A 167 -13.85 5.38 38.88
C TYR A 167 -13.36 3.99 38.51
N SER A 168 -12.23 3.61 39.06
CA SER A 168 -11.65 2.29 38.84
C SER A 168 -10.71 1.86 39.94
N LEU A 169 -10.43 0.57 40.00
CA LEU A 169 -9.43 0.11 40.97
C LEU A 169 -8.18 -0.31 40.23
N PHE A 170 -7.03 -0.09 40.82
CA PHE A 170 -5.78 -0.52 40.21
C PHE A 170 -4.84 -1.25 41.12
N TYR A 171 -4.02 -2.07 40.50
CA TYR A 171 -2.97 -2.74 41.22
C TYR A 171 -1.88 -1.71 41.37
N ARG A 172 -1.18 -1.72 42.50
CA ARG A 172 -0.13 -0.73 42.70
C ARG A 172 0.98 -0.83 41.68
N LEU A 173 1.14 -1.98 41.06
CA LEU A 173 2.20 -2.21 40.12
C LEU A 173 2.08 -1.38 38.85
N ASP A 174 0.89 -0.89 38.57
CA ASP A 174 0.64 -0.11 37.38
C ASP A 174 0.59 1.40 37.64
N VAL A 175 0.71 1.84 38.90
CA VAL A 175 0.51 3.25 39.20
C VAL A 175 1.65 3.90 39.98
N VAL A 176 2.05 5.09 39.56
CA VAL A 176 3.13 5.83 40.21
C VAL A 176 2.70 7.19 40.74
N GLN A 177 3.10 7.50 41.97
CA GLN A 177 2.74 8.77 42.61
C GLN A 177 3.45 9.95 41.99
N ILE A 178 2.72 11.05 41.85
CA ILE A 178 3.26 12.26 41.23
C ILE A 178 4.39 12.96 42.02
N ASN A 179 4.24 13.13 43.36
CA ASN A 179 5.18 13.81 44.28
C ASN A 179 5.79 15.09 43.70
N ASN A 190 -6.30 11.40 48.74
CA ASN A 190 -5.86 12.79 48.63
C ASN A 190 -4.59 13.00 47.77
N LYS A 191 -3.83 11.92 47.47
CA LYS A 191 -2.59 11.97 46.68
C LYS A 191 -2.86 11.77 45.21
N GLU A 192 -2.02 12.40 44.41
CA GLU A 192 -2.10 12.28 42.96
C GLU A 192 -1.08 11.33 42.39
N TYR A 193 -1.52 10.61 41.37
CA TYR A 193 -0.83 9.56 40.65
C TYR A 193 -0.94 9.67 39.13
N ARG A 194 -0.09 8.96 38.43
CA ARG A 194 -0.19 8.82 36.99
C ARG A 194 0.05 7.37 36.64
N LEU A 195 -0.35 6.97 35.46
CA LEU A 195 -0.04 5.62 35.04
C LEU A 195 1.44 5.55 34.76
N ILE A 196 2.04 4.41 35.06
CA ILE A 196 3.47 4.28 34.88
C ILE A 196 4.00 4.45 33.48
N ASN A 197 3.22 4.16 32.46
CA ASN A 197 3.73 4.30 31.11
C ASN A 197 3.80 5.72 30.51
N CYS A 198 3.09 6.71 31.09
CA CYS A 198 2.88 8.04 30.47
C CYS A 198 4.14 8.87 30.31
N ASN A 199 5.19 8.59 31.04
CA ASN A 199 6.39 9.37 30.81
C ASN A 199 7.29 8.77 29.71
N THR A 200 6.95 7.56 29.16
CA THR A 200 7.71 6.80 28.18
C THR A 200 6.99 6.61 26.86
N SER A 201 5.78 6.09 26.89
CA SER A 201 5.07 5.81 25.65
C SER A 201 3.58 5.67 25.82
N ALA A 202 2.88 5.70 24.69
CA ALA A 202 1.45 5.46 24.67
C ALA A 202 1.19 3.98 24.83
N ILE A 203 0.07 3.69 25.45
CA ILE A 203 -0.33 2.33 25.69
C ILE A 203 -1.56 1.98 24.89
N THR A 204 -1.58 0.77 24.34
CA THR A 204 -2.71 0.28 23.55
C THR A 204 -3.46 -0.81 24.27
N GLN A 205 -4.79 -0.73 24.27
CA GLN A 205 -5.62 -1.74 24.89
C GLN A 205 -5.76 -2.89 23.96
N ALA A 206 -5.53 -4.08 24.45
CA ALA A 206 -5.70 -5.23 23.60
C ALA A 206 -7.18 -5.38 23.28
N CYS A 207 -7.52 -5.83 22.05
CA CYS A 207 -8.89 -6.09 21.59
C CYS A 207 -9.44 -7.35 22.31
N PRO A 208 -10.55 -7.23 23.08
CA PRO A 208 -11.18 -8.28 23.87
C PRO A 208 -11.53 -9.58 23.18
N LYS A 209 -11.85 -9.54 21.89
CA LYS A 209 -12.21 -10.77 21.21
C LYS A 209 -11.00 -11.59 20.83
N VAL A 210 -9.84 -10.97 20.85
CA VAL A 210 -8.68 -11.62 20.31
C VAL A 210 -8.03 -12.55 21.29
N SER A 211 -7.84 -13.77 20.85
CA SER A 211 -7.21 -14.77 21.65
C SER A 211 -5.79 -15.01 21.26
N PHE A 212 -4.94 -14.96 22.26
CA PHE A 212 -3.53 -15.21 22.04
C PHE A 212 -3.15 -16.56 22.58
N GLU A 213 -4.16 -17.34 22.93
CA GLU A 213 -3.89 -18.65 23.50
C GLU A 213 -3.00 -19.42 22.54
N PRO A 214 -1.85 -19.90 22.96
CA PRO A 214 -0.92 -20.61 22.12
C PRO A 214 -1.52 -21.91 21.68
N ILE A 215 -1.34 -22.24 20.43
CA ILE A 215 -1.81 -23.48 19.87
C ILE A 215 -0.60 -24.09 19.22
N PRO A 216 -0.53 -25.39 18.93
CA PRO A 216 0.58 -26.00 18.27
C PRO A 216 0.81 -25.35 16.93
N ILE A 217 2.05 -25.04 16.61
CA ILE A 217 2.41 -24.46 15.33
C ILE A 217 3.41 -25.36 14.63
N HIS A 218 3.15 -25.66 13.37
CA HIS A 218 4.06 -26.51 12.62
C HIS A 218 4.87 -25.65 11.67
N TYR A 219 6.19 -25.77 11.67
CA TYR A 219 6.97 -24.98 10.70
C TYR A 219 7.30 -25.81 9.48
N CYS A 220 6.94 -25.26 8.31
CA CYS A 220 7.03 -25.90 7.00
C CYS A 220 8.11 -25.28 6.12
N ALA A 221 8.86 -26.16 5.45
CA ALA A 221 9.94 -25.76 4.57
C ALA A 221 9.42 -25.35 3.21
N PRO A 222 10.08 -24.40 2.54
CA PRO A 222 9.87 -24.00 1.17
C PRO A 222 10.46 -25.04 0.24
N ALA A 223 10.04 -25.03 -1.01
CA ALA A 223 10.65 -25.94 -1.96
C ALA A 223 12.13 -25.66 -2.04
N GLY A 224 12.91 -26.73 -2.13
CA GLY A 224 14.37 -26.67 -2.21
C GLY A 224 15.01 -26.92 -0.86
N PHE A 225 14.19 -26.99 0.18
CA PHE A 225 14.62 -27.22 1.55
C PHE A 225 13.94 -28.38 2.25
N ALA A 226 14.63 -28.87 3.27
CA ALA A 226 14.09 -29.97 4.08
C ALA A 226 14.43 -29.78 5.55
N ILE A 227 13.56 -30.33 6.41
CA ILE A 227 13.77 -30.23 7.84
C ILE A 227 14.26 -31.55 8.36
N LEU A 228 15.42 -31.50 8.93
CA LEU A 228 16.10 -32.67 9.39
C LEU A 228 15.99 -32.78 10.91
N LYS A 229 15.61 -33.96 11.37
CA LYS A 229 15.39 -34.20 12.79
C LYS A 229 16.30 -35.26 13.42
N CYS A 230 16.77 -34.98 14.66
CA CYS A 230 17.52 -35.90 15.51
C CYS A 230 16.56 -36.81 16.28
N LYS A 231 16.86 -38.10 16.29
CA LYS A 231 16.08 -39.03 17.08
C LYS A 231 16.99 -39.73 18.07
N ASP A 232 17.34 -39.03 19.14
CA ASP A 232 18.27 -39.54 20.12
C ASP A 232 17.85 -39.07 21.49
N LYS A 233 17.38 -40.02 22.29
CA LYS A 233 16.80 -39.80 23.60
C LYS A 233 17.77 -39.18 24.58
N LYS A 234 19.06 -39.34 24.31
CA LYS A 234 20.09 -38.84 25.19
C LYS A 234 20.80 -37.62 24.61
N PHE A 235 20.28 -37.09 23.53
CA PHE A 235 20.90 -35.95 22.89
C PHE A 235 20.83 -34.68 23.73
N ASN A 236 21.96 -33.97 23.82
CA ASN A 236 22.10 -32.78 24.71
C ASN A 236 22.08 -31.48 23.89
N GLY A 237 21.79 -31.58 22.59
CA GLY A 237 21.65 -30.46 21.66
C GLY A 237 22.81 -30.19 20.72
N THR A 238 24.00 -30.72 21.00
CA THR A 238 25.09 -30.44 20.04
C THR A 238 25.76 -31.69 19.53
N GLY A 239 25.19 -32.84 19.79
CA GLY A 239 25.83 -34.07 19.38
C GLY A 239 25.65 -34.46 17.90
N PRO A 240 26.51 -35.37 17.42
CA PRO A 240 26.53 -35.99 16.11
C PRO A 240 25.54 -37.13 16.06
N CYS A 241 24.22 -36.83 16.00
CA CYS A 241 23.14 -37.83 16.07
C CYS A 241 23.29 -38.86 14.94
N THR A 242 23.19 -40.14 15.32
CA THR A 242 23.32 -41.28 14.39
C THR A 242 22.00 -41.94 13.94
N ASN A 243 20.87 -41.35 14.33
CA ASN A 243 19.50 -41.76 14.05
C ASN A 243 18.77 -40.49 13.59
N VAL A 244 18.69 -40.30 12.26
CA VAL A 244 18.20 -39.09 11.59
C VAL A 244 17.11 -39.38 10.59
N SER A 245 16.12 -38.51 10.56
CA SER A 245 15.02 -38.58 9.60
C SER A 245 14.67 -37.20 9.12
N THR A 246 13.92 -37.11 8.03
CA THR A 246 13.49 -35.80 7.56
C THR A 246 12.00 -35.70 7.35
N VAL A 247 11.53 -34.48 7.44
CA VAL A 247 10.16 -34.10 7.19
C VAL A 247 10.12 -32.89 6.28
N GLN A 248 8.96 -32.60 5.73
CA GLN A 248 8.79 -31.40 4.93
C GLN A 248 8.26 -30.24 5.81
N CYS A 249 7.56 -30.56 6.93
CA CYS A 249 6.99 -29.67 7.91
C CYS A 249 7.12 -30.41 9.24
N THR A 250 7.50 -29.68 10.27
CA THR A 250 7.77 -30.23 11.59
C THR A 250 6.58 -30.28 12.51
N HIS A 251 6.86 -30.72 13.71
CA HIS A 251 5.97 -30.94 14.82
C HIS A 251 5.28 -29.70 15.33
N GLY A 252 4.05 -29.87 15.76
CA GLY A 252 3.23 -28.79 16.28
C GLY A 252 3.62 -28.44 17.69
N ILE A 253 4.35 -27.35 17.83
CA ILE A 253 4.85 -26.90 19.10
C ILE A 253 4.19 -25.60 19.45
N LYS A 254 3.59 -25.51 20.63
CA LYS A 254 2.87 -24.30 20.97
C LYS A 254 3.78 -23.25 21.64
N PRO A 255 3.60 -21.95 21.33
CA PRO A 255 4.36 -20.82 21.83
C PRO A 255 3.96 -20.35 23.21
N VAL A 256 4.22 -21.18 24.20
CA VAL A 256 3.93 -20.79 25.56
C VAL A 256 5.06 -19.90 26.05
N VAL A 257 4.71 -18.77 26.64
CA VAL A 257 5.70 -17.81 27.09
C VAL A 257 5.78 -17.68 28.61
N SER A 258 6.98 -17.89 29.15
CA SER A 258 7.21 -17.78 30.59
C SER A 258 8.65 -17.42 30.97
N THR A 259 8.85 -16.95 32.23
CA THR A 259 10.22 -16.58 32.63
C THR A 259 11.07 -17.40 33.63
N GLN A 260 10.53 -18.21 34.55
CA GLN A 260 11.45 -18.89 35.47
C GLN A 260 11.48 -20.36 35.14
N LEU A 261 10.30 -20.88 34.97
CA LEU A 261 10.16 -22.28 34.63
C LEU A 261 9.45 -22.39 33.32
N LEU A 262 9.60 -23.51 32.65
CA LEU A 262 8.99 -23.70 31.35
C LEU A 262 7.71 -24.48 31.46
N LEU A 263 6.68 -24.00 30.77
CA LEU A 263 5.38 -24.66 30.82
C LEU A 263 4.91 -25.25 29.50
N ASN A 264 4.14 -26.36 29.62
CA ASN A 264 3.41 -27.07 28.57
C ASN A 264 4.29 -27.48 27.36
N GLY A 265 5.56 -27.89 27.59
CA GLY A 265 6.49 -28.34 26.56
C GLY A 265 6.53 -29.85 26.55
N SER A 266 7.50 -30.40 25.84
CA SER A 266 7.60 -31.85 25.80
C SER A 266 8.45 -32.36 26.97
N LEU A 267 8.33 -33.64 27.25
CA LEU A 267 9.16 -34.28 28.25
C LEU A 267 10.22 -35.11 27.63
N ALA A 268 11.33 -35.24 28.33
CA ALA A 268 12.43 -36.09 27.91
C ALA A 268 11.93 -37.52 27.97
N GLU A 269 12.33 -38.35 27.03
CA GLU A 269 11.85 -39.72 27.02
C GLU A 269 12.28 -40.60 28.20
N GLU A 270 13.52 -40.46 28.65
CA GLU A 270 14.04 -41.34 29.71
C GLU A 270 14.59 -40.70 30.97
N GLU A 271 15.18 -39.52 30.86
CA GLU A 271 15.86 -38.95 32.01
C GLU A 271 15.87 -37.45 31.91
N VAL A 272 16.12 -36.79 33.03
CA VAL A 272 16.26 -35.36 32.99
C VAL A 272 17.51 -35.01 32.21
N ILE A 273 17.41 -34.10 31.26
CA ILE A 273 18.60 -33.73 30.53
C ILE A 273 18.91 -32.28 30.72
N ILE A 274 20.14 -32.04 31.09
CA ILE A 274 20.59 -30.70 31.35
C ILE A 274 21.41 -30.21 30.19
N ARG A 275 20.94 -29.16 29.54
CA ARG A 275 21.60 -28.67 28.35
C ARG A 275 22.09 -27.24 28.51
N SER A 276 23.35 -27.01 28.22
CA SER A 276 23.91 -25.67 28.31
C SER A 276 24.94 -25.47 27.25
N GLU A 277 24.96 -24.28 26.67
CA GLU A 277 25.94 -23.97 25.62
C GLU A 277 27.39 -24.15 26.09
N ASN A 278 27.63 -23.78 27.36
CA ASN A 278 28.97 -23.85 28.01
C ASN A 278 28.79 -24.12 29.52
N ILE A 279 28.92 -25.38 29.92
CA ILE A 279 28.67 -25.86 31.30
C ILE A 279 29.59 -25.14 32.28
N THR A 280 30.81 -24.99 31.82
CA THR A 280 31.90 -24.32 32.50
C THR A 280 31.59 -22.85 32.73
N ASN A 281 30.95 -22.19 31.78
CA ASN A 281 30.65 -20.78 31.91
C ASN A 281 29.54 -20.55 32.90
N ASN A 282 29.79 -19.78 33.93
CA ASN A 282 28.73 -19.59 34.90
C ASN A 282 27.61 -18.72 34.32
N ALA A 283 27.98 -17.81 33.42
CA ALA A 283 27.04 -16.86 32.85
C ALA A 283 26.29 -17.38 31.64
N LYS A 284 25.59 -18.48 31.83
CA LYS A 284 24.76 -19.11 30.82
C LYS A 284 23.51 -19.68 31.41
N ASN A 285 22.43 -19.61 30.66
CA ASN A 285 21.23 -20.28 31.11
C ASN A 285 21.36 -21.75 30.85
N ILE A 286 20.94 -22.52 31.82
CA ILE A 286 20.94 -23.94 31.74
C ILE A 286 19.53 -24.37 31.56
N LEU A 287 19.28 -25.07 30.47
CA LEU A 287 17.93 -25.46 30.15
C LEU A 287 17.74 -26.88 30.61
N VAL A 288 16.86 -27.08 31.55
CA VAL A 288 16.67 -28.41 32.08
C VAL A 288 15.36 -28.97 31.64
N GLN A 289 15.42 -30.11 30.97
CA GLN A 289 14.21 -30.76 30.49
C GLN A 289 13.89 -31.95 31.35
N LEU A 290 12.68 -31.98 31.87
CA LEU A 290 12.31 -33.05 32.75
C LEU A 290 11.76 -34.20 31.93
N ASN A 291 11.87 -35.45 32.42
CA ASN A 291 11.23 -36.64 31.82
C ASN A 291 9.85 -36.96 32.45
N GLU A 292 9.41 -36.16 33.45
CA GLU A 292 8.16 -36.23 34.18
C GLU A 292 7.69 -34.81 34.36
N SER A 293 6.40 -34.58 34.22
CA SER A 293 5.86 -33.26 34.43
C SER A 293 5.49 -33.02 35.87
N VAL A 294 5.43 -31.76 36.25
CA VAL A 294 4.94 -31.40 37.58
C VAL A 294 3.68 -30.60 37.38
N GLN A 295 2.59 -31.04 37.95
CA GLN A 295 1.38 -30.29 37.75
C GLN A 295 1.34 -29.13 38.69
N ILE A 296 1.02 -27.97 38.15
CA ILE A 296 0.85 -26.78 38.94
C ILE A 296 -0.54 -26.16 38.69
N ASN A 297 -1.28 -25.86 39.77
CA ASN A 297 -2.61 -25.24 39.75
C ASN A 297 -2.44 -23.80 40.17
N CYS A 298 -3.07 -22.81 39.46
CA CYS A 298 -2.88 -21.41 39.85
C CYS A 298 -4.16 -20.62 39.59
N THR A 299 -4.47 -19.76 40.56
CA THR A 299 -5.67 -18.97 40.54
C THR A 299 -5.54 -17.50 40.93
N ARG A 300 -6.58 -16.79 40.55
CA ARG A 300 -6.87 -15.42 40.92
C ARG A 300 -8.27 -15.45 41.54
N PRO A 301 -8.37 -15.60 42.87
CA PRO A 301 -9.58 -15.88 43.62
C PRO A 301 -10.67 -14.81 43.68
N ASN A 302 -10.34 -13.55 43.43
CA ASN A 302 -11.37 -12.53 43.55
C ASN A 302 -12.28 -12.43 42.34
N ASN A 303 -13.61 -12.25 42.57
CA ASN A 303 -14.64 -12.17 41.54
C ASN A 303 -14.78 -10.72 41.04
N ASN A 304 -14.13 -10.43 39.90
CA ASN A 304 -14.04 -9.10 39.30
C ASN A 304 -15.24 -8.70 38.48
N THR A 305 -15.72 -7.47 38.70
CA THR A 305 -16.81 -6.94 37.90
C THR A 305 -16.22 -6.09 36.80
N VAL A 306 -16.57 -6.38 35.56
CA VAL A 306 -16.03 -5.61 34.46
C VAL A 306 -17.03 -4.66 33.88
N LYS A 307 -16.61 -3.42 33.75
CA LYS A 307 -17.45 -2.35 33.24
C LYS A 307 -16.78 -1.72 32.03
N SER A 308 -17.54 -1.03 31.19
CA SER A 308 -16.87 -0.38 30.08
C SER A 308 -17.50 0.95 29.78
N ILE A 309 -16.65 1.87 29.35
CA ILE A 309 -17.09 3.20 28.96
C ILE A 309 -16.58 3.61 27.61
N ARG A 310 -17.47 4.14 26.79
CA ARG A 310 -17.05 4.62 25.50
C ARG A 310 -16.31 5.93 25.68
N ILE A 311 -15.16 6.03 25.05
CA ILE A 311 -14.36 7.24 25.06
C ILE A 311 -14.53 8.00 23.77
N GLY A 312 -14.39 7.29 22.67
CA GLY A 312 -14.43 7.93 21.36
C GLY A 312 -15.56 7.36 20.55
N PRO A 313 -15.61 7.63 19.24
CA PRO A 313 -16.62 7.18 18.33
C PRO A 313 -16.90 5.69 18.36
N GLY A 314 -15.90 4.87 18.66
CA GLY A 314 -16.15 3.46 18.71
C GLY A 314 -15.17 2.86 19.67
N GLN A 315 -14.34 3.72 20.21
CA GLN A 315 -13.34 3.29 21.15
C GLN A 315 -13.89 3.15 22.54
N TRP A 316 -13.71 1.97 23.12
CA TRP A 316 -14.15 1.67 24.48
C TRP A 316 -13.01 1.30 25.35
N PHE A 317 -13.10 1.69 26.60
CA PHE A 317 -12.13 1.32 27.61
C PHE A 317 -12.73 0.46 28.69
N TYR A 318 -12.01 -0.59 29.04
CA TYR A 318 -12.48 -1.50 30.07
C TYR A 318 -11.94 -1.24 31.46
N TYR A 319 -12.89 -1.20 32.38
CA TYR A 319 -12.78 -0.93 33.79
C TYR A 319 -12.76 -2.15 34.62
N THR A 320 -12.02 -2.05 35.70
CA THR A 320 -11.89 -3.08 36.69
C THR A 320 -13.08 -3.18 37.61
N GLY A 321 -13.98 -2.18 37.55
CA GLY A 321 -15.19 -2.21 38.35
C GLY A 321 -14.87 -2.27 39.82
N ASP A 322 -15.38 -3.31 40.45
CA ASP A 322 -15.20 -3.56 41.86
C ASP A 322 -15.06 -5.06 42.10
N ILE A 323 -14.86 -5.45 43.35
CA ILE A 323 -14.64 -6.85 43.66
C ILE A 323 -15.61 -7.47 44.62
N ILE A 324 -16.06 -8.64 44.22
CA ILE A 324 -16.94 -9.46 44.99
C ILE A 324 -16.13 -10.52 45.72
N GLY A 325 -16.29 -10.54 47.04
CA GLY A 325 -15.57 -11.47 47.89
C GLY A 325 -14.43 -10.78 48.61
N ASP A 326 -13.96 -11.40 49.69
CA ASP A 326 -12.87 -10.85 50.48
C ASP A 326 -11.64 -10.80 49.60
N ILE A 327 -10.80 -9.80 49.79
CA ILE A 327 -9.64 -9.61 48.94
C ILE A 327 -8.45 -10.44 49.36
N ARG A 328 -7.98 -11.21 48.38
CA ARG A 328 -6.89 -12.13 48.54
C ARG A 328 -5.89 -12.00 47.40
N GLN A 329 -4.66 -12.39 47.64
CA GLN A 329 -3.67 -12.33 46.58
C GLN A 329 -3.84 -13.54 45.69
N ALA A 330 -3.04 -13.63 44.63
CA ALA A 330 -3.16 -14.76 43.72
C ALA A 330 -2.23 -15.84 44.22
N HIS A 331 -2.53 -17.09 43.88
CA HIS A 331 -1.65 -18.17 44.34
C HIS A 331 -1.47 -19.29 43.33
N CYS A 332 -0.28 -19.94 43.34
CA CYS A 332 0.02 -21.15 42.59
C CYS A 332 0.40 -22.27 43.58
N ASN A 333 -0.01 -23.51 43.27
CA ASN A 333 0.19 -24.67 44.14
C ASN A 333 0.93 -25.82 43.44
N VAL A 334 2.09 -26.22 44.02
CA VAL A 334 2.98 -27.33 43.56
C VAL A 334 3.09 -28.44 44.60
N SER A 335 2.87 -29.70 44.28
CA SER A 335 3.01 -30.71 45.34
C SER A 335 4.39 -30.70 45.96
N LYS A 336 4.50 -30.69 47.30
CA LYS A 336 5.84 -30.64 47.89
C LYS A 336 6.64 -31.86 47.59
N ALA A 337 6.02 -33.02 47.70
CA ALA A 337 6.75 -34.23 47.44
C ALA A 337 7.16 -34.31 46.00
N THR A 338 6.29 -33.90 45.08
CA THR A 338 6.63 -34.02 43.69
C THR A 338 7.79 -33.11 43.41
N TRP A 339 7.71 -31.90 43.95
CA TRP A 339 8.75 -30.94 43.72
C TRP A 339 10.10 -31.45 44.21
N ASN A 340 10.15 -32.04 45.44
CA ASN A 340 11.37 -32.57 46.04
C ASN A 340 11.98 -33.69 45.20
N GLU A 341 11.13 -34.59 44.62
CA GLU A 341 11.58 -35.68 43.75
C GLU A 341 12.12 -35.12 42.47
N THR A 342 11.44 -34.11 41.95
CA THR A 342 11.84 -33.50 40.71
C THR A 342 13.18 -32.86 40.87
N LEU A 343 13.38 -32.12 41.94
CA LEU A 343 14.64 -31.48 42.10
C LEU A 343 15.72 -32.49 42.36
N GLY A 344 15.46 -33.53 43.14
CA GLY A 344 16.49 -34.51 43.38
C GLY A 344 16.96 -35.15 42.07
N LYS A 345 16.02 -35.39 41.15
CA LYS A 345 16.34 -35.98 39.85
C LYS A 345 17.25 -35.05 39.05
N VAL A 346 16.96 -33.76 39.13
CA VAL A 346 17.79 -32.77 38.45
C VAL A 346 19.16 -32.77 39.06
N VAL A 347 19.23 -32.81 40.38
CA VAL A 347 20.50 -32.76 41.08
C VAL A 347 21.35 -33.94 40.74
N LYS A 348 20.80 -35.13 40.66
CA LYS A 348 21.64 -36.25 40.30
C LYS A 348 22.30 -36.01 38.95
N GLN A 349 21.54 -35.51 37.98
CA GLN A 349 22.11 -35.28 36.67
C GLN A 349 23.07 -34.10 36.69
N LEU A 350 22.77 -33.13 37.52
CA LEU A 350 23.56 -31.92 37.61
C LEU A 350 24.91 -32.27 38.21
N ARG A 351 24.92 -33.14 39.19
CA ARG A 351 26.17 -33.56 39.79
C ARG A 351 26.96 -34.44 38.84
N LYS A 352 26.30 -35.15 37.92
CA LYS A 352 27.12 -35.86 36.97
C LYS A 352 28.05 -34.86 36.26
N HIS A 353 27.53 -33.66 35.99
CA HIS A 353 28.36 -32.63 35.38
C HIS A 353 29.29 -31.93 36.39
N PHE A 354 28.83 -31.73 37.62
CA PHE A 354 29.62 -30.97 38.60
C PHE A 354 30.29 -31.74 39.75
N GLY A 355 30.25 -33.05 39.73
CA GLY A 355 30.87 -33.93 40.72
C GLY A 355 29.83 -34.58 41.64
N ASN A 356 29.95 -35.91 41.90
CA ASN A 356 28.97 -36.65 42.73
C ASN A 356 29.28 -36.60 44.23
N ASN A 357 30.26 -35.77 44.64
CA ASN A 357 30.65 -35.47 45.99
C ASN A 357 30.39 -34.00 46.24
N THR A 358 29.67 -33.38 45.30
CA THR A 358 29.34 -31.97 45.35
C THR A 358 28.03 -31.74 46.05
N ILE A 359 27.99 -30.66 46.79
CA ILE A 359 26.79 -30.23 47.48
C ILE A 359 26.14 -29.12 46.71
N ILE A 360 24.86 -29.26 46.41
CA ILE A 360 24.26 -28.18 45.62
C ILE A 360 23.13 -27.45 46.29
N ARG A 361 23.31 -26.14 46.38
CA ARG A 361 22.36 -25.24 46.96
C ARG A 361 21.46 -24.64 45.90
N PHE A 362 20.15 -24.68 46.14
CA PHE A 362 19.24 -24.02 45.22
C PHE A 362 18.59 -22.88 45.91
N ALA A 363 19.14 -21.73 45.66
CA ALA A 363 18.75 -20.47 46.25
C ALA A 363 17.67 -19.85 45.39
N ASN A 364 17.02 -18.79 45.89
CA ASN A 364 15.94 -18.11 45.12
C ASN A 364 16.56 -17.12 44.11
N SER A 365 15.72 -16.33 43.43
CA SER A 365 16.19 -15.47 42.34
C SER A 365 17.00 -14.28 42.88
N SER A 366 17.76 -13.66 42.01
CA SER A 366 18.56 -12.50 42.36
C SER A 366 17.71 -11.25 42.34
N GLY A 367 18.23 -10.16 42.89
CA GLY A 367 17.47 -8.91 42.86
C GLY A 367 17.35 -8.37 41.45
N GLY A 368 16.25 -7.67 41.17
CA GLY A 368 16.02 -7.09 39.85
C GLY A 368 14.55 -6.68 39.70
N ASP A 369 14.18 -6.32 38.48
CA ASP A 369 12.84 -5.89 38.15
C ASP A 369 11.86 -7.03 38.28
N LEU A 370 10.59 -6.73 38.51
CA LEU A 370 9.57 -7.77 38.65
C LEU A 370 9.60 -8.78 37.51
N GLU A 371 9.79 -8.28 36.30
CA GLU A 371 9.80 -9.06 35.08
C GLU A 371 10.98 -10.02 35.00
N VAL A 372 11.97 -9.77 35.83
CA VAL A 372 13.19 -10.51 35.93
C VAL A 372 13.19 -11.48 37.09
N THR A 373 12.72 -11.03 38.25
CA THR A 373 12.81 -11.84 39.45
C THR A 373 11.68 -12.82 39.69
N THR A 374 10.54 -12.64 39.04
CA THR A 374 9.41 -13.52 39.24
C THR A 374 9.14 -14.42 38.07
N HIS A 375 8.25 -15.37 38.30
CA HIS A 375 7.78 -16.24 37.25
C HIS A 375 6.56 -15.62 36.66
N SER A 376 6.75 -15.19 35.44
CA SER A 376 5.74 -14.50 34.71
C SER A 376 5.11 -15.37 33.68
N PHE A 377 3.79 -15.34 33.65
CA PHE A 377 3.02 -16.12 32.68
C PHE A 377 1.60 -15.60 32.45
N ASN A 378 1.04 -16.01 31.34
CA ASN A 378 -0.35 -15.72 30.98
C ASN A 378 -1.29 -16.88 31.35
N CYS A 379 -2.20 -16.65 32.32
CA CYS A 379 -3.17 -17.62 32.85
C CYS A 379 -4.58 -17.12 32.59
N GLY A 380 -5.19 -17.64 31.56
CA GLY A 380 -6.54 -17.25 31.21
C GLY A 380 -6.64 -15.84 30.67
N GLY A 381 -5.56 -15.30 30.13
CA GLY A 381 -5.56 -13.93 29.64
C GLY A 381 -5.00 -12.97 30.68
N GLU A 382 -4.84 -13.41 31.92
CA GLU A 382 -4.31 -12.53 32.94
C GLU A 382 -2.81 -12.66 33.05
N PHE A 383 -2.15 -11.59 33.49
CA PHE A 383 -0.70 -11.62 33.67
C PHE A 383 -0.25 -11.68 35.11
N PHE A 384 0.33 -12.83 35.42
CA PHE A 384 0.82 -13.21 36.72
C PHE A 384 2.29 -13.04 36.85
N TYR A 385 2.71 -12.58 38.02
CA TYR A 385 4.09 -12.41 38.44
C TYR A 385 4.29 -13.06 39.82
N CYS A 386 4.64 -14.37 39.84
CA CYS A 386 4.69 -15.23 41.01
C CYS A 386 6.05 -15.32 41.67
N ASN A 387 6.02 -15.38 42.99
CA ASN A 387 7.20 -15.52 43.82
C ASN A 387 7.59 -17.00 43.93
N THR A 388 8.76 -17.36 43.35
CA THR A 388 9.27 -18.72 43.29
C THR A 388 10.26 -19.02 44.38
N SER A 389 10.46 -18.10 45.32
CA SER A 389 11.46 -18.39 46.36
C SER A 389 11.08 -19.61 47.17
N GLY A 390 9.80 -19.93 47.26
CA GLY A 390 9.33 -21.08 48.02
C GLY A 390 9.74 -22.40 47.39
N LEU A 391 10.17 -22.36 46.14
CA LEU A 391 10.58 -23.55 45.45
C LEU A 391 12.08 -23.79 45.58
N PHE A 392 12.81 -22.79 46.08
CA PHE A 392 14.26 -22.90 46.11
C PHE A 392 14.86 -22.54 47.47
N ASN A 393 14.72 -23.47 48.45
CA ASN A 393 15.18 -23.31 49.85
C ASN A 393 15.99 -24.53 50.37
N SER A 394 16.37 -25.50 49.50
CA SER A 394 17.09 -26.73 49.90
C SER A 394 18.51 -26.84 49.38
N THR A 395 19.28 -27.67 50.09
CA THR A 395 20.63 -28.00 49.73
C THR A 395 20.71 -29.50 49.64
N TRP A 396 21.26 -29.98 48.56
CA TRP A 396 21.33 -31.39 48.31
C TRP A 396 22.71 -31.97 48.59
N ILE A 397 22.73 -33.01 49.39
CA ILE A 397 23.95 -33.67 49.83
C ILE A 397 23.88 -35.17 49.56
N SER A 398 25.04 -35.86 49.60
CA SER A 398 25.18 -37.32 49.45
C SER A 398 24.46 -38.05 50.60
N ASN A 411 -0.55 -35.15 50.47
CA ASN A 411 0.57 -34.27 50.84
C ASN A 411 0.23 -32.81 50.58
N ASP A 412 0.90 -31.95 51.33
CA ASP A 412 0.76 -30.52 51.16
C ASP A 412 1.42 -30.02 49.90
N SER A 413 0.89 -28.91 49.42
CA SER A 413 1.46 -28.20 48.30
C SER A 413 2.29 -27.04 48.79
N ILE A 414 3.07 -26.50 47.90
CA ILE A 414 3.87 -25.34 48.13
C ILE A 414 3.02 -24.23 47.59
N THR A 415 2.68 -23.28 48.43
CA THR A 415 1.85 -22.20 47.94
C THR A 415 2.73 -21.01 47.66
N LEU A 416 2.68 -20.55 46.43
CA LEU A 416 3.46 -19.43 45.99
C LEU A 416 2.55 -18.22 45.84
N PRO A 417 2.79 -17.11 46.53
CA PRO A 417 1.97 -15.93 46.45
C PRO A 417 2.29 -15.35 45.08
N CYS A 418 1.27 -14.73 44.43
CA CYS A 418 1.39 -14.10 43.13
C CYS A 418 0.74 -12.71 43.06
N ARG A 419 1.31 -11.89 42.19
CA ARG A 419 0.76 -10.58 41.89
C ARG A 419 0.31 -10.43 40.45
N ILE A 420 -0.61 -9.50 40.25
CA ILE A 420 -1.22 -9.23 38.96
C ILE A 420 -0.90 -7.83 38.47
N LYS A 421 -0.53 -7.71 37.19
CA LYS A 421 -0.21 -6.40 36.63
C LYS A 421 -0.91 -6.22 35.28
N GLN A 422 -1.58 -5.08 35.03
CA GLN A 422 -2.26 -4.85 33.75
C GLN A 422 -1.44 -4.13 32.69
N ILE A 423 -0.32 -3.52 33.03
CA ILE A 423 0.49 -2.89 32.00
C ILE A 423 1.71 -3.73 31.71
N ILE A 424 1.79 -4.25 30.49
CA ILE A 424 2.87 -5.14 30.17
C ILE A 424 3.81 -4.66 29.06
N ASN A 425 5.09 -4.55 29.41
CA ASN A 425 6.10 -4.15 28.43
C ASN A 425 6.63 -5.41 27.80
N MET A 426 5.79 -6.00 26.99
CA MET A 426 6.06 -7.33 26.52
C MET A 426 7.29 -7.33 25.63
N TRP A 427 8.03 -8.42 25.72
CA TRP A 427 9.25 -8.71 24.99
C TRP A 427 10.36 -7.81 25.41
N GLN A 428 10.14 -7.10 26.52
CA GLN A 428 11.11 -6.21 27.08
C GLN A 428 11.49 -5.19 26.06
N ARG A 429 10.55 -4.77 25.21
CA ARG A 429 10.89 -3.79 24.22
C ARG A 429 10.28 -2.49 24.65
N ILE A 430 11.12 -1.66 25.22
CA ILE A 430 10.66 -0.43 25.78
C ILE A 430 10.37 0.53 24.68
N GLY A 431 9.22 1.17 24.80
CA GLY A 431 8.74 2.10 23.81
C GLY A 431 7.30 1.77 23.52
N GLN A 432 6.88 0.57 23.88
CA GLN A 432 5.49 0.20 23.70
C GLN A 432 4.99 -0.44 24.96
N ALA A 433 3.70 -0.35 25.16
CA ALA A 433 3.08 -1.04 26.26
C ALA A 433 1.71 -1.51 25.85
N MET A 434 1.31 -2.63 26.42
CA MET A 434 -0.01 -3.16 26.20
C MET A 434 -0.80 -3.16 27.48
N TYR A 435 -2.07 -2.81 27.36
CA TYR A 435 -2.98 -2.86 28.48
C TYR A 435 -3.89 -4.04 28.40
N ALA A 436 -3.89 -4.81 29.46
CA ALA A 436 -4.69 -5.99 29.54
C ALA A 436 -6.02 -5.66 30.19
N PRO A 437 -7.16 -5.80 29.49
CA PRO A 437 -8.45 -5.52 30.03
C PRO A 437 -8.65 -6.48 31.18
N PRO A 438 -9.44 -6.12 32.18
CA PRO A 438 -9.80 -6.95 33.31
C PRO A 438 -10.70 -8.06 32.87
N ILE A 439 -10.62 -9.17 33.57
CA ILE A 439 -11.43 -10.31 33.27
C ILE A 439 -12.49 -10.60 34.31
N GLN A 440 -13.73 -10.62 33.84
CA GLN A 440 -14.93 -10.84 34.64
C GLN A 440 -14.89 -12.18 35.33
N GLY A 441 -15.18 -12.19 36.62
CA GLY A 441 -15.19 -13.45 37.36
C GLY A 441 -13.84 -13.74 37.96
N VAL A 442 -13.51 -15.02 38.03
CA VAL A 442 -12.31 -15.48 38.69
C VAL A 442 -11.51 -16.27 37.71
N ILE A 443 -10.22 -16.43 37.97
CA ILE A 443 -9.40 -17.21 37.07
C ILE A 443 -8.76 -18.41 37.67
N ARG A 444 -8.89 -19.50 36.96
CA ARG A 444 -8.24 -20.72 37.33
C ARG A 444 -7.66 -21.35 36.09
N CYS A 445 -6.44 -21.90 36.18
CA CYS A 445 -5.79 -22.65 35.13
C CYS A 445 -4.93 -23.73 35.76
N VAL A 446 -4.65 -24.73 34.95
CA VAL A 446 -3.78 -25.82 35.32
C VAL A 446 -2.78 -25.97 34.22
N SER A 447 -1.54 -26.10 34.58
CA SER A 447 -0.50 -26.25 33.58
C SER A 447 0.58 -27.23 34.05
N ASN A 448 1.43 -27.68 33.11
CA ASN A 448 2.53 -28.61 33.40
C ASN A 448 3.88 -27.90 33.34
N ILE A 449 4.72 -28.17 34.36
CA ILE A 449 6.10 -27.70 34.41
C ILE A 449 6.87 -28.81 33.74
N THR A 450 7.48 -28.50 32.63
CA THR A 450 8.15 -29.51 31.84
C THR A 450 9.65 -29.28 31.80
N GLY A 451 10.06 -28.22 32.45
CA GLY A 451 11.46 -27.83 32.48
C GLY A 451 11.66 -26.55 33.26
N LEU A 452 12.91 -26.14 33.35
CA LEU A 452 13.26 -24.94 34.07
C LEU A 452 14.55 -24.30 33.63
N ILE A 453 14.75 -23.03 33.98
CA ILE A 453 16.02 -22.39 33.68
C ILE A 453 16.82 -21.96 34.90
N LEU A 454 18.06 -22.43 34.95
CA LEU A 454 19.02 -22.12 36.02
C LEU A 454 20.27 -21.43 35.54
N THR A 455 20.92 -20.70 36.42
CA THR A 455 22.25 -20.18 36.08
C THR A 455 23.19 -20.58 37.18
N ARG A 456 24.49 -20.52 36.96
CA ARG A 456 25.37 -20.81 38.09
C ARG A 456 25.62 -19.47 38.75
N ASP A 457 25.78 -19.46 40.05
CA ASP A 457 26.00 -18.16 40.65
C ASP A 457 27.43 -17.71 40.42
N GLY A 458 28.34 -18.66 40.38
CA GLY A 458 29.75 -18.36 40.21
C GLY A 458 30.30 -17.82 41.51
N GLY A 459 31.53 -17.29 41.48
CA GLY A 459 32.13 -16.77 42.69
C GLY A 459 32.56 -17.88 43.65
N SER A 460 32.88 -19.05 43.11
CA SER A 460 33.23 -20.16 43.97
C SER A 460 34.58 -19.97 44.63
N THR A 461 34.76 -20.72 45.71
CA THR A 461 35.95 -20.76 46.53
C THR A 461 36.55 -22.15 46.56
N ASN A 462 36.17 -22.95 45.57
CA ASN A 462 36.57 -24.34 45.44
C ASN A 462 36.12 -25.16 46.67
N SER A 463 34.91 -24.86 47.14
CA SER A 463 34.26 -25.50 48.27
C SER A 463 33.45 -26.71 47.85
N THR A 464 33.44 -26.99 46.54
CA THR A 464 32.70 -28.07 45.93
C THR A 464 31.25 -28.03 46.39
N THR A 465 30.74 -26.80 46.47
CA THR A 465 29.40 -26.51 46.88
C THR A 465 28.82 -25.49 45.94
N GLU A 466 28.28 -25.94 44.82
CA GLU A 466 27.78 -25.04 43.81
C GLU A 466 26.43 -24.50 44.21
N THR A 467 26.11 -23.30 43.74
CA THR A 467 24.79 -22.73 43.98
C THR A 467 24.19 -22.33 42.64
N PHE A 468 22.92 -22.68 42.47
CA PHE A 468 22.19 -22.37 41.25
C PHE A 468 20.92 -21.58 41.44
N ARG A 469 21.00 -20.27 41.32
CA ARG A 469 19.79 -19.50 41.43
C ARG A 469 19.02 -19.68 40.11
N PRO A 470 17.70 -19.53 40.10
CA PRO A 470 16.85 -19.48 38.92
C PRO A 470 17.31 -18.39 38.01
N GLY A 471 17.20 -18.65 36.72
CA GLY A 471 17.63 -17.72 35.70
C GLY A 471 16.50 -16.88 35.14
N GLY A 472 16.69 -16.42 33.91
CA GLY A 472 15.75 -15.56 33.23
C GLY A 472 16.45 -15.02 31.99
N GLY A 473 15.74 -14.26 31.18
CA GLY A 473 16.33 -13.74 29.96
C GLY A 473 15.23 -13.46 28.97
N ASP A 474 15.59 -13.39 27.69
CA ASP A 474 14.59 -13.13 26.70
C ASP A 474 13.93 -14.45 26.41
N MET A 475 13.03 -14.49 25.47
CA MET A 475 12.28 -15.71 25.28
C MET A 475 12.88 -16.64 24.26
N ARG A 476 14.06 -16.33 23.74
CA ARG A 476 14.62 -17.16 22.70
C ARG A 476 14.88 -18.55 23.22
N ASP A 477 15.28 -18.61 24.47
CA ASP A 477 15.62 -19.86 25.08
C ASP A 477 14.43 -20.78 25.18
N ASN A 478 13.23 -20.24 25.19
CA ASN A 478 12.09 -21.09 25.35
C ASN A 478 11.85 -21.89 24.10
N TRP A 479 12.14 -21.33 22.94
CA TRP A 479 11.81 -22.10 21.77
C TRP A 479 12.99 -22.93 21.42
N ARG A 480 14.16 -22.48 21.86
CA ARG A 480 15.34 -23.25 21.60
C ARG A 480 15.21 -24.56 22.29
N SER A 481 14.67 -24.53 23.50
CA SER A 481 14.51 -25.76 24.21
C SER A 481 13.55 -26.66 23.47
N GLU A 482 12.41 -26.15 23.03
CA GLU A 482 11.47 -27.07 22.40
C GLU A 482 11.92 -27.63 21.06
N LEU A 483 12.69 -26.86 20.29
CA LEU A 483 13.12 -27.29 18.97
C LEU A 483 14.60 -27.61 18.87
N TYR A 484 15.19 -28.06 19.96
CA TYR A 484 16.60 -28.41 20.00
C TYR A 484 17.00 -29.54 19.03
N LYS A 485 16.04 -30.36 18.62
CA LYS A 485 16.28 -31.50 17.72
C LYS A 485 16.15 -31.21 16.23
N TYR A 486 15.86 -29.98 15.83
CA TYR A 486 15.65 -29.77 14.40
C TYR A 486 16.71 -28.91 13.73
N LYS A 487 16.97 -29.22 12.45
CA LYS A 487 17.92 -28.53 11.60
C LYS A 487 17.37 -28.28 10.18
N VAL A 488 17.78 -27.20 9.52
CA VAL A 488 17.35 -26.99 8.13
C VAL A 488 18.48 -27.04 7.13
N VAL A 489 18.25 -27.79 6.05
CA VAL A 489 19.24 -27.92 5.00
C VAL A 489 18.68 -27.61 3.62
N LYS A 490 19.58 -27.27 2.71
CA LYS A 490 19.30 -26.98 1.30
C LYS A 490 19.65 -28.16 0.45
N ILE A 491 18.83 -28.42 -0.54
CA ILE A 491 19.07 -29.52 -1.44
C ILE A 491 19.95 -29.09 -2.61
N GLU A 492 20.98 -29.89 -2.91
CA GLU A 492 21.95 -29.63 -3.98
C GLU A 492 22.00 -30.75 -5.03
N PRO A 493 21.14 -30.73 -6.06
CA PRO A 493 20.93 -31.74 -7.09
C PRO A 493 22.08 -32.10 -8.02
N LEU A 494 23.10 -31.26 -8.16
CA LEU A 494 24.18 -31.63 -9.07
C LEU A 494 25.46 -32.14 -8.46
N GLY A 495 26.12 -33.02 -9.22
CA GLY A 495 27.46 -33.48 -8.86
C GLY A 495 28.07 -34.34 -9.95
N VAL A 496 29.33 -34.70 -9.79
CA VAL A 496 30.06 -35.49 -10.78
C VAL A 496 30.76 -36.68 -10.18
N ALA A 497 31.26 -37.58 -11.02
CA ALA A 497 32.00 -38.71 -10.50
C ALA A 497 33.10 -39.17 -11.49
N PRO A 498 34.16 -39.85 -10.99
CA PRO A 498 35.30 -40.39 -11.73
C PRO A 498 35.00 -41.66 -12.48
N THR A 499 34.19 -41.52 -13.50
CA THR A 499 33.80 -42.67 -14.32
C THR A 499 34.85 -43.04 -15.34
N ARG A 500 34.64 -44.17 -15.99
CA ARG A 500 35.50 -44.56 -17.12
C ARG A 500 34.89 -44.27 -18.52
N CYS A 501 33.66 -43.71 -18.56
CA CYS A 501 32.88 -43.40 -19.74
C CYS A 501 33.19 -41.99 -20.23
N LYS A 502 33.50 -41.91 -21.50
CA LYS A 502 33.74 -40.64 -22.13
C LYS A 502 32.54 -40.39 -22.96
N ARG A 503 32.24 -39.15 -23.24
CA ARG A 503 31.14 -38.91 -24.12
C ARG A 503 31.44 -39.55 -25.46
N ARG A 504 30.46 -40.22 -26.01
CA ARG A 504 30.63 -40.84 -27.30
C ARG A 504 30.15 -39.84 -28.33
N VAL A 505 31.08 -39.39 -29.16
CA VAL A 505 30.87 -38.36 -30.14
C VAL A 505 31.35 -38.88 -31.50
N VAL A 506 30.95 -38.20 -32.60
CA VAL A 506 31.36 -38.50 -33.99
C VAL A 506 32.89 -38.43 -34.09
N LEU B 520 11.70 -45.87 -2.12
CA LEU B 520 11.59 -44.99 -0.93
C LEU B 520 11.15 -43.59 -1.38
N GLY B 521 11.06 -42.64 -0.45
CA GLY B 521 10.65 -41.27 -0.77
C GLY B 521 11.84 -40.35 -0.95
N PHE B 522 11.60 -39.03 -0.95
CA PHE B 522 12.70 -38.05 -1.15
C PHE B 522 13.78 -38.23 -0.07
N LEU B 523 15.04 -38.34 -0.48
CA LEU B 523 16.19 -38.40 0.42
C LEU B 523 16.34 -39.73 1.13
N GLY B 524 15.61 -40.76 0.71
CA GLY B 524 15.74 -42.07 1.34
C GLY B 524 17.02 -42.71 0.86
N ALA B 525 17.59 -42.08 -0.15
CA ALA B 525 18.81 -42.45 -0.81
C ALA B 525 20.01 -41.89 -0.08
N ALA B 526 19.80 -41.22 1.04
CA ALA B 526 20.89 -40.61 1.77
C ALA B 526 21.99 -41.62 2.13
N GLY B 527 21.64 -42.85 2.45
CA GLY B 527 22.65 -43.84 2.81
C GLY B 527 23.13 -44.66 1.61
N SER B 528 22.61 -44.34 0.43
CA SER B 528 22.93 -45.07 -0.78
C SER B 528 24.33 -44.87 -1.29
N THR B 529 24.81 -45.92 -1.92
CA THR B 529 26.08 -45.86 -2.56
C THR B 529 25.90 -45.13 -3.83
N MET B 530 26.99 -44.73 -4.40
CA MET B 530 26.90 -44.01 -5.65
C MET B 530 26.16 -44.79 -6.71
N GLY B 531 26.39 -46.08 -6.76
CA GLY B 531 25.70 -46.93 -7.71
C GLY B 531 24.21 -46.98 -7.41
N ALA B 532 23.86 -47.29 -6.17
CA ALA B 532 22.47 -47.45 -5.77
C ALA B 532 21.66 -46.19 -5.97
N ALA B 533 22.31 -45.06 -5.74
CA ALA B 533 21.74 -43.73 -5.80
C ALA B 533 21.27 -43.36 -7.19
N SER B 534 21.76 -44.04 -8.21
CA SER B 534 21.36 -43.68 -9.56
C SER B 534 19.88 -43.94 -9.78
N MET B 535 19.29 -44.82 -9.00
CA MET B 535 17.90 -45.19 -9.21
C MET B 535 16.96 -44.26 -8.52
N THR B 536 17.49 -43.27 -7.83
CA THR B 536 16.66 -42.34 -7.13
C THR B 536 16.75 -40.95 -7.73
N LEU B 537 17.41 -40.81 -8.88
CA LEU B 537 17.58 -39.46 -9.41
C LEU B 537 16.23 -38.79 -9.70
N THR B 538 15.22 -39.58 -10.05
CA THR B 538 13.90 -39.05 -10.34
C THR B 538 13.13 -38.61 -9.11
N VAL B 539 13.39 -39.19 -7.94
CA VAL B 539 12.62 -38.74 -6.79
C VAL B 539 13.24 -37.45 -6.35
N GLN B 540 14.55 -37.36 -6.46
CA GLN B 540 15.12 -36.14 -6.00
C GLN B 540 14.76 -35.00 -6.94
N ALA B 541 14.73 -35.27 -8.25
CA ALA B 541 14.43 -34.24 -9.23
C ALA B 541 12.98 -33.73 -9.23
N ARG B 542 12.03 -34.63 -9.05
CA ARG B 542 10.63 -34.19 -9.14
C ARG B 542 10.19 -33.32 -8.00
N ASN B 543 10.92 -33.37 -6.91
CA ASN B 543 10.57 -32.65 -5.71
C ASN B 543 11.27 -31.32 -5.59
N LEU B 544 11.91 -30.87 -6.67
CA LEU B 544 12.62 -29.61 -6.58
C LEU B 544 11.81 -28.35 -6.86
N LEU B 545 10.69 -28.51 -7.58
CA LEU B 545 9.98 -27.37 -8.21
C LEU B 545 9.10 -26.65 -7.17
N SER B 546 7.84 -27.06 -7.03
CA SER B 546 6.92 -26.42 -6.07
C SER B 546 6.11 -27.48 -5.32
N GLY B 547 5.63 -27.15 -4.12
CA GLY B 547 4.81 -28.08 -3.33
C GLY B 547 3.33 -27.94 -3.64
N ASP B 568 -1.55 -9.22 5.72
CA ASP B 568 -0.21 -9.16 6.30
C ASP B 568 0.83 -8.99 5.15
N THR B 569 1.30 -7.73 4.98
CA THR B 569 2.25 -7.30 3.94
C THR B 569 3.60 -7.96 4.03
N HIS B 570 4.16 -8.03 5.20
CA HIS B 570 5.49 -8.55 5.33
C HIS B 570 5.50 -10.04 5.14
N TRP B 571 4.48 -10.71 5.66
CA TRP B 571 4.45 -12.15 5.50
C TRP B 571 4.35 -12.51 4.04
N GLY B 572 3.45 -11.82 3.31
CA GLY B 572 3.27 -12.12 1.91
C GLY B 572 4.55 -11.91 1.11
N ILE B 573 5.30 -10.85 1.42
CA ILE B 573 6.53 -10.63 0.70
C ILE B 573 7.54 -11.69 0.98
N LYS B 574 7.72 -12.07 2.23
CA LYS B 574 8.73 -13.07 2.50
C LYS B 574 8.45 -14.38 1.79
N GLN B 575 7.19 -14.79 1.73
CA GLN B 575 6.94 -16.04 1.05
C GLN B 575 7.09 -15.89 -0.44
N LEU B 576 6.77 -14.72 -0.95
CA LEU B 576 6.91 -14.49 -2.36
C LEU B 576 8.39 -14.53 -2.73
N GLN B 577 9.24 -13.96 -1.87
CA GLN B 577 10.66 -13.98 -2.14
C GLN B 577 11.18 -15.39 -2.15
N ALA B 578 10.69 -16.21 -1.23
CA ALA B 578 11.17 -17.57 -1.19
C ALA B 578 10.84 -18.31 -2.46
N ARG B 579 9.65 -18.07 -3.00
CA ARG B 579 9.28 -18.76 -4.21
C ARG B 579 10.15 -18.32 -5.37
N VAL B 580 10.46 -17.03 -5.41
CA VAL B 580 11.29 -16.55 -6.50
C VAL B 580 12.66 -17.16 -6.43
N LEU B 581 13.23 -17.25 -5.25
CA LEU B 581 14.55 -17.83 -5.15
C LEU B 581 14.54 -19.28 -5.55
N ALA B 582 13.51 -20.03 -5.19
CA ALA B 582 13.52 -21.41 -5.59
C ALA B 582 13.59 -21.52 -7.10
N VAL B 583 12.88 -20.63 -7.78
CA VAL B 583 12.91 -20.63 -9.22
C VAL B 583 14.29 -20.28 -9.73
N GLU B 584 14.93 -19.28 -9.15
CA GLU B 584 16.24 -18.92 -9.63
C GLU B 584 17.23 -20.05 -9.48
N HIS B 585 17.18 -20.80 -8.38
CA HIS B 585 18.13 -21.87 -8.22
C HIS B 585 17.88 -22.95 -9.24
N TYR B 586 16.62 -23.25 -9.48
CA TYR B 586 16.28 -24.25 -10.44
C TYR B 586 16.84 -23.88 -11.80
N LEU B 587 16.60 -22.65 -12.23
CA LEU B 587 17.03 -22.26 -13.53
C LEU B 587 18.52 -22.24 -13.65
N ARG B 588 19.24 -21.86 -12.60
CA ARG B 588 20.68 -21.86 -12.73
C ARG B 588 21.17 -23.27 -12.99
N ASP B 589 20.60 -24.26 -12.32
CA ASP B 589 21.06 -25.61 -12.55
C ASP B 589 20.75 -26.05 -13.97
N GLN B 590 19.60 -25.66 -14.47
CA GLN B 590 19.27 -26.07 -15.80
C GLN B 590 20.16 -25.39 -16.80
N GLN B 591 20.51 -24.13 -16.54
CA GLN B 591 21.35 -23.45 -17.47
C GLN B 591 22.69 -24.13 -17.55
N LEU B 592 23.24 -24.55 -16.42
CA LEU B 592 24.54 -25.17 -16.47
C LEU B 592 24.52 -26.48 -17.21
N LEU B 593 23.48 -27.28 -17.04
CA LEU B 593 23.42 -28.53 -17.77
C LEU B 593 23.31 -28.25 -19.23
N GLY B 594 22.60 -27.19 -19.57
CA GLY B 594 22.46 -26.77 -20.95
C GLY B 594 23.82 -26.44 -21.52
N ILE B 595 24.57 -25.61 -20.80
CA ILE B 595 25.87 -25.17 -21.26
C ILE B 595 26.83 -26.31 -21.45
N TRP B 596 26.78 -27.27 -20.56
CA TRP B 596 27.67 -28.41 -20.62
C TRP B 596 27.22 -29.50 -21.60
N GLY B 597 26.05 -29.33 -22.20
CA GLY B 597 25.48 -30.30 -23.14
C GLY B 597 24.84 -31.57 -22.53
N CYS B 598 24.42 -31.54 -21.24
CA CYS B 598 23.85 -32.67 -20.51
C CYS B 598 22.41 -32.38 -20.05
N SER B 599 21.77 -31.42 -20.68
CA SER B 599 20.42 -31.04 -20.28
C SER B 599 19.33 -32.04 -20.61
N GLY B 600 19.63 -33.00 -21.47
CA GLY B 600 18.61 -33.96 -21.82
C GLY B 600 18.61 -35.19 -20.93
N LYS B 601 19.53 -35.29 -19.95
CA LYS B 601 19.58 -36.52 -19.16
C LYS B 601 19.83 -36.34 -17.67
N LEU B 602 19.42 -37.33 -16.89
CA LEU B 602 19.75 -37.30 -15.47
C LEU B 602 21.19 -37.79 -15.29
N ILE B 603 21.65 -38.66 -16.20
CA ILE B 603 23.01 -39.18 -16.16
C ILE B 603 23.67 -38.87 -17.52
N CYS B 604 24.87 -38.23 -17.55
CA CYS B 604 25.58 -37.84 -18.78
C CYS B 604 27.10 -38.09 -18.73
N CYS B 605 27.62 -38.68 -19.80
CA CYS B 605 29.05 -38.88 -19.96
C CYS B 605 29.53 -37.63 -20.65
N THR B 606 30.57 -37.02 -20.10
CA THR B 606 31.07 -35.78 -20.66
C THR B 606 32.35 -36.06 -21.41
N ASN B 607 32.85 -35.05 -22.08
CA ASN B 607 34.09 -35.14 -22.83
C ASN B 607 35.27 -34.51 -22.10
N VAL B 608 35.20 -34.53 -20.77
CA VAL B 608 36.25 -34.07 -19.90
C VAL B 608 36.86 -35.26 -19.14
N PRO B 609 38.20 -35.44 -19.17
CA PRO B 609 38.95 -36.48 -18.49
C PRO B 609 38.97 -36.21 -16.99
N TRP B 610 39.17 -37.24 -16.20
CA TRP B 610 39.30 -37.07 -14.76
C TRP B 610 40.77 -36.78 -14.40
N ASN B 611 41.01 -35.84 -13.44
CA ASN B 611 42.34 -35.43 -12.97
C ASN B 611 42.70 -36.07 -11.61
N SER B 612 44.00 -36.46 -11.47
CA SER B 612 44.63 -36.99 -10.25
C SER B 612 44.78 -35.91 -9.17
N SER B 613 44.65 -34.65 -9.59
CA SER B 613 44.72 -33.54 -8.66
C SER B 613 43.40 -33.39 -7.92
N TRP B 614 42.34 -34.08 -8.40
CA TRP B 614 41.02 -33.98 -7.80
C TRP B 614 40.86 -35.15 -6.87
N SER B 615 41.14 -36.35 -7.37
CA SER B 615 41.05 -37.53 -6.53
C SER B 615 41.84 -38.68 -7.11
N ASN B 616 42.26 -39.59 -6.23
CA ASN B 616 42.98 -40.79 -6.63
C ASN B 616 42.42 -42.02 -5.98
N ARG B 617 41.30 -42.46 -6.51
CA ARG B 617 40.55 -43.59 -6.00
C ARG B 617 40.21 -44.49 -7.20
N ASN B 618 39.89 -45.77 -6.95
CA ASN B 618 39.59 -46.74 -8.03
C ASN B 618 38.09 -46.75 -8.36
N LEU B 619 37.72 -47.25 -9.55
CA LEU B 619 36.28 -47.34 -9.94
C LEU B 619 35.53 -48.22 -8.95
N SER B 620 36.22 -49.25 -8.47
CA SER B 620 35.70 -50.18 -7.49
C SER B 620 35.67 -49.59 -6.09
N GLU B 621 36.42 -48.52 -5.87
CA GLU B 621 36.48 -47.86 -4.58
C GLU B 621 35.29 -46.95 -4.48
N ILE B 622 34.99 -46.33 -5.60
CA ILE B 622 33.94 -45.37 -5.74
C ILE B 622 32.58 -46.02 -5.91
N TRP B 623 32.43 -46.98 -6.81
CA TRP B 623 31.11 -47.53 -6.93
C TRP B 623 30.89 -48.75 -6.08
N ASP B 624 29.88 -48.58 -5.26
CA ASP B 624 29.34 -49.49 -4.27
C ASP B 624 30.22 -49.72 -3.05
N ASN B 625 31.33 -49.00 -2.97
CA ASN B 625 32.17 -49.00 -1.79
C ASN B 625 32.30 -47.58 -1.24
N MET B 626 31.43 -46.70 -1.75
CA MET B 626 31.38 -45.31 -1.36
C MET B 626 29.93 -44.85 -1.26
N THR B 627 29.66 -44.12 -0.19
CA THR B 627 28.37 -43.49 0.02
C THR B 627 28.49 -42.13 -0.62
N TRP B 628 27.52 -41.77 -1.44
CA TRP B 628 27.58 -40.54 -2.21
C TRP B 628 27.73 -39.26 -1.37
N LEU B 629 27.15 -39.22 -0.19
CA LEU B 629 27.25 -38.02 0.62
C LEU B 629 28.69 -37.72 0.98
N GLN B 630 29.48 -38.77 1.19
CA GLN B 630 30.86 -38.60 1.56
C GLN B 630 31.65 -38.34 0.32
N TRP B 631 31.22 -38.93 -0.79
CA TRP B 631 31.96 -38.67 -2.00
C TRP B 631 31.89 -37.18 -2.23
N ASP B 632 30.72 -36.61 -2.03
CA ASP B 632 30.56 -35.20 -2.23
C ASP B 632 31.45 -34.36 -1.33
N LYS B 633 31.56 -34.67 -0.04
CA LYS B 633 32.44 -33.79 0.73
C LYS B 633 33.88 -33.87 0.23
N GLU B 634 34.26 -35.01 -0.34
CA GLU B 634 35.61 -35.25 -0.81
C GLU B 634 35.98 -34.47 -2.07
N ILE B 635 35.00 -33.86 -2.74
CA ILE B 635 35.30 -33.13 -3.97
C ILE B 635 35.22 -31.63 -3.74
N SER B 636 35.14 -31.23 -2.49
CA SER B 636 35.05 -29.82 -2.20
C SER B 636 36.25 -29.06 -2.79
N ASN B 637 35.93 -27.84 -3.28
CA ASN B 637 36.88 -26.85 -3.89
C ASN B 637 37.28 -27.06 -5.35
N TYR B 638 36.57 -27.91 -6.07
CA TYR B 638 37.02 -28.48 -7.37
C TYR B 638 35.88 -28.10 -8.28
N THR B 639 34.88 -27.49 -7.70
CA THR B 639 33.67 -27.16 -8.43
C THR B 639 33.89 -26.26 -9.61
N GLN B 640 34.65 -25.21 -9.43
CA GLN B 640 34.85 -24.26 -10.51
C GLN B 640 35.79 -24.79 -11.54
N ILE B 641 36.72 -25.62 -11.11
CA ILE B 641 37.67 -26.19 -12.03
C ILE B 641 36.94 -27.09 -12.98
N ILE B 642 36.12 -27.95 -12.41
CA ILE B 642 35.40 -28.91 -13.19
C ILE B 642 34.43 -28.21 -14.10
N TYR B 643 33.71 -27.21 -13.60
CA TYR B 643 32.75 -26.55 -14.45
C TYR B 643 33.43 -25.86 -15.60
N GLY B 644 34.57 -25.21 -15.37
CA GLY B 644 35.25 -24.54 -16.46
C GLY B 644 35.63 -25.54 -17.54
N LEU B 645 36.08 -26.72 -17.13
CA LEU B 645 36.45 -27.72 -18.10
C LEU B 645 35.26 -28.21 -18.89
N LEU B 646 34.13 -28.37 -18.23
CA LEU B 646 32.96 -28.84 -18.93
C LEU B 646 32.54 -27.83 -19.96
N GLU B 647 32.61 -26.56 -19.61
CA GLU B 647 32.19 -25.53 -20.54
C GLU B 647 33.09 -25.50 -21.75
N GLU B 648 34.39 -25.62 -21.53
CA GLU B 648 35.30 -25.54 -22.64
C GLU B 648 35.24 -26.74 -23.55
N SER B 649 35.11 -27.93 -22.99
CA SER B 649 35.07 -29.06 -23.88
C SER B 649 33.79 -29.02 -24.69
N GLN B 650 32.69 -28.55 -24.09
CA GLN B 650 31.47 -28.43 -24.88
C GLN B 650 31.61 -27.37 -25.94
N ASN B 651 32.31 -26.28 -25.66
CA ASN B 651 32.47 -25.25 -26.66
C ASN B 651 33.17 -25.81 -27.85
N GLN B 652 34.20 -26.62 -27.61
CA GLN B 652 34.96 -27.19 -28.69
C GLN B 652 34.15 -28.20 -29.46
N GLN B 653 33.36 -29.02 -28.78
CA GLN B 653 32.60 -30.00 -29.52
C GLN B 653 31.61 -29.34 -30.44
N GLU B 654 30.90 -28.33 -29.95
CA GLU B 654 29.91 -27.71 -30.80
C GLU B 654 30.57 -27.04 -31.98
N LYS B 655 31.70 -26.40 -31.75
CA LYS B 655 32.40 -25.74 -32.83
C LYS B 655 32.87 -26.70 -33.88
N ASN B 656 33.42 -27.83 -33.45
CA ASN B 656 33.94 -28.75 -34.41
C ASN B 656 32.83 -29.32 -35.27
N GLU B 657 31.68 -29.59 -34.65
CA GLU B 657 30.56 -30.11 -35.39
C GLU B 657 30.05 -29.07 -36.37
N GLN B 658 30.02 -27.81 -35.97
CA GLN B 658 29.57 -26.79 -36.89
C GLN B 658 30.51 -26.65 -38.07
N ASP B 659 31.80 -26.76 -37.86
CA ASP B 659 32.68 -26.62 -38.99
C ASP B 659 32.64 -27.81 -39.94
N LEU B 660 32.48 -29.03 -39.42
CA LEU B 660 32.52 -30.19 -40.29
C LEU B 660 31.19 -30.84 -40.69
N LEU B 661 30.22 -30.96 -39.79
CA LEU B 661 29.02 -31.70 -40.15
C LEU B 661 28.08 -30.86 -40.97
N GLU B 662 28.28 -29.57 -40.87
CA GLU B 662 27.46 -28.60 -41.53
C GLU B 662 28.17 -28.10 -42.79
N LEU B 663 29.30 -28.73 -43.12
CA LEU B 663 30.15 -28.36 -44.23
C LEU B 663 29.62 -28.79 -45.60
N ASP B 664 29.76 -27.92 -46.63
CA ASP B 664 29.43 -28.16 -48.04
C ASP B 664 30.01 -29.50 -48.55
N ASN C 35 21.21 -20.52 -52.24
CA ASN C 35 22.60 -20.83 -51.87
C ASN C 35 22.85 -20.69 -50.36
N LEU C 36 22.28 -19.63 -49.71
CA LEU C 36 22.45 -19.36 -48.27
C LEU C 36 21.21 -19.74 -47.51
N TRP C 37 21.45 -20.06 -46.26
CA TRP C 37 20.50 -20.52 -45.29
C TRP C 37 20.41 -19.69 -44.05
N VAL C 38 19.28 -19.75 -43.39
CA VAL C 38 19.10 -19.10 -42.12
C VAL C 38 19.78 -19.94 -41.04
N THR C 39 20.56 -19.27 -40.21
CA THR C 39 21.17 -19.88 -39.06
C THR C 39 20.95 -18.95 -37.90
N VAL C 40 20.76 -19.53 -36.71
CA VAL C 40 20.48 -18.68 -35.58
C VAL C 40 21.46 -18.91 -34.46
N TYR C 41 21.57 -17.88 -33.62
CA TYR C 41 22.50 -17.90 -32.52
C TYR C 41 21.89 -17.44 -31.22
N TYR C 42 22.38 -18.03 -30.14
CA TYR C 42 22.02 -17.61 -28.80
C TYR C 42 23.24 -17.25 -28.02
N GLY C 43 23.21 -16.07 -27.40
CA GLY C 43 24.34 -15.57 -26.64
C GLY C 43 25.07 -14.50 -27.44
N VAL C 44 24.38 -13.90 -28.40
CA VAL C 44 24.93 -12.87 -29.25
C VAL C 44 25.19 -11.58 -28.44
N PRO C 45 26.41 -11.00 -28.47
CA PRO C 45 26.81 -9.84 -27.69
C PRO C 45 26.31 -8.49 -28.20
N VAL C 46 25.01 -8.30 -28.17
CA VAL C 46 24.38 -7.06 -28.60
C VAL C 46 23.41 -6.50 -27.57
N TRP C 47 23.07 -5.23 -27.71
CA TRP C 47 22.17 -4.60 -26.77
C TRP C 47 21.32 -3.48 -27.33
N LYS C 48 20.31 -3.09 -26.56
CA LYS C 48 19.38 -2.03 -26.90
C LYS C 48 19.25 -0.99 -25.80
N ASP C 49 18.96 0.25 -26.17
CA ASP C 49 18.72 1.26 -25.14
C ASP C 49 17.57 0.80 -24.29
N ALA C 50 17.65 0.91 -22.97
CA ALA C 50 16.53 0.44 -22.18
C ALA C 50 16.45 1.10 -20.84
N GLU C 51 15.28 1.08 -20.23
CA GLU C 51 15.18 1.60 -18.89
C GLU C 51 14.84 0.48 -17.94
N THR C 52 15.41 0.55 -16.75
CA THR C 52 15.14 -0.38 -15.68
C THR C 52 15.43 0.26 -14.35
N THR C 53 15.38 -0.53 -13.30
CA THR C 53 15.65 -0.02 -11.98
C THR C 53 16.99 -0.51 -11.51
N LEU C 54 17.86 0.41 -11.13
CA LEU C 54 19.18 0.01 -10.66
C LEU C 54 19.12 -0.15 -9.17
N PHE C 55 19.90 -1.04 -8.60
CA PHE C 55 19.83 -1.14 -7.17
C PHE C 55 20.98 -0.37 -6.57
N CYS C 56 20.82 0.09 -5.31
CA CYS C 56 21.85 0.84 -4.59
C CYS C 56 22.72 -0.09 -3.76
N ALA C 57 24.01 0.20 -3.77
CA ALA C 57 24.99 -0.51 -2.98
C ALA C 57 26.11 0.45 -2.52
N SER C 58 26.81 0.09 -1.42
CA SER C 58 27.94 0.81 -0.82
C SER C 58 29.27 0.16 -1.24
N LYS C 67 26.60 4.26 12.76
CA LYS C 67 26.04 3.66 11.52
C LYS C 67 24.63 4.22 11.28
N HIS C 68 24.18 5.12 12.15
CA HIS C 68 22.82 5.68 12.02
C HIS C 68 22.81 6.81 11.04
N ASN C 69 22.95 6.40 9.81
CA ASN C 69 23.05 7.20 8.62
C ASN C 69 22.08 6.65 7.62
N VAL C 70 21.21 7.49 7.12
CA VAL C 70 20.15 7.03 6.25
C VAL C 70 20.65 6.33 5.01
N TRP C 71 21.77 6.78 4.48
CA TRP C 71 22.26 6.22 3.26
C TRP C 71 22.84 4.89 3.56
N ALA C 72 23.56 4.83 4.66
CA ALA C 72 24.21 3.60 5.05
C ALA C 72 23.19 2.52 5.36
N THR C 73 22.08 2.95 5.95
CA THR C 73 21.03 2.06 6.32
C THR C 73 20.33 1.51 5.11
N HIS C 74 20.02 2.37 4.17
CA HIS C 74 19.33 1.90 2.98
C HIS C 74 20.19 1.03 2.05
N CYS C 75 21.42 1.50 1.73
CA CYS C 75 22.33 0.89 0.77
C CYS C 75 23.22 -0.06 1.56
N CYS C 76 22.54 -1.04 2.15
CA CYS C 76 23.14 -2.05 3.01
C CYS C 76 23.90 -3.09 2.22
N VAL C 77 23.61 -3.15 0.95
CA VAL C 77 24.24 -4.08 0.05
C VAL C 77 25.61 -3.52 -0.27
N PRO C 78 26.70 -4.25 -0.06
CA PRO C 78 28.05 -3.84 -0.37
C PRO C 78 28.29 -3.96 -1.84
N THR C 79 29.24 -3.21 -2.37
CA THR C 79 29.66 -3.46 -3.75
C THR C 79 30.85 -4.39 -3.74
N ASP C 80 31.10 -5.00 -4.89
CA ASP C 80 32.29 -5.81 -5.04
C ASP C 80 33.50 -4.89 -4.96
N PRO C 81 34.64 -5.33 -4.40
CA PRO C 81 35.91 -4.62 -4.34
C PRO C 81 36.59 -4.51 -5.70
N ASN C 82 36.14 -5.34 -6.64
CA ASN C 82 36.70 -5.43 -7.97
C ASN C 82 35.81 -4.69 -8.97
N PRO C 83 36.25 -3.56 -9.57
CA PRO C 83 35.48 -2.79 -10.54
C PRO C 83 34.95 -3.61 -11.72
N GLN C 84 35.68 -4.66 -12.13
CA GLN C 84 35.25 -5.52 -13.24
C GLN C 84 34.90 -4.77 -14.51
N GLU C 85 35.75 -3.82 -14.89
CA GLU C 85 35.52 -3.02 -16.08
C GLU C 85 36.15 -3.61 -17.33
N ILE C 86 35.36 -3.75 -18.39
CA ILE C 86 35.90 -4.27 -19.63
C ILE C 86 35.91 -3.19 -20.71
N HIS C 87 37.10 -2.73 -21.06
CA HIS C 87 37.21 -1.70 -22.07
C HIS C 87 36.80 -2.32 -23.38
N LEU C 88 36.05 -1.63 -24.22
CA LEU C 88 35.71 -2.26 -25.46
C LEU C 88 36.57 -1.74 -26.58
N GLU C 89 36.94 -2.63 -27.46
CA GLU C 89 37.73 -2.29 -28.62
C GLU C 89 36.79 -2.23 -29.81
N ASN C 90 37.01 -1.31 -30.74
CA ASN C 90 36.15 -1.17 -31.94
C ASN C 90 34.68 -0.97 -31.54
N VAL C 91 34.43 -0.06 -30.59
CA VAL C 91 33.05 0.30 -30.19
C VAL C 91 32.83 1.77 -30.01
N THR C 92 31.80 2.26 -30.67
CA THR C 92 31.36 3.64 -30.57
C THR C 92 29.93 3.56 -30.10
N GLU C 93 29.56 4.39 -29.15
CA GLU C 93 28.21 4.40 -28.62
C GLU C 93 27.69 5.81 -28.50
N GLU C 94 26.39 5.99 -28.59
CA GLU C 94 25.80 7.31 -28.46
C GLU C 94 25.20 7.60 -27.10
N PHE C 95 25.63 8.70 -26.50
CA PHE C 95 25.18 9.12 -25.19
C PHE C 95 24.41 10.42 -25.26
N ASN C 96 23.50 10.62 -24.31
CA ASN C 96 22.80 11.88 -24.21
C ASN C 96 22.47 12.14 -22.76
N MET C 97 23.26 12.96 -22.10
CA MET C 97 23.10 13.15 -20.68
C MET C 97 21.77 13.80 -20.30
N TRP C 98 21.12 14.47 -21.24
CA TRP C 98 19.94 15.22 -20.90
C TRP C 98 18.72 14.32 -20.88
N LYS C 99 18.89 13.11 -21.37
CA LYS C 99 17.84 12.14 -21.48
C LYS C 99 18.18 10.91 -20.67
N ASN C 100 19.10 11.06 -19.74
CA ASN C 100 19.53 9.93 -18.94
C ASN C 100 18.54 9.66 -17.81
N ASN C 101 17.84 8.53 -17.87
CA ASN C 101 16.78 8.22 -16.91
C ASN C 101 17.29 7.86 -15.53
N MET C 102 18.60 7.78 -15.39
CA MET C 102 19.19 7.47 -14.10
C MET C 102 18.99 8.67 -13.19
N VAL C 103 18.80 9.84 -13.80
CA VAL C 103 18.63 11.06 -13.05
C VAL C 103 17.29 10.99 -12.36
N GLU C 104 16.29 10.54 -13.11
CA GLU C 104 14.96 10.42 -12.57
C GLU C 104 14.92 9.38 -11.49
N GLN C 105 15.66 8.30 -11.66
CA GLN C 105 15.62 7.32 -10.60
C GLN C 105 16.21 7.91 -9.34
N MET C 106 17.33 8.63 -9.44
CA MET C 106 17.89 9.13 -8.20
C MET C 106 16.96 10.11 -7.53
N HIS C 107 16.23 10.87 -8.30
CA HIS C 107 15.34 11.81 -7.69
C HIS C 107 14.31 11.06 -6.91
N THR C 108 13.73 10.05 -7.52
CA THR C 108 12.71 9.33 -6.82
C THR C 108 13.26 8.69 -5.54
N ASP C 109 14.45 8.10 -5.64
CA ASP C 109 15.01 7.43 -4.49
C ASP C 109 15.32 8.37 -3.35
N ILE C 110 15.81 9.57 -3.65
CA ILE C 110 16.14 10.44 -2.53
C ILE C 110 14.90 10.92 -1.84
N ILE C 111 13.83 11.16 -2.59
CA ILE C 111 12.64 11.63 -1.95
C ILE C 111 12.14 10.56 -1.02
N SER C 112 12.18 9.31 -1.49
CA SER C 112 11.70 8.25 -0.66
C SER C 112 12.49 8.18 0.62
N LEU C 113 13.81 8.27 0.56
CA LEU C 113 14.52 8.12 1.81
C LEU C 113 14.19 9.18 2.81
N TRP C 114 14.04 10.41 2.38
CA TRP C 114 13.72 11.43 3.35
C TRP C 114 12.36 11.20 3.96
N ASP C 115 11.39 10.81 3.15
CA ASP C 115 10.08 10.61 3.71
C ASP C 115 10.05 9.44 4.67
N GLN C 116 10.80 8.40 4.37
CA GLN C 116 10.82 7.26 5.26
C GLN C 116 11.50 7.60 6.55
N SER C 117 12.57 8.37 6.47
CA SER C 117 13.37 8.69 7.62
C SER C 117 12.64 9.49 8.64
N LEU C 118 11.75 10.35 8.20
CA LEU C 118 11.02 11.18 9.13
C LEU C 118 9.75 10.52 9.62
N LYS C 119 9.41 9.37 9.04
CA LYS C 119 8.15 8.73 9.34
C LYS C 119 7.96 8.41 10.82
N PRO C 120 8.92 7.84 11.54
CA PRO C 120 8.80 7.50 12.93
C PRO C 120 9.13 8.62 13.93
N CYS C 121 9.35 9.88 13.48
CA CYS C 121 9.81 10.97 14.32
C CYS C 121 8.62 11.73 14.91
N VAL C 122 8.86 12.35 16.06
CA VAL C 122 7.84 13.10 16.77
C VAL C 122 7.31 14.26 15.94
N LYS C 123 5.99 14.43 16.00
CA LYS C 123 5.35 15.48 15.25
C LYS C 123 5.37 16.72 16.11
N LEU C 124 5.47 17.88 15.48
CA LEU C 124 5.47 19.11 16.23
C LEU C 124 4.20 19.88 16.09
N THR C 125 3.18 19.22 15.60
CA THR C 125 1.92 19.86 15.43
C THR C 125 1.32 20.34 16.76
N PRO C 126 1.59 19.71 17.93
CA PRO C 126 1.16 20.16 19.23
C PRO C 126 1.70 21.53 19.56
N LEU C 127 2.73 21.98 18.84
CA LEU C 127 3.31 23.27 19.10
C LEU C 127 2.76 24.44 18.26
N CYS C 128 1.74 24.22 17.38
CA CYS C 128 1.14 25.30 16.58
C CYS C 128 0.15 26.10 17.42
N VAL C 129 0.75 26.92 18.26
CA VAL C 129 0.07 27.77 19.22
C VAL C 129 0.53 29.19 19.01
N THR C 130 -0.18 30.12 19.60
CA THR C 130 0.21 31.51 19.47
C THR C 130 1.43 31.74 20.33
N LEU C 131 2.42 32.36 19.74
CA LEU C 131 3.64 32.68 20.45
C LEU C 131 3.59 34.13 20.82
N GLN C 132 4.13 34.47 21.96
CA GLN C 132 4.27 35.88 22.31
C GLN C 132 5.75 36.19 22.15
N CYS C 133 6.12 37.16 21.27
CA CYS C 133 7.54 37.41 20.99
C CYS C 133 7.92 38.89 21.06
N THR C 134 9.17 39.07 21.48
CA THR C 134 9.89 40.34 21.51
C THR C 134 11.25 40.09 20.82
N ASN C 135 11.98 41.17 20.51
CA ASN C 135 13.31 41.07 19.83
C ASN C 135 14.40 40.67 20.83
N VAL C 136 15.46 40.01 20.33
CA VAL C 136 16.68 39.80 21.10
C VAL C 136 17.54 41.02 20.84
N THR C 137 17.77 41.83 21.86
CA THR C 137 18.49 43.09 21.67
C THR C 137 19.87 43.13 22.31
N ASN C 138 20.14 42.19 23.20
CA ASN C 138 21.42 42.20 23.88
C ASN C 138 22.54 41.56 23.05
N ASN C 139 23.76 42.16 23.11
CA ASN C 139 24.98 41.72 22.43
C ASN C 139 24.82 41.58 20.90
N ILE C 140 24.13 42.57 20.28
CA ILE C 140 23.82 42.68 18.85
C ILE C 140 24.78 43.66 18.18
N THR C 141 25.36 43.18 17.09
CA THR C 141 26.34 43.83 16.23
C THR C 141 25.71 44.59 15.08
N ASP C 142 24.42 44.44 15.01
CA ASP C 142 23.52 44.97 14.01
C ASP C 142 23.66 44.40 12.61
N ASP C 143 24.42 43.30 12.44
CA ASP C 143 24.41 42.65 11.13
C ASP C 143 23.32 41.57 11.17
N MET C 144 22.63 41.55 12.31
CA MET C 144 21.53 40.68 12.65
C MET C 144 20.52 41.43 13.50
N ARG C 145 20.25 42.70 13.19
CA ARG C 145 19.35 43.39 14.09
C ARG C 145 17.94 42.92 13.84
N GLY C 146 17.34 42.33 14.88
CA GLY C 146 15.98 41.82 14.80
C GLY C 146 15.93 40.44 14.14
N GLU C 147 17.09 39.86 13.86
CA GLU C 147 17.13 38.58 13.17
C GLU C 147 16.64 37.46 14.04
N LEU C 148 16.94 37.56 15.33
CA LEU C 148 16.56 36.53 16.27
C LEU C 148 15.52 37.13 17.23
N LYS C 149 14.47 36.36 17.54
CA LYS C 149 13.46 36.82 18.47
C LYS C 149 13.26 35.86 19.63
N ASN C 150 12.92 36.42 20.81
CA ASN C 150 12.67 35.72 22.06
C ASN C 150 11.17 35.47 22.24
N CYS C 151 10.75 34.20 22.09
CA CYS C 151 9.35 33.77 22.09
C CYS C 151 9.06 32.89 23.28
N SER C 152 7.82 32.97 23.74
CA SER C 152 7.36 32.07 24.77
C SER C 152 5.96 31.57 24.49
N PHE C 153 5.66 30.39 25.05
CA PHE C 153 4.42 29.64 24.73
C PHE C 153 4.07 28.64 25.84
N ASN C 154 2.79 28.27 25.92
CA ASN C 154 2.28 27.20 26.77
C ASN C 154 2.14 25.89 25.97
N MET C 155 3.02 24.89 26.22
CA MET C 155 3.01 23.60 25.50
C MET C 155 2.40 22.52 26.36
N THR C 156 1.96 21.46 25.71
CA THR C 156 1.40 20.34 26.44
C THR C 156 2.50 19.42 26.89
N THR C 157 2.47 19.03 28.16
CA THR C 157 3.48 18.16 28.76
C THR C 157 3.00 16.73 28.65
N GLU C 158 3.72 15.74 29.19
CA GLU C 158 3.28 14.37 28.97
C GLU C 158 1.87 14.09 29.53
N LEU C 159 1.40 14.83 30.54
CA LEU C 159 0.04 14.59 30.96
C LEU C 159 -0.79 15.65 30.25
N ARG C 160 -1.95 15.25 29.76
CA ARG C 160 -2.77 16.15 28.96
C ARG C 160 -3.34 17.32 29.73
N ASP C 161 -3.42 17.19 31.03
CA ASP C 161 -3.98 18.22 31.87
C ASP C 161 -2.93 19.14 32.47
N LYS C 162 -1.68 19.02 32.01
CA LYS C 162 -0.63 19.89 32.49
C LYS C 162 0.04 20.61 31.34
N LYS C 163 0.13 21.93 31.48
CA LYS C 163 0.74 22.75 30.46
C LYS C 163 1.97 23.38 31.04
N GLN C 164 2.89 23.77 30.19
CA GLN C 164 4.10 24.41 30.64
C GLN C 164 4.60 25.54 29.79
N LYS C 165 5.02 26.61 30.47
CA LYS C 165 5.61 27.73 29.76
C LYS C 165 7.04 27.43 29.39
N VAL C 166 7.35 27.61 28.12
CA VAL C 166 8.65 27.36 27.53
C VAL C 166 9.16 28.58 26.77
N TYR C 167 10.47 28.80 26.84
CA TYR C 167 11.11 29.93 26.17
C TYR C 167 12.05 29.40 25.11
N SER C 168 12.14 30.10 23.98
CA SER C 168 13.09 29.73 22.93
C SER C 168 13.43 30.90 22.02
N LEU C 169 14.49 30.75 21.23
CA LEU C 169 14.87 31.82 20.33
C LEU C 169 14.73 31.38 18.89
N PHE C 170 13.98 32.13 18.12
CA PHE C 170 13.74 31.76 16.73
C PHE C 170 14.28 32.75 15.75
N TYR C 171 14.62 32.25 14.59
CA TYR C 171 15.07 33.10 13.51
C TYR C 171 13.83 33.65 12.82
N ARG C 172 13.92 34.87 12.31
CA ARG C 172 12.78 35.45 11.61
C ARG C 172 12.25 34.61 10.47
N LEU C 173 13.10 33.86 9.81
CA LEU C 173 12.67 33.09 8.67
C LEU C 173 11.61 32.03 8.99
N ASP C 174 11.54 31.59 10.24
CA ASP C 174 10.61 30.56 10.63
C ASP C 174 9.33 31.08 11.28
N VAL C 175 9.27 32.40 11.54
CA VAL C 175 8.16 32.96 12.31
C VAL C 175 7.50 34.14 11.65
N VAL C 176 6.19 34.15 11.63
CA VAL C 176 5.48 35.27 11.07
C VAL C 176 4.52 35.85 12.06
N GLN C 177 4.17 37.11 11.87
CA GLN C 177 3.27 37.77 12.78
C GLN C 177 1.84 37.46 12.46
N ILE C 178 1.05 37.29 13.50
CA ILE C 178 -0.37 37.06 13.36
C ILE C 178 -1.12 38.40 13.35
N ASN C 179 -0.82 39.28 14.36
CA ASN C 179 -1.41 40.61 14.58
C ASN C 179 -2.91 40.45 14.90
N ASN C 190 5.85 42.42 22.39
CA ASN C 190 4.96 41.41 22.96
C ASN C 190 3.75 41.19 22.03
N LYS C 191 4.03 40.85 20.76
CA LYS C 191 3.03 40.62 19.71
C LYS C 191 2.77 39.15 19.51
N GLU C 192 1.65 38.85 18.88
CA GLU C 192 1.23 37.51 18.57
C GLU C 192 1.81 37.03 17.25
N TYR C 193 2.50 35.89 17.33
CA TYR C 193 3.20 35.22 16.23
C TYR C 193 2.91 33.73 16.09
N ARG C 194 3.16 33.20 14.92
CA ARG C 194 3.04 31.77 14.66
C ARG C 194 4.16 31.27 13.78
N LEU C 195 4.34 29.96 13.76
CA LEU C 195 5.36 29.42 12.90
C LEU C 195 4.85 29.51 11.49
N ILE C 196 5.79 29.71 10.57
CA ILE C 196 5.48 29.86 9.16
C ILE C 196 4.64 28.80 8.52
N ASN C 197 4.78 27.54 8.90
CA ASN C 197 3.94 26.53 8.25
C ASN C 197 2.67 26.06 8.94
N CYS C 198 2.23 26.66 10.07
CA CYS C 198 1.05 26.15 10.82
C CYS C 198 -0.27 26.40 10.07
N ASN C 199 -0.22 27.17 9.01
CA ASN C 199 -1.40 27.36 8.18
C ASN C 199 -1.36 26.57 6.84
N THR C 200 -0.25 25.80 6.55
CA THR C 200 -0.09 25.07 5.28
C THR C 200 0.30 23.61 5.41
N SER C 201 1.03 23.24 6.45
CA SER C 201 1.53 21.87 6.51
C SER C 201 1.83 21.34 7.88
N ALA C 202 1.91 20.04 7.99
CA ALA C 202 2.32 19.46 9.24
C ALA C 202 3.82 19.61 9.36
N ILE C 203 4.29 19.83 10.58
CA ILE C 203 5.70 19.95 10.82
C ILE C 203 6.18 18.77 11.63
N THR C 204 7.19 18.07 11.14
CA THR C 204 7.78 16.91 11.80
C THR C 204 9.20 17.18 12.21
N GLN C 205 9.58 16.84 13.43
CA GLN C 205 10.96 17.08 13.86
C GLN C 205 11.82 16.00 13.31
N ALA C 206 12.93 16.36 12.72
CA ALA C 206 13.83 15.32 12.26
C ALA C 206 14.41 14.66 13.49
N CYS C 207 14.63 13.32 13.48
CA CYS C 207 15.21 12.59 14.59
C CYS C 207 16.71 12.96 14.77
N PRO C 208 17.14 13.41 15.97
CA PRO C 208 18.50 13.81 16.31
C PRO C 208 19.53 12.73 16.12
N LYS C 209 19.09 11.50 16.08
CA LYS C 209 19.98 10.38 15.95
C LYS C 209 20.25 9.95 14.53
N VAL C 210 19.61 10.59 13.55
CA VAL C 210 19.83 10.14 12.19
C VAL C 210 20.61 11.13 11.37
N SER C 211 21.73 10.66 10.84
CA SER C 211 22.54 11.48 9.99
C SER C 211 22.11 11.34 8.55
N PHE C 212 22.15 12.46 7.86
CA PHE C 212 21.83 12.47 6.46
C PHE C 212 23.05 12.79 5.63
N GLU C 213 24.20 12.75 6.27
CA GLU C 213 25.43 13.08 5.58
C GLU C 213 25.62 12.16 4.38
N PRO C 214 25.75 12.70 3.17
CA PRO C 214 25.93 11.96 1.95
C PRO C 214 27.16 11.08 2.03
N ILE C 215 27.05 9.88 1.49
CA ILE C 215 28.17 8.97 1.43
C ILE C 215 28.20 8.60 -0.04
N PRO C 216 29.27 8.11 -0.62
CA PRO C 216 29.29 7.69 -2.00
C PRO C 216 28.24 6.61 -2.23
N ILE C 217 27.47 6.73 -3.30
CA ILE C 217 26.45 5.78 -3.69
C ILE C 217 26.71 5.12 -5.01
N HIS C 218 26.64 3.79 -5.07
CA HIS C 218 26.87 3.13 -6.34
C HIS C 218 25.59 2.52 -6.86
N TYR C 219 25.28 2.74 -8.13
CA TYR C 219 24.13 2.06 -8.70
C TYR C 219 24.61 0.88 -9.53
N CYS C 220 23.91 -0.26 -9.42
CA CYS C 220 24.28 -1.53 -10.07
C CYS C 220 23.15 -2.08 -10.93
N ALA C 221 23.56 -2.64 -12.08
CA ALA C 221 22.60 -3.23 -12.99
C ALA C 221 22.05 -4.55 -12.47
N PRO C 222 20.78 -4.86 -12.74
CA PRO C 222 20.16 -6.14 -12.52
C PRO C 222 20.63 -7.11 -13.59
N ALA C 223 20.52 -8.41 -13.36
CA ALA C 223 20.90 -9.33 -14.41
C ALA C 223 20.07 -9.08 -15.64
N GLY C 224 20.70 -9.18 -16.80
CA GLY C 224 20.04 -8.95 -18.08
C GLY C 224 20.33 -7.56 -18.62
N PHE C 225 20.95 -6.73 -17.78
CA PHE C 225 21.32 -5.36 -18.10
C PHE C 225 22.78 -5.06 -17.86
N ALA C 226 23.27 -4.03 -18.52
CA ALA C 226 24.64 -3.60 -18.34
C ALA C 226 24.76 -2.10 -18.40
N ILE C 227 25.78 -1.56 -17.73
CA ILE C 227 25.99 -0.14 -17.76
C ILE C 227 27.23 0.19 -18.58
N LEU C 228 27.07 1.08 -19.51
CA LEU C 228 28.17 1.48 -20.34
C LEU C 228 28.65 2.83 -19.88
N LYS C 229 29.94 3.04 -19.96
CA LYS C 229 30.49 4.34 -19.63
C LYS C 229 31.03 4.98 -20.89
N CYS C 230 30.99 6.33 -20.97
CA CYS C 230 31.55 7.09 -22.09
C CYS C 230 33.03 7.38 -21.88
N LYS C 231 33.32 8.21 -20.90
CA LYS C 231 34.67 8.63 -20.53
C LYS C 231 35.45 9.29 -21.66
N ASP C 232 34.80 9.98 -22.55
CA ASP C 232 35.53 10.62 -23.64
C ASP C 232 35.97 12.01 -23.21
N LYS C 233 37.27 12.20 -23.13
CA LYS C 233 37.77 13.47 -22.63
C LYS C 233 37.21 14.62 -23.43
N LYS C 234 36.72 15.63 -22.72
CA LYS C 234 36.17 16.85 -23.29
C LYS C 234 34.88 16.64 -24.08
N PHE C 235 34.19 15.55 -23.80
CA PHE C 235 32.88 15.26 -24.37
C PHE C 235 31.94 16.35 -23.87
N ASN C 236 31.01 16.85 -24.73
CA ASN C 236 30.04 17.91 -24.39
C ASN C 236 28.67 17.38 -23.90
N GLY C 237 28.53 16.07 -23.65
CA GLY C 237 27.32 15.39 -23.17
C GLY C 237 26.45 14.74 -24.21
N THR C 238 26.64 15.02 -25.50
CA THR C 238 25.79 14.32 -26.44
C THR C 238 26.53 13.76 -27.64
N GLY C 239 25.95 12.72 -28.22
CA GLY C 239 26.43 12.15 -29.46
C GLY C 239 27.38 10.98 -29.23
N PRO C 240 27.96 10.45 -30.31
CA PRO C 240 28.85 9.32 -30.35
C PRO C 240 30.05 9.57 -29.43
N CYS C 241 30.50 8.52 -28.75
CA CYS C 241 31.60 8.45 -27.80
C CYS C 241 32.44 7.22 -28.14
N THR C 242 33.75 7.41 -28.22
CA THR C 242 34.66 6.33 -28.61
C THR C 242 35.58 5.70 -27.53
N ASN C 243 35.50 6.15 -26.25
CA ASN C 243 36.29 5.70 -25.10
C ASN C 243 35.47 4.75 -24.18
N VAL C 244 34.47 4.07 -24.77
CA VAL C 244 33.47 3.22 -24.15
C VAL C 244 33.93 1.91 -23.55
N SER C 245 33.41 1.65 -22.35
CA SER C 245 33.68 0.43 -21.59
C SER C 245 32.43 -0.06 -20.87
N THR C 246 32.43 -1.33 -20.50
CA THR C 246 31.29 -1.92 -19.80
C THR C 246 31.55 -2.19 -18.32
N VAL C 247 30.62 -1.75 -17.49
CA VAL C 247 30.73 -1.97 -16.06
C VAL C 247 29.47 -2.54 -15.44
N GLN C 248 29.66 -3.20 -14.31
CA GLN C 248 28.55 -3.69 -13.51
C GLN C 248 27.81 -2.62 -12.70
N CYS C 249 28.56 -1.62 -12.16
CA CYS C 249 28.07 -0.57 -11.27
C CYS C 249 28.75 0.74 -11.61
N THR C 250 28.14 1.82 -11.17
CA THR C 250 28.69 3.15 -11.30
C THR C 250 29.67 3.31 -10.17
N HIS C 251 30.45 4.38 -10.24
CA HIS C 251 31.35 4.67 -9.16
C HIS C 251 30.51 5.25 -8.06
N GLY C 252 31.12 5.53 -6.93
CA GLY C 252 30.33 6.07 -5.84
C GLY C 252 30.11 7.55 -6.02
N ILE C 253 28.86 7.93 -6.21
CA ILE C 253 28.49 9.30 -6.40
C ILE C 253 27.92 9.79 -5.12
N LYS C 254 28.51 10.79 -4.52
CA LYS C 254 28.00 11.27 -3.28
C LYS C 254 26.81 12.21 -3.56
N PRO C 255 25.61 11.97 -3.02
CA PRO C 255 24.39 12.72 -3.24
C PRO C 255 24.35 14.00 -2.44
N VAL C 256 25.22 14.91 -2.78
CA VAL C 256 25.27 16.17 -2.07
C VAL C 256 24.19 17.06 -2.63
N VAL C 257 23.38 17.62 -1.76
CA VAL C 257 22.29 18.47 -2.19
C VAL C 257 22.63 19.93 -2.04
N SER C 258 22.46 20.69 -3.10
CA SER C 258 22.72 22.11 -3.06
C SER C 258 22.03 22.83 -4.18
N THR C 259 21.98 24.15 -4.05
CA THR C 259 21.51 24.93 -5.19
C THR C 259 22.55 25.93 -5.61
N GLN C 260 22.36 26.51 -6.78
CA GLN C 260 23.22 27.53 -7.41
C GLN C 260 24.61 27.00 -7.78
N LEU C 261 25.37 26.55 -6.80
CA LEU C 261 26.69 25.96 -7.04
C LEU C 261 26.71 24.54 -6.49
N LEU C 262 27.45 23.68 -7.18
CA LEU C 262 27.56 22.27 -6.84
C LEU C 262 28.78 22.03 -6.01
N LEU C 263 28.65 21.17 -5.01
CA LEU C 263 29.77 20.92 -4.13
C LEU C 263 30.13 19.46 -4.06
N ASN C 264 31.42 19.18 -3.81
CA ASN C 264 32.04 17.88 -3.54
C ASN C 264 31.74 16.84 -4.65
N GLY C 265 31.68 17.26 -5.94
CA GLY C 265 31.41 16.40 -7.09
C GLY C 265 32.68 16.10 -7.86
N SER C 266 32.50 15.60 -9.07
CA SER C 266 33.64 15.28 -9.91
C SER C 266 34.14 16.51 -10.65
N LEU C 267 35.35 16.42 -11.18
CA LEU C 267 35.95 17.48 -11.98
C LEU C 267 35.90 17.22 -13.46
N ALA C 268 36.13 18.28 -14.22
CA ALA C 268 36.16 18.32 -15.68
C ALA C 268 37.47 17.80 -16.27
N GLU C 269 38.39 17.40 -15.38
CA GLU C 269 39.69 16.84 -15.73
C GLU C 269 40.66 17.87 -16.31
N GLU C 270 40.94 17.82 -17.60
CA GLU C 270 41.93 18.72 -18.20
C GLU C 270 41.50 20.14 -18.50
N GLU C 271 40.21 20.35 -18.78
CA GLU C 271 39.72 21.67 -19.16
C GLU C 271 38.42 21.94 -18.49
N VAL C 272 38.06 23.21 -18.33
CA VAL C 272 36.74 23.50 -17.81
C VAL C 272 35.74 23.12 -18.89
N ILE C 273 34.70 22.39 -18.53
CA ILE C 273 33.75 21.94 -19.53
C ILE C 273 32.37 22.48 -19.27
N ILE C 274 31.82 23.08 -20.28
CA ILE C 274 30.52 23.66 -20.15
C ILE C 274 29.53 22.89 -20.99
N ARG C 275 28.45 22.44 -20.36
CA ARG C 275 27.46 21.64 -21.06
C ARG C 275 26.05 22.18 -20.93
N SER C 276 25.30 22.06 -22.01
CA SER C 276 23.90 22.46 -22.05
C SER C 276 23.19 21.63 -23.06
N GLU C 277 21.93 21.38 -22.82
CA GLU C 277 21.11 20.68 -23.81
C GLU C 277 20.99 21.48 -25.13
N ASN C 278 20.96 22.81 -25.00
CA ASN C 278 20.81 23.75 -26.14
C ASN C 278 21.44 25.11 -25.76
N ILE C 279 22.48 25.51 -26.50
CA ILE C 279 23.30 26.70 -26.25
C ILE C 279 22.53 27.99 -26.45
N THR C 280 21.76 28.01 -27.53
CA THR C 280 20.95 29.13 -27.96
C THR C 280 19.76 29.40 -27.05
N ASN C 281 19.11 28.35 -26.61
CA ASN C 281 17.87 28.48 -25.86
C ASN C 281 18.11 28.90 -24.42
N ASN C 282 17.64 30.10 -24.08
CA ASN C 282 17.87 30.70 -22.78
C ASN C 282 17.04 30.05 -21.68
N ALA C 283 16.17 29.14 -22.06
CA ALA C 283 15.35 28.41 -21.10
C ALA C 283 16.13 27.26 -20.48
N LYS C 284 17.29 26.94 -21.02
CA LYS C 284 18.07 25.83 -20.51
C LYS C 284 19.09 26.28 -19.49
N ASN C 285 19.44 25.38 -18.59
CA ASN C 285 20.50 25.70 -17.65
C ASN C 285 21.82 25.28 -18.24
N ILE C 286 22.85 25.95 -17.80
CA ILE C 286 24.20 25.69 -18.20
C ILE C 286 24.91 25.02 -17.06
N LEU C 287 25.45 23.85 -17.29
CA LEU C 287 26.15 23.19 -16.24
C LEU C 287 27.64 23.33 -16.47
N VAL C 288 28.28 24.03 -15.56
CA VAL C 288 29.69 24.28 -15.70
C VAL C 288 30.45 23.41 -14.76
N GLN C 289 31.31 22.59 -15.30
CA GLN C 289 32.08 21.73 -14.46
C GLN C 289 33.49 22.26 -14.44
N LEU C 290 34.01 22.45 -13.25
CA LEU C 290 35.34 23.02 -13.14
C LEU C 290 36.33 21.90 -13.28
N ASN C 291 37.55 22.21 -13.77
CA ASN C 291 38.65 21.24 -13.90
C ASN C 291 39.54 21.16 -12.63
N GLU C 292 39.27 22.03 -11.63
CA GLU C 292 39.94 22.14 -10.34
C GLU C 292 38.89 22.60 -9.37
N SER C 293 39.09 22.32 -8.10
CA SER C 293 38.16 22.73 -7.08
C SER C 293 38.46 24.09 -6.46
N VAL C 294 37.43 24.69 -5.88
CA VAL C 294 37.61 25.90 -5.09
C VAL C 294 37.15 25.68 -3.66
N GLN C 295 38.01 25.88 -2.68
CA GLN C 295 37.56 25.63 -1.32
C GLN C 295 36.86 26.82 -0.69
N ILE C 296 35.79 26.53 0.02
CA ILE C 296 35.08 27.53 0.77
C ILE C 296 34.91 27.13 2.24
N ASN C 297 35.39 27.98 3.15
CA ASN C 297 35.37 27.78 4.60
C ASN C 297 34.16 28.52 5.17
N CYS C 298 33.14 27.79 5.68
CA CYS C 298 31.88 28.42 6.09
C CYS C 298 31.49 27.98 7.50
N THR C 299 30.97 28.97 8.23
CA THR C 299 30.61 28.82 9.62
C THR C 299 29.35 29.50 10.11
N ARG C 300 28.87 28.98 11.22
CA ARG C 300 27.82 29.58 12.02
C ARG C 300 28.52 29.79 13.36
N PRO C 301 29.08 30.99 13.59
CA PRO C 301 29.97 31.36 14.68
C PRO C 301 29.41 31.41 16.09
N ASN C 302 28.09 31.49 16.24
CA ASN C 302 27.54 31.60 17.58
C ASN C 302 27.67 30.27 18.31
N ASN C 303 27.98 30.29 19.63
CA ASN C 303 28.06 29.12 20.50
C ASN C 303 26.69 28.88 21.13
N ASN C 304 25.93 27.90 20.62
CA ASN C 304 24.54 27.65 21.04
C ASN C 304 24.37 26.58 22.09
N THR C 305 23.31 26.73 22.86
CA THR C 305 22.87 25.80 23.87
C THR C 305 21.65 25.04 23.38
N VAL C 306 21.60 23.76 23.65
CA VAL C 306 20.41 23.02 23.28
C VAL C 306 19.68 22.54 24.48
N LYS C 307 18.40 22.85 24.51
CA LYS C 307 17.53 22.47 25.60
C LYS C 307 16.42 21.60 25.06
N SER C 308 15.81 20.79 25.91
CA SER C 308 14.72 19.97 25.43
C SER C 308 13.63 19.75 26.45
N ILE C 309 12.45 19.48 25.92
CA ILE C 309 11.25 19.20 26.69
C ILE C 309 10.45 18.01 26.23
N ARG C 310 9.65 17.46 27.12
CA ARG C 310 8.71 16.45 26.69
C ARG C 310 7.41 17.10 26.33
N ILE C 311 6.92 16.78 25.16
CA ILE C 311 5.66 17.30 24.67
C ILE C 311 4.62 16.19 24.63
N GLY C 312 5.09 15.00 24.96
CA GLY C 312 4.24 13.83 25.03
C GLY C 312 5.04 12.64 25.57
N PRO C 313 4.43 11.48 25.76
CA PRO C 313 5.08 10.30 26.25
C PRO C 313 6.11 9.82 25.26
N GLY C 314 7.38 10.00 25.58
CA GLY C 314 8.46 9.58 24.70
C GLY C 314 8.70 10.58 23.58
N GLN C 315 8.03 11.71 23.66
CA GLN C 315 8.10 12.70 22.63
C GLN C 315 8.89 13.92 23.04
N TRP C 316 10.11 13.99 22.57
CA TRP C 316 11.00 15.07 22.94
C TRP C 316 11.19 16.07 21.85
N PHE C 317 11.14 17.32 22.24
CA PHE C 317 11.36 18.46 21.38
C PHE C 317 12.63 19.19 21.73
N TYR C 318 13.39 19.54 20.71
CA TYR C 318 14.62 20.25 20.93
C TYR C 318 14.55 21.66 20.42
N TYR C 319 15.13 22.57 21.20
CA TYR C 319 15.15 23.99 20.88
C TYR C 319 16.44 24.68 21.24
N THR C 320 16.59 25.86 20.66
CA THR C 320 17.80 26.67 20.68
C THR C 320 18.27 27.22 22.01
N GLY C 321 17.45 27.17 23.02
CA GLY C 321 17.92 27.60 24.31
C GLY C 321 18.45 29.02 24.32
N ASP C 322 19.67 29.13 24.84
CA ASP C 322 20.43 30.35 25.02
C ASP C 322 21.65 30.42 24.11
N ILE C 323 22.17 31.63 23.91
CA ILE C 323 23.41 31.77 23.14
C ILE C 323 24.51 32.27 24.07
N ILE C 324 25.63 31.60 24.01
CA ILE C 324 26.79 31.88 24.81
C ILE C 324 27.67 32.88 24.09
N GLY C 325 28.01 33.97 24.77
CA GLY C 325 28.81 35.00 24.16
C GLY C 325 27.91 35.88 23.34
N ASP C 326 28.50 36.65 22.43
CA ASP C 326 27.75 37.60 21.66
C ASP C 326 27.30 37.05 20.31
N ILE C 327 26.63 37.89 19.53
CA ILE C 327 26.07 37.49 18.26
C ILE C 327 26.88 37.85 17.03
N ARG C 328 27.06 36.89 16.14
CA ARG C 328 27.74 37.08 14.88
C ARG C 328 26.97 36.41 13.75
N GLN C 329 26.97 37.03 12.58
CA GLN C 329 26.27 36.46 11.45
C GLN C 329 27.00 35.30 10.82
N ALA C 330 26.23 34.36 10.30
CA ALA C 330 26.77 33.20 9.60
C ALA C 330 27.45 33.68 8.33
N HIS C 331 28.53 33.03 7.95
CA HIS C 331 29.21 33.47 6.74
C HIS C 331 30.15 32.43 6.12
N CYS C 332 30.46 32.60 4.79
CA CYS C 332 31.39 31.75 4.01
C CYS C 332 32.57 32.57 3.41
N ASN C 333 33.78 32.01 3.49
CA ASN C 333 35.00 32.64 2.99
C ASN C 333 35.56 31.94 1.74
N VAL C 334 35.63 32.69 0.62
CA VAL C 334 36.07 32.24 -0.70
C VAL C 334 37.32 33.02 -1.12
N SER C 335 38.41 32.37 -1.51
CA SER C 335 39.56 33.17 -1.95
C SER C 335 39.20 33.97 -3.19
N LYS C 336 39.46 35.28 -3.20
CA LYS C 336 39.10 36.05 -4.38
C LYS C 336 40.02 35.75 -5.51
N ALA C 337 41.28 35.49 -5.23
CA ALA C 337 42.20 35.26 -6.31
C ALA C 337 41.84 33.98 -7.03
N THR C 338 41.46 32.96 -6.25
CA THR C 338 41.12 31.71 -6.86
C THR C 338 39.87 31.91 -7.65
N TRP C 339 38.91 32.57 -7.05
CA TRP C 339 37.64 32.80 -7.67
C TRP C 339 37.74 33.58 -8.98
N ASN C 340 38.54 34.68 -9.02
CA ASN C 340 38.71 35.54 -10.18
C ASN C 340 39.35 34.77 -11.36
N GLU C 341 40.32 33.86 -11.06
CA GLU C 341 40.97 33.02 -12.07
C GLU C 341 39.97 32.00 -12.59
N THR C 342 39.18 31.47 -11.68
CA THR C 342 38.20 30.48 -12.02
C THR C 342 37.18 31.06 -12.96
N LEU C 343 36.71 32.26 -12.67
CA LEU C 343 35.71 32.82 -13.54
C LEU C 343 36.29 33.11 -14.90
N GLY C 344 37.54 33.56 -14.95
CA GLY C 344 38.14 33.83 -16.25
C GLY C 344 38.19 32.55 -17.08
N LYS C 345 38.53 31.41 -16.44
CA LYS C 345 38.58 30.14 -17.15
C LYS C 345 37.23 29.77 -17.71
N VAL C 346 36.18 30.05 -16.94
CA VAL C 346 34.84 29.75 -17.38
C VAL C 346 34.50 30.59 -18.58
N VAL C 347 34.85 31.86 -18.56
CA VAL C 347 34.54 32.71 -19.69
C VAL C 347 35.29 32.23 -20.91
N LYS C 348 36.57 31.85 -20.78
CA LYS C 348 37.31 31.40 -21.94
C LYS C 348 36.59 30.25 -22.61
N GLN C 349 36.02 29.36 -21.82
CA GLN C 349 35.26 28.28 -22.38
C GLN C 349 33.90 28.74 -22.91
N LEU C 350 33.25 29.70 -22.27
CA LEU C 350 31.96 30.16 -22.78
C LEU C 350 32.15 30.80 -24.16
N ARG C 351 33.30 31.41 -24.40
CA ARG C 351 33.56 32.06 -25.67
C ARG C 351 33.47 31.13 -26.86
N LYS C 352 33.72 29.84 -26.69
CA LYS C 352 33.66 28.97 -27.85
C LYS C 352 32.21 28.73 -28.24
N HIS C 353 31.27 29.10 -27.36
CA HIS C 353 29.86 28.91 -27.60
C HIS C 353 29.18 30.21 -28.03
N PHE C 354 29.67 31.36 -27.55
CA PHE C 354 29.03 32.63 -27.93
C PHE C 354 29.85 33.56 -28.87
N GLY C 355 31.13 33.32 -29.07
CA GLY C 355 31.99 34.18 -29.90
C GLY C 355 33.03 34.93 -29.05
N ASN C 356 34.30 34.99 -29.53
CA ASN C 356 35.41 35.62 -28.78
C ASN C 356 35.49 37.16 -28.91
N ASN C 357 34.53 37.80 -29.62
CA ASN C 357 34.43 39.25 -29.79
C ASN C 357 33.36 39.82 -28.87
N THR C 358 32.75 38.97 -28.06
CA THR C 358 31.68 39.35 -27.14
C THR C 358 32.19 39.69 -25.75
N ILE C 359 31.61 40.73 -25.17
CA ILE C 359 31.92 41.15 -23.81
C ILE C 359 31.00 40.50 -22.82
N ILE C 360 31.57 39.93 -21.77
CA ILE C 360 30.79 39.24 -20.76
C ILE C 360 30.73 39.82 -19.40
N ARG C 361 29.52 39.92 -18.88
CA ARG C 361 29.36 40.38 -17.52
C ARG C 361 28.67 39.32 -16.69
N PHE C 362 29.07 39.19 -15.43
CA PHE C 362 28.36 38.31 -14.52
C PHE C 362 27.53 39.16 -13.59
N ALA C 363 26.26 38.79 -13.51
CA ALA C 363 25.22 39.45 -12.72
C ALA C 363 24.93 38.66 -11.45
N ASN C 364 24.26 39.30 -10.45
CA ASN C 364 23.80 38.62 -9.24
C ASN C 364 22.52 37.85 -9.60
N SER C 365 21.93 37.07 -8.66
CA SER C 365 20.74 36.26 -8.94
C SER C 365 19.47 37.09 -9.11
N SER C 366 18.48 36.44 -9.69
CA SER C 366 17.18 37.00 -9.96
C SER C 366 16.36 36.91 -8.70
N GLY C 367 15.16 37.48 -8.70
CA GLY C 367 14.35 37.40 -7.49
C GLY C 367 13.70 36.02 -7.37
N GLY C 368 13.01 35.80 -6.25
CA GLY C 368 12.38 34.51 -5.97
C GLY C 368 12.44 34.30 -4.47
N ASP C 369 12.16 33.08 -4.01
CA ASP C 369 12.16 32.84 -2.57
C ASP C 369 13.59 32.58 -2.09
N LEU C 370 13.78 32.34 -0.81
CA LEU C 370 15.13 32.20 -0.30
C LEU C 370 15.86 31.03 -0.94
N GLU C 371 15.15 29.94 -1.16
CA GLU C 371 15.68 28.72 -1.76
C GLU C 371 16.03 28.89 -3.23
N VAL C 372 15.60 30.00 -3.81
CA VAL C 372 15.81 30.32 -5.19
C VAL C 372 16.91 31.33 -5.36
N THR C 373 16.90 32.38 -4.55
CA THR C 373 17.83 33.47 -4.72
C THR C 373 19.17 33.29 -4.04
N THR C 374 19.25 32.43 -3.02
CA THR C 374 20.52 32.26 -2.34
C THR C 374 21.07 30.87 -2.51
N HIS C 375 22.34 30.73 -2.21
CA HIS C 375 22.99 29.46 -2.27
C HIS C 375 22.56 28.68 -1.08
N SER C 376 22.28 27.40 -1.25
CA SER C 376 21.81 26.64 -0.11
C SER C 376 22.46 25.31 0.03
N PHE C 377 22.80 25.04 1.29
CA PHE C 377 23.43 23.78 1.68
C PHE C 377 23.21 23.39 3.12
N ASN C 378 23.48 22.12 3.38
CA ASN C 378 23.44 21.51 4.70
C ASN C 378 24.86 21.33 5.25
N CYS C 379 25.24 22.08 6.31
CA CYS C 379 26.56 22.11 6.96
C CYS C 379 26.41 21.86 8.44
N GLY C 380 26.88 20.70 8.87
CA GLY C 380 26.81 20.28 10.27
C GLY C 380 25.43 19.74 10.60
N GLY C 381 24.57 19.74 9.61
CA GLY C 381 23.19 19.36 9.78
C GLY C 381 22.32 20.61 9.75
N GLU C 382 22.93 21.80 9.77
CA GLU C 382 22.16 23.04 9.73
C GLU C 382 21.91 23.51 8.30
N PHE C 383 20.84 24.27 8.11
CA PHE C 383 20.52 24.80 6.79
C PHE C 383 20.88 26.25 6.61
N PHE C 384 21.84 26.46 5.72
CA PHE C 384 22.41 27.75 5.39
C PHE C 384 21.96 28.28 4.08
N TYR C 385 21.66 29.57 4.09
CA TYR C 385 21.28 30.31 2.90
C TYR C 385 22.25 31.47 2.71
N CYS C 386 23.06 31.47 1.63
CA CYS C 386 24.16 32.43 1.47
C CYS C 386 24.02 33.32 0.25
N ASN C 387 24.36 34.58 0.46
CA ASN C 387 24.28 35.61 -0.57
C ASN C 387 25.57 35.64 -1.41
N THR C 388 25.46 35.18 -2.66
CA THR C 388 26.54 35.01 -3.62
C THR C 388 26.63 36.18 -4.57
N SER C 389 25.88 37.25 -4.33
CA SER C 389 25.95 38.36 -5.27
C SER C 389 27.36 38.92 -5.35
N GLY C 390 28.11 38.80 -4.26
CA GLY C 390 29.47 39.30 -4.18
C GLY C 390 30.42 38.53 -5.07
N LEU C 391 30.00 37.37 -5.53
CA LEU C 391 30.84 36.56 -6.38
C LEU C 391 30.62 36.84 -7.86
N PHE C 392 29.57 37.57 -8.21
CA PHE C 392 29.24 37.77 -9.62
C PHE C 392 28.98 39.23 -9.95
N ASN C 393 30.07 40.02 -10.07
CA ASN C 393 30.06 41.47 -10.27
C ASN C 393 30.84 41.95 -11.52
N SER C 394 31.91 41.23 -11.93
CA SER C 394 32.88 41.62 -12.96
C SER C 394 32.52 41.40 -14.43
N THR C 395 33.32 42.05 -15.29
CA THR C 395 33.20 41.99 -16.75
C THR C 395 34.52 41.62 -17.43
N TRP C 396 34.41 40.79 -18.47
CA TRP C 396 35.59 40.26 -19.21
C TRP C 396 35.59 40.80 -20.64
N ILE C 397 36.57 41.66 -20.96
CA ILE C 397 36.66 42.31 -22.26
C ILE C 397 37.89 41.83 -23.02
N SER C 398 37.69 41.37 -24.28
CA SER C 398 38.72 40.87 -25.20
C SER C 398 39.72 42.00 -25.56
N ASN C 411 45.98 36.88 1.76
CA ASN C 411 45.06 35.86 1.26
C ASN C 411 43.89 36.46 0.49
N ASP C 412 43.48 37.65 0.90
CA ASP C 412 42.45 38.43 0.21
C ASP C 412 41.16 37.66 -0.14
N SER C 413 40.52 37.05 0.85
CA SER C 413 39.27 36.35 0.60
C SER C 413 38.06 37.30 0.63
N ILE C 414 36.93 36.80 0.12
CA ILE C 414 35.65 37.49 0.16
C ILE C 414 34.72 36.76 1.09
N THR C 415 34.05 37.51 1.95
CA THR C 415 33.12 36.89 2.87
C THR C 415 31.69 37.12 2.44
N LEU C 416 30.95 36.03 2.31
CA LEU C 416 29.56 36.03 1.92
C LEU C 416 28.72 35.85 3.18
N PRO C 417 27.74 36.71 3.48
CA PRO C 417 26.88 36.58 4.64
C PRO C 417 25.93 35.44 4.35
N CYS C 418 25.46 34.75 5.40
CA CYS C 418 24.51 33.63 5.33
C CYS C 418 23.43 33.79 6.39
N ARG C 419 22.32 33.10 6.19
CA ARG C 419 21.21 33.09 7.11
C ARG C 419 20.87 31.66 7.50
N ILE C 420 20.29 31.51 8.68
CA ILE C 420 19.92 30.21 9.20
C ILE C 420 18.41 30.03 9.29
N LYS C 421 17.92 28.90 8.79
CA LYS C 421 16.48 28.62 8.83
C LYS C 421 16.20 27.21 9.37
N GLN C 422 15.26 27.07 10.32
CA GLN C 422 14.94 25.75 10.88
C GLN C 422 13.77 25.01 10.26
N ILE C 423 12.81 25.71 9.64
CA ILE C 423 11.69 24.97 9.07
C ILE C 423 11.85 24.90 7.59
N ILE C 424 12.10 23.70 7.12
CA ILE C 424 12.46 23.48 5.75
C ILE C 424 11.40 22.78 4.94
N ASN C 425 11.00 23.40 3.84
CA ASN C 425 10.07 22.76 2.93
C ASN C 425 10.95 22.18 1.85
N MET C 426 11.21 20.90 1.95
CA MET C 426 12.18 20.26 1.08
C MET C 426 11.64 19.96 -0.30
N TRP C 427 12.55 19.94 -1.26
CA TRP C 427 12.31 19.50 -2.63
C TRP C 427 11.24 20.25 -3.35
N GLN C 428 11.06 21.51 -3.02
CA GLN C 428 10.04 22.33 -3.67
C GLN C 428 8.67 21.69 -3.54
N ARG C 429 8.45 20.91 -2.50
CA ARG C 429 7.20 20.27 -2.28
C ARG C 429 6.50 20.91 -1.12
N ILE C 430 5.20 21.00 -1.21
CA ILE C 430 4.42 21.61 -0.14
C ILE C 430 3.50 20.60 0.54
N GLY C 431 3.51 20.63 1.88
CA GLY C 431 2.64 19.79 2.70
C GLY C 431 3.41 18.97 3.72
N GLN C 432 4.69 18.77 3.50
CA GLN C 432 5.53 18.04 4.41
C GLN C 432 6.65 18.90 4.92
N ALA C 433 6.52 19.48 6.12
CA ALA C 433 7.56 20.37 6.57
C ALA C 433 8.47 19.68 7.56
N MET C 434 9.75 19.93 7.43
CA MET C 434 10.69 19.36 8.35
C MET C 434 11.26 20.39 9.28
N TYR C 435 11.37 20.04 10.54
CA TYR C 435 11.99 20.92 11.49
C TYR C 435 13.36 20.43 11.85
N ALA C 436 14.30 21.33 11.73
CA ALA C 436 15.66 21.02 12.03
C ALA C 436 15.93 21.34 13.49
N PRO C 437 16.25 20.35 14.34
CA PRO C 437 16.50 20.54 15.73
C PRO C 437 17.80 21.29 15.72
N PRO C 438 18.11 22.03 16.76
CA PRO C 438 19.29 22.84 16.94
C PRO C 438 20.54 22.02 17.17
N ILE C 439 21.66 22.65 16.87
CA ILE C 439 22.99 22.11 17.10
C ILE C 439 23.73 22.95 18.14
N GLN C 440 24.26 22.28 19.14
CA GLN C 440 24.98 22.95 20.20
C GLN C 440 26.38 23.28 19.74
N GLY C 441 27.00 24.28 20.34
CA GLY C 441 28.35 24.60 19.95
C GLY C 441 28.35 25.48 18.73
N VAL C 442 29.41 25.39 17.95
CA VAL C 442 29.69 26.24 16.79
C VAL C 442 29.87 25.36 15.56
N ILE C 443 29.30 25.77 14.42
CA ILE C 443 29.39 24.97 13.22
C ILE C 443 30.42 25.42 12.23
N ARG C 444 31.28 24.52 11.81
CA ARG C 444 32.27 24.83 10.79
C ARG C 444 32.45 23.66 9.82
N CYS C 445 32.58 23.94 8.51
CA CYS C 445 32.87 22.97 7.47
C CYS C 445 33.62 23.65 6.34
N VAL C 446 34.31 22.85 5.53
CA VAL C 446 34.96 23.35 4.35
C VAL C 446 34.50 22.51 3.20
N SER C 447 33.99 23.15 2.17
CA SER C 447 33.47 22.42 1.03
C SER C 447 34.17 22.81 -0.26
N ASN C 448 34.16 21.92 -1.26
CA ASN C 448 34.76 22.12 -2.58
C ASN C 448 33.71 22.46 -3.65
N ILE C 449 33.87 23.61 -4.36
CA ILE C 449 33.01 23.92 -5.51
C ILE C 449 33.61 23.21 -6.67
N THR C 450 32.79 22.39 -7.28
CA THR C 450 33.22 21.58 -8.40
C THR C 450 32.49 21.96 -9.68
N GLY C 451 31.54 22.88 -9.55
CA GLY C 451 30.75 23.32 -10.69
C GLY C 451 29.66 24.30 -10.32
N LEU C 452 29.10 24.93 -11.35
CA LEU C 452 28.07 25.95 -11.22
C LEU C 452 26.85 25.74 -12.10
N ILE C 453 25.70 26.24 -11.67
CA ILE C 453 24.55 26.27 -12.55
C ILE C 453 24.37 27.69 -12.98
N LEU C 454 24.48 27.95 -14.26
CA LEU C 454 24.36 29.30 -14.79
C LEU C 454 23.27 29.37 -15.81
N THR C 455 22.73 30.54 -16.02
CA THR C 455 21.83 30.74 -17.13
C THR C 455 22.29 31.96 -17.87
N ARG C 456 21.93 32.09 -19.14
CA ARG C 456 22.25 33.33 -19.89
C ARG C 456 21.15 34.35 -19.66
N ASP C 457 21.50 35.54 -19.13
CA ASP C 457 20.48 36.47 -18.66
C ASP C 457 19.35 36.59 -19.68
N GLY C 458 19.71 36.54 -20.96
CA GLY C 458 18.74 36.60 -22.01
C GLY C 458 18.34 38.03 -22.27
N GLY C 459 17.30 38.23 -23.09
CA GLY C 459 16.87 39.59 -23.44
C GLY C 459 17.79 40.24 -24.46
N SER C 460 18.67 39.44 -25.04
CA SER C 460 19.65 39.93 -25.98
C SER C 460 19.06 40.48 -27.25
N THR C 461 19.69 41.56 -27.69
CA THR C 461 19.35 42.29 -28.90
C THR C 461 20.53 42.24 -29.84
N ASN C 462 21.41 41.25 -29.62
CA ASN C 462 22.63 41.10 -30.40
C ASN C 462 23.51 42.34 -30.30
N SER C 463 23.61 42.85 -29.07
CA SER C 463 24.39 44.02 -28.70
C SER C 463 25.88 43.78 -28.64
N THR C 464 26.27 42.49 -28.69
CA THR C 464 27.64 41.94 -28.59
C THR C 464 28.15 41.92 -27.15
N THR C 465 27.28 42.32 -26.22
CA THR C 465 27.60 42.21 -24.82
C THR C 465 26.55 41.29 -24.25
N GLU C 466 26.98 40.27 -23.55
CA GLU C 466 26.09 39.28 -23.00
C GLU C 466 26.34 39.18 -21.52
N THR C 467 25.31 38.79 -20.82
CA THR C 467 25.39 38.64 -19.39
C THR C 467 24.95 37.27 -19.00
N PHE C 468 25.70 36.68 -18.07
CA PHE C 468 25.39 35.36 -17.47
C PHE C 468 25.08 35.55 -15.99
N ARG C 469 23.98 34.94 -15.54
CA ARG C 469 23.50 35.08 -14.20
C ARG C 469 23.57 33.73 -13.51
N PRO C 470 23.83 33.63 -12.21
CA PRO C 470 23.74 32.39 -11.48
C PRO C 470 22.36 31.86 -11.66
N GLY C 471 22.28 30.57 -11.89
CA GLY C 471 21.04 29.88 -12.09
C GLY C 471 20.79 29.01 -10.89
N GLY C 472 20.01 27.99 -11.10
CA GLY C 472 19.64 27.05 -10.07
C GLY C 472 18.48 26.28 -10.62
N GLY C 473 18.01 25.28 -9.90
CA GLY C 473 16.90 24.50 -10.41
C GLY C 473 16.72 23.22 -9.65
N ASP C 474 15.91 22.37 -10.20
CA ASP C 474 15.57 21.09 -9.62
C ASP C 474 16.85 20.29 -9.41
N MET C 475 16.89 19.57 -8.29
CA MET C 475 18.04 18.75 -7.89
C MET C 475 18.50 17.76 -8.95
N ARG C 476 17.61 17.42 -9.87
CA ARG C 476 17.96 16.52 -10.92
C ARG C 476 19.17 16.98 -11.71
N ASP C 477 19.35 18.29 -11.87
CA ASP C 477 20.48 18.77 -12.62
C ASP C 477 21.79 18.56 -11.90
N ASN C 478 21.78 18.41 -10.58
CA ASN C 478 23.05 18.20 -9.92
C ASN C 478 23.47 16.76 -10.12
N TRP C 479 22.51 15.85 -10.07
CA TRP C 479 22.87 14.45 -10.24
C TRP C 479 23.30 14.18 -11.63
N ARG C 480 22.77 14.98 -12.54
CA ARG C 480 23.04 14.88 -13.93
C ARG C 480 24.54 15.07 -14.18
N SER C 481 25.27 15.71 -13.26
CA SER C 481 26.68 15.90 -13.45
C SER C 481 27.42 14.58 -13.31
N GLU C 482 27.34 13.90 -12.18
CA GLU C 482 28.08 12.65 -12.10
C GLU C 482 27.49 11.52 -12.93
N LEU C 483 26.22 11.60 -13.29
CA LEU C 483 25.61 10.56 -14.12
C LEU C 483 25.90 10.78 -15.59
N TYR C 484 26.63 11.83 -15.87
CA TYR C 484 27.04 12.24 -17.18
C TYR C 484 27.65 11.14 -18.01
N LYS C 485 28.51 10.35 -17.39
CA LYS C 485 29.23 9.32 -18.10
C LYS C 485 28.50 7.99 -18.22
N TYR C 486 27.30 7.83 -17.65
CA TYR C 486 26.69 6.49 -17.66
C TYR C 486 25.41 6.30 -18.47
N LYS C 487 25.31 5.13 -19.10
CA LYS C 487 24.13 4.69 -19.84
C LYS C 487 23.74 3.25 -19.55
N VAL C 488 22.45 2.93 -19.51
CA VAL C 488 22.09 1.52 -19.29
C VAL C 488 21.36 0.90 -20.46
N VAL C 489 21.79 -0.32 -20.79
CA VAL C 489 21.21 -1.04 -21.90
C VAL C 489 20.76 -2.44 -21.54
N LYS C 490 19.83 -2.95 -22.34
CA LYS C 490 19.30 -4.30 -22.22
C LYS C 490 20.05 -5.23 -23.12
N ILE C 491 20.31 -6.42 -22.66
CA ILE C 491 21.02 -7.41 -23.45
C ILE C 491 20.06 -8.25 -24.26
N GLU C 492 20.36 -8.41 -25.55
CA GLU C 492 19.52 -9.20 -26.47
C GLU C 492 20.27 -10.38 -27.10
N PRO C 493 20.31 -11.55 -26.46
CA PRO C 493 21.04 -12.75 -26.83
C PRO C 493 20.68 -13.43 -28.14
N LEU C 494 19.53 -13.16 -28.73
CA LEU C 494 19.23 -13.85 -29.97
C LEU C 494 19.57 -13.07 -31.21
N GLY C 495 19.98 -13.79 -32.24
CA GLY C 495 20.21 -13.18 -33.53
C GLY C 495 20.16 -14.19 -34.66
N VAL C 496 20.05 -13.66 -35.86
CA VAL C 496 19.90 -14.44 -37.07
C VAL C 496 20.88 -13.93 -38.13
N ALA C 497 21.46 -14.84 -38.90
CA ALA C 497 22.37 -14.46 -39.97
C ALA C 497 22.34 -15.53 -41.08
N PRO C 498 22.73 -15.22 -42.33
CA PRO C 498 22.88 -16.15 -43.43
C PRO C 498 24.13 -17.01 -43.28
N THR C 499 24.06 -18.24 -43.78
CA THR C 499 25.23 -19.12 -43.85
C THR C 499 25.19 -20.13 -44.97
N ARG C 500 26.20 -20.99 -45.02
CA ARG C 500 26.28 -22.04 -46.05
C ARG C 500 25.45 -23.32 -45.78
N CYS C 501 25.30 -23.70 -44.48
CA CYS C 501 24.69 -24.96 -44.04
C CYS C 501 23.17 -24.96 -44.06
N LYS C 502 22.62 -26.14 -44.27
CA LYS C 502 21.21 -26.40 -44.12
C LYS C 502 21.12 -27.34 -42.97
N ARG C 503 20.07 -27.28 -42.20
CA ARG C 503 19.91 -28.23 -41.12
C ARG C 503 19.98 -29.65 -41.63
N ARG C 504 20.75 -30.48 -40.93
CA ARG C 504 20.88 -31.87 -41.30
C ARG C 504 19.57 -32.58 -40.98
N VAL C 505 19.03 -33.37 -41.94
CA VAL C 505 17.77 -34.13 -41.77
C VAL C 505 18.02 -35.56 -42.28
N SER D 519 40.34 -14.46 -22.55
CA SER D 519 38.94 -14.10 -22.76
C SER D 519 38.64 -12.79 -21.99
N LEU D 520 38.05 -11.79 -22.67
CA LEU D 520 37.67 -10.49 -22.12
C LEU D 520 36.48 -10.51 -21.18
N GLY D 521 35.55 -11.44 -21.39
CA GLY D 521 34.37 -11.51 -20.55
C GLY D 521 33.14 -10.94 -21.23
N PHE D 522 32.13 -10.64 -20.44
CA PHE D 522 30.83 -10.29 -20.96
C PHE D 522 30.88 -9.03 -21.81
N LEU D 523 30.36 -9.15 -23.02
CA LEU D 523 30.33 -8.12 -24.05
C LEU D 523 31.71 -7.65 -24.47
N GLY D 524 32.75 -8.40 -24.13
CA GLY D 524 34.11 -8.03 -24.52
C GLY D 524 34.25 -8.33 -26.00
N ALA D 525 33.29 -9.10 -26.49
CA ALA D 525 33.16 -9.54 -27.86
C ALA D 525 32.47 -8.50 -28.71
N ALA D 526 32.10 -7.37 -28.12
CA ALA D 526 31.40 -6.36 -28.87
C ALA D 526 32.18 -5.92 -30.11
N GLY D 527 33.50 -5.89 -30.03
CA GLY D 527 34.34 -5.49 -31.16
C GLY D 527 34.76 -6.67 -32.05
N SER D 528 34.30 -7.86 -31.74
CA SER D 528 34.67 -9.06 -32.47
C SER D 528 33.81 -9.18 -33.69
N THR D 529 34.31 -9.89 -34.68
CA THR D 529 33.51 -10.07 -35.85
C THR D 529 32.46 -11.06 -35.51
N MET D 530 31.45 -11.15 -36.33
CA MET D 530 30.37 -12.06 -36.07
C MET D 530 30.86 -13.49 -35.95
N GLY D 531 31.79 -13.85 -36.81
CA GLY D 531 32.36 -15.18 -36.77
C GLY D 531 33.15 -15.39 -35.50
N ALA D 532 34.05 -14.46 -35.18
CA ALA D 532 34.91 -14.60 -34.02
C ALA D 532 34.11 -14.68 -32.72
N ALA D 533 33.02 -13.93 -32.69
CA ALA D 533 32.14 -13.79 -31.55
C ALA D 533 31.39 -15.06 -31.25
N SER D 534 31.37 -16.01 -32.17
CA SER D 534 30.61 -17.21 -31.89
C SER D 534 31.20 -17.97 -30.72
N MET D 535 32.47 -17.74 -30.42
CA MET D 535 33.06 -18.51 -29.34
C MET D 535 32.89 -17.87 -27.99
N THR D 536 32.17 -16.77 -27.94
CA THR D 536 31.92 -16.11 -26.69
C THR D 536 30.45 -16.24 -26.35
N LEU D 537 29.69 -17.01 -27.13
CA LEU D 537 28.25 -17.09 -26.87
C LEU D 537 27.98 -17.64 -25.47
N THR D 538 28.84 -18.52 -25.00
CA THR D 538 28.68 -19.11 -23.70
C THR D 538 28.78 -18.08 -22.57
N VAL D 539 29.69 -17.08 -22.67
CA VAL D 539 29.80 -16.16 -21.54
C VAL D 539 28.59 -15.29 -21.52
N GLN D 540 28.09 -14.98 -22.71
CA GLN D 540 26.95 -14.13 -22.76
C GLN D 540 25.76 -14.83 -22.13
N ALA D 541 25.65 -16.15 -22.33
CA ALA D 541 24.57 -16.93 -21.75
C ALA D 541 24.65 -16.98 -20.22
N ARG D 542 25.86 -17.10 -19.69
CA ARG D 542 26.03 -17.22 -18.24
C ARG D 542 25.56 -15.99 -17.48
N ASN D 543 25.68 -14.83 -18.10
CA ASN D 543 25.34 -13.58 -17.44
C ASN D 543 23.90 -13.15 -17.59
N LEU D 544 23.05 -14.04 -18.08
CA LEU D 544 21.65 -13.69 -18.19
C LEU D 544 20.91 -14.01 -16.91
N LEU D 545 21.38 -14.96 -16.13
CA LEU D 545 20.72 -15.29 -14.89
C LEU D 545 21.48 -14.63 -13.76
N SER D 546 20.74 -14.27 -12.72
CA SER D 546 21.28 -13.62 -11.54
C SER D 546 22.09 -14.54 -10.67
N GLY D 547 22.85 -13.91 -9.79
CA GLY D 547 23.66 -14.58 -8.80
C GLY D 547 24.46 -13.50 -8.09
N ASP D 568 11.00 -1.85 4.46
CA ASP D 568 10.64 -1.04 3.31
C ASP D 568 9.89 -1.91 2.28
N THR D 569 8.53 -1.77 2.28
CA THR D 569 7.60 -2.52 1.42
C THR D 569 7.78 -2.20 -0.05
N HIS D 570 7.95 -0.94 -0.38
CA HIS D 570 8.06 -0.59 -1.78
C HIS D 570 9.36 -1.06 -2.34
N TRP D 571 10.43 -0.95 -1.56
CA TRP D 571 11.70 -1.40 -2.08
C TRP D 571 11.65 -2.89 -2.34
N GLY D 572 11.08 -3.66 -1.41
CA GLY D 572 11.01 -5.09 -1.61
C GLY D 572 10.23 -5.44 -2.86
N ILE D 573 9.15 -4.72 -3.13
CA ILE D 573 8.38 -5.01 -4.32
C ILE D 573 9.19 -4.72 -5.55
N LYS D 574 9.89 -3.60 -5.60
CA LYS D 574 10.67 -3.29 -6.76
C LYS D 574 11.71 -4.36 -7.05
N GLN D 575 12.32 -4.89 -6.01
CA GLN D 575 13.33 -5.90 -6.26
C GLN D 575 12.71 -7.19 -6.77
N LEU D 576 11.52 -7.53 -6.26
CA LEU D 576 10.88 -8.71 -6.78
C LEU D 576 10.49 -8.53 -8.22
N GLN D 577 10.06 -7.34 -8.58
CA GLN D 577 9.67 -7.15 -9.95
C GLN D 577 10.84 -7.34 -10.85
N ALA D 578 12.00 -6.84 -10.44
CA ALA D 578 13.18 -6.99 -11.26
C ALA D 578 13.55 -8.45 -11.46
N ARG D 579 13.44 -9.24 -10.40
CA ARG D 579 13.81 -10.64 -10.53
C ARG D 579 12.85 -11.39 -11.42
N VAL D 580 11.57 -11.09 -11.27
CA VAL D 580 10.60 -11.80 -12.07
C VAL D 580 10.76 -11.49 -13.51
N LEU D 581 10.97 -10.23 -13.86
CA LEU D 581 11.10 -9.90 -15.24
C LEU D 581 12.31 -10.54 -15.84
N ALA D 582 13.43 -10.60 -15.12
CA ALA D 582 14.58 -11.23 -15.71
C ALA D 582 14.28 -12.68 -16.04
N VAL D 583 13.54 -13.34 -15.16
CA VAL D 583 13.17 -14.71 -15.42
C VAL D 583 12.29 -14.81 -16.62
N GLU D 584 11.31 -13.92 -16.74
CA GLU D 584 10.43 -14.00 -17.88
C GLU D 584 11.17 -13.84 -19.18
N HIS D 585 12.16 -12.96 -19.22
CA HIS D 585 12.86 -12.79 -20.46
C HIS D 585 13.66 -14.03 -20.78
N TYR D 586 14.28 -14.60 -19.77
CA TYR D 586 15.07 -15.79 -19.98
C TYR D 586 14.22 -16.89 -20.56
N LEU D 587 13.07 -17.13 -19.93
CA LEU D 587 12.22 -18.20 -20.37
C LEU D 587 11.69 -17.94 -21.74
N ARG D 588 11.38 -16.70 -22.10
CA ARG D 588 10.84 -16.51 -23.41
C ARG D 588 11.84 -16.90 -24.46
N ASP D 589 13.11 -16.57 -24.26
CA ASP D 589 14.08 -16.94 -25.26
C ASP D 589 14.21 -18.43 -25.34
N GLN D 590 14.17 -19.11 -24.21
CA GLN D 590 14.32 -20.54 -24.27
C GLN D 590 13.13 -21.19 -24.93
N GLN D 591 11.93 -20.66 -24.70
CA GLN D 591 10.77 -21.26 -25.30
C GLN D 591 10.86 -21.18 -26.80
N LEU D 592 11.30 -20.03 -27.31
CA LEU D 592 11.39 -19.85 -28.73
C LEU D 592 12.43 -20.75 -29.35
N LEU D 593 13.55 -20.96 -28.67
CA LEU D 593 14.53 -21.86 -29.24
C LEU D 593 13.92 -23.24 -29.35
N GLY D 594 13.10 -23.60 -28.37
CA GLY D 594 12.41 -24.88 -28.39
C GLY D 594 11.49 -24.95 -29.61
N ILE D 595 10.70 -23.92 -29.82
CA ILE D 595 9.72 -23.85 -30.90
C ILE D 595 10.38 -23.93 -32.25
N TRP D 596 11.50 -23.30 -32.40
CA TRP D 596 12.21 -23.28 -33.64
C TRP D 596 13.09 -24.51 -33.86
N GLY D 597 13.15 -25.40 -32.87
CA GLY D 597 13.97 -26.61 -32.93
C GLY D 597 15.48 -26.48 -32.70
N CYS D 598 15.94 -25.41 -32.02
CA CYS D 598 17.37 -25.13 -31.77
C CYS D 598 17.70 -25.21 -30.28
N SER D 599 16.83 -25.86 -29.52
CA SER D 599 17.07 -25.99 -28.10
C SER D 599 18.34 -26.75 -27.82
N GLY D 600 19.10 -26.28 -26.84
CA GLY D 600 20.32 -26.93 -26.42
C GLY D 600 21.54 -26.50 -27.23
N LYS D 601 21.34 -25.66 -28.24
CA LYS D 601 22.43 -25.21 -29.07
C LYS D 601 22.72 -23.75 -28.87
N LEU D 602 23.96 -23.36 -29.16
CA LEU D 602 24.27 -21.94 -29.18
C LEU D 602 24.29 -21.53 -30.64
N ILE D 603 24.67 -22.48 -31.48
CA ILE D 603 24.75 -22.30 -32.91
C ILE D 603 23.83 -23.34 -33.56
N CYS D 604 22.87 -22.92 -34.43
CA CYS D 604 21.91 -23.84 -35.06
C CYS D 604 21.63 -23.53 -36.53
N CYS D 605 21.74 -24.57 -37.36
CA CYS D 605 21.41 -24.45 -38.78
C CYS D 605 19.94 -24.78 -38.85
N THR D 606 19.21 -24.07 -39.71
CA THR D 606 17.79 -24.35 -39.84
C THR D 606 17.55 -24.84 -41.25
N ASN D 607 16.32 -25.24 -41.53
CA ASN D 607 15.95 -25.69 -42.86
C ASN D 607 15.16 -24.62 -43.60
N VAL D 608 15.37 -23.37 -43.20
CA VAL D 608 14.77 -22.22 -43.83
C VAL D 608 15.85 -21.51 -44.65
N PRO D 609 15.68 -21.33 -45.96
CA PRO D 609 16.62 -20.70 -46.87
C PRO D 609 16.67 -19.23 -46.57
N TRP D 610 17.79 -18.61 -46.89
CA TRP D 610 17.92 -17.18 -46.68
C TRP D 610 17.28 -16.40 -47.83
N ASN D 611 16.50 -15.35 -47.49
CA ASN D 611 15.85 -14.43 -48.42
C ASN D 611 16.70 -13.16 -48.61
N SER D 612 17.12 -12.90 -49.87
CA SER D 612 17.97 -11.77 -50.29
C SER D 612 17.25 -10.43 -50.10
N SER D 613 15.92 -10.50 -49.94
CA SER D 613 15.16 -9.29 -49.70
C SER D 613 15.43 -8.76 -48.30
N TRP D 614 15.92 -9.62 -47.40
CA TRP D 614 16.20 -9.18 -46.05
C TRP D 614 17.56 -8.55 -46.07
N SER D 615 18.46 -9.24 -46.72
CA SER D 615 19.83 -8.78 -46.86
C SER D 615 20.52 -9.42 -48.03
N ASN D 616 21.21 -8.61 -48.81
CA ASN D 616 21.97 -9.10 -49.95
C ASN D 616 23.35 -8.48 -49.92
N ARG D 617 24.24 -9.18 -49.25
CA ARG D 617 25.61 -8.78 -49.00
C ARG D 617 26.50 -10.01 -49.20
N ASN D 618 27.81 -9.81 -49.42
CA ASN D 618 28.82 -10.87 -49.48
C ASN D 618 28.91 -11.59 -48.13
N LEU D 619 28.88 -12.95 -48.13
CA LEU D 619 28.90 -13.76 -46.90
C LEU D 619 30.18 -13.56 -46.10
N SER D 620 31.29 -13.39 -46.81
CA SER D 620 32.55 -13.17 -46.15
C SER D 620 32.58 -11.81 -45.47
N GLU D 621 31.86 -10.83 -46.02
CA GLU D 621 31.86 -9.53 -45.38
C GLU D 621 31.05 -9.60 -44.12
N ILE D 622 29.97 -10.38 -44.17
CA ILE D 622 29.13 -10.50 -43.01
C ILE D 622 29.83 -11.14 -41.86
N TRP D 623 30.52 -12.24 -42.11
CA TRP D 623 31.14 -12.91 -40.99
C TRP D 623 32.50 -12.39 -40.54
N ASP D 624 33.31 -11.89 -41.47
CA ASP D 624 34.64 -11.42 -41.16
C ASP D 624 34.81 -9.91 -41.00
N ASN D 625 33.94 -9.10 -41.61
CA ASN D 625 34.16 -7.66 -41.58
C ASN D 625 33.02 -6.90 -40.89
N MET D 626 32.24 -7.59 -40.09
CA MET D 626 31.17 -6.99 -39.32
C MET D 626 31.10 -7.61 -37.96
N THR D 627 30.66 -6.84 -36.98
CA THR D 627 30.42 -7.31 -35.62
C THR D 627 28.93 -7.60 -35.50
N TRP D 628 28.50 -8.28 -34.43
CA TRP D 628 27.07 -8.55 -34.28
C TRP D 628 26.23 -7.32 -34.02
N LEU D 629 26.82 -6.32 -33.38
CA LEU D 629 26.06 -5.12 -33.10
C LEU D 629 25.82 -4.41 -34.41
N GLN D 630 26.84 -4.38 -35.26
CA GLN D 630 26.71 -3.73 -36.54
C GLN D 630 25.71 -4.45 -37.40
N TRP D 631 25.72 -5.78 -37.32
CA TRP D 631 24.83 -6.63 -38.06
C TRP D 631 23.40 -6.39 -37.67
N ASP D 632 23.16 -6.31 -36.37
CA ASP D 632 21.82 -6.09 -35.93
C ASP D 632 21.32 -4.77 -36.48
N LYS D 633 22.18 -3.75 -36.41
CA LYS D 633 21.84 -2.43 -36.92
C LYS D 633 21.67 -2.43 -38.43
N GLU D 634 22.46 -3.25 -39.12
CA GLU D 634 22.40 -3.35 -40.57
C GLU D 634 21.02 -3.81 -40.99
N ILE D 635 20.42 -4.74 -40.25
CA ILE D 635 19.09 -5.14 -40.67
C ILE D 635 18.01 -4.48 -39.82
N SER D 636 17.98 -4.74 -38.51
CA SER D 636 16.95 -4.16 -37.64
C SER D 636 15.51 -4.24 -38.21
N ASN D 637 15.19 -5.40 -38.81
CA ASN D 637 13.94 -5.65 -39.59
C ASN D 637 13.64 -7.15 -39.67
N TYR D 638 12.48 -7.49 -40.27
CA TYR D 638 12.06 -8.84 -40.73
C TYR D 638 12.07 -9.88 -39.63
N THR D 639 12.03 -9.42 -38.41
CA THR D 639 12.09 -10.28 -37.25
C THR D 639 10.94 -11.24 -37.19
N GLN D 640 9.76 -10.74 -37.46
CA GLN D 640 8.56 -11.55 -37.37
C GLN D 640 8.48 -12.50 -38.53
N ILE D 641 9.01 -12.08 -39.68
CA ILE D 641 8.97 -12.94 -40.84
C ILE D 641 9.81 -14.15 -40.56
N ILE D 642 11.00 -13.91 -40.06
CA ILE D 642 11.90 -14.98 -39.82
C ILE D 642 11.35 -15.89 -38.77
N TYR D 643 10.82 -15.34 -37.71
CA TYR D 643 10.32 -16.21 -36.68
C TYR D 643 9.17 -17.05 -37.21
N GLY D 644 8.29 -16.46 -38.02
CA GLY D 644 7.19 -17.25 -38.55
C GLY D 644 7.69 -18.41 -39.39
N LEU D 645 8.74 -18.16 -40.18
CA LEU D 645 9.29 -19.22 -41.00
C LEU D 645 9.88 -20.32 -40.16
N LEU D 646 10.54 -19.95 -39.06
CA LEU D 646 11.13 -20.94 -38.20
C LEU D 646 10.07 -21.76 -37.50
N GLU D 647 8.97 -21.12 -37.11
CA GLU D 647 7.93 -21.84 -36.42
C GLU D 647 7.33 -22.88 -37.33
N GLU D 648 7.09 -22.51 -38.58
CA GLU D 648 6.49 -23.47 -39.45
C GLU D 648 7.44 -24.54 -39.89
N SER D 649 8.70 -24.21 -40.14
CA SER D 649 9.54 -25.27 -40.63
C SER D 649 9.70 -26.33 -39.56
N GLN D 650 9.65 -25.94 -38.27
CA GLN D 650 9.73 -26.92 -37.22
C GLN D 650 8.45 -27.73 -37.19
N ASN D 651 7.30 -27.10 -37.45
CA ASN D 651 6.04 -27.84 -37.45
C ASN D 651 6.04 -28.90 -38.54
N GLN D 652 6.62 -28.57 -39.69
CA GLN D 652 6.65 -29.51 -40.79
C GLN D 652 7.55 -30.66 -40.44
N GLN D 653 8.66 -30.37 -39.78
CA GLN D 653 9.55 -31.44 -39.45
C GLN D 653 8.96 -32.38 -38.42
N GLU D 654 8.28 -31.86 -37.41
CA GLU D 654 7.78 -32.77 -36.41
C GLU D 654 6.61 -33.60 -36.90
N LYS D 655 5.76 -33.05 -37.78
CA LYS D 655 4.67 -33.88 -38.20
C LYS D 655 5.17 -34.97 -39.14
N ASN D 656 6.25 -34.68 -39.89
CA ASN D 656 6.74 -35.68 -40.80
C ASN D 656 7.37 -36.81 -40.03
N GLU D 657 8.04 -36.49 -38.93
CA GLU D 657 8.65 -37.52 -38.12
C GLU D 657 7.59 -38.40 -37.51
N GLN D 658 6.46 -37.80 -37.10
CA GLN D 658 5.39 -38.58 -36.50
C GLN D 658 4.82 -39.59 -37.48
N ASP D 659 4.66 -39.18 -38.73
CA ASP D 659 4.10 -40.13 -39.68
C ASP D 659 5.07 -41.26 -39.95
N LEU D 660 6.34 -40.92 -40.06
CA LEU D 660 7.31 -41.95 -40.36
C LEU D 660 7.45 -42.93 -39.24
N LEU D 661 7.41 -42.46 -38.01
CA LEU D 661 7.58 -43.38 -36.92
C LEU D 661 6.39 -44.31 -36.80
N GLU D 662 5.16 -43.82 -37.02
CA GLU D 662 4.01 -44.73 -36.94
C GLU D 662 4.14 -45.80 -38.01
N LEU D 663 4.63 -45.44 -39.20
CA LEU D 663 4.84 -46.45 -40.25
C LEU D 663 5.92 -47.49 -39.85
N ASP D 664 7.02 -47.04 -39.18
CA ASP D 664 8.15 -47.83 -38.66
C ASP D 664 9.10 -46.87 -37.92
N ASN E 35 -1.73 -53.48 -29.88
CA ASN E 35 -0.43 -52.99 -30.35
C ASN E 35 -0.42 -51.43 -30.30
N LEU E 36 -0.76 -50.87 -29.12
CA LEU E 36 -0.81 -49.43 -28.83
C LEU E 36 0.07 -49.03 -27.67
N TRP E 37 0.59 -47.81 -27.80
CA TRP E 37 1.42 -47.16 -26.75
C TRP E 37 0.83 -45.79 -26.44
N VAL E 38 1.40 -45.10 -25.45
CA VAL E 38 1.01 -43.77 -25.08
C VAL E 38 1.71 -42.71 -25.93
N THR E 39 0.92 -41.77 -26.43
CA THR E 39 1.42 -40.62 -27.14
C THR E 39 1.17 -39.39 -26.29
N VAL E 40 2.20 -38.59 -26.16
CA VAL E 40 2.21 -37.41 -25.33
C VAL E 40 2.17 -36.11 -26.12
N TYR E 41 1.20 -35.27 -25.77
CA TYR E 41 1.03 -34.01 -26.45
C TYR E 41 1.12 -32.80 -25.56
N TYR E 42 1.75 -31.78 -26.09
CA TYR E 42 1.83 -30.47 -25.47
C TYR E 42 1.17 -29.40 -26.33
N GLY E 43 0.39 -28.52 -25.70
CA GLY E 43 -0.30 -27.46 -26.44
C GLY E 43 -1.72 -27.91 -26.77
N VAL E 44 -2.22 -28.86 -26.00
CA VAL E 44 -3.53 -29.44 -26.16
C VAL E 44 -4.64 -28.44 -25.80
N PRO E 45 -5.65 -28.18 -26.66
CA PRO E 45 -6.71 -27.19 -26.47
C PRO E 45 -7.79 -27.57 -25.49
N VAL E 46 -7.41 -27.73 -24.24
CA VAL E 46 -8.36 -28.08 -23.19
C VAL E 46 -8.23 -27.14 -22.00
N TRP E 47 -9.26 -27.12 -21.16
CA TRP E 47 -9.26 -26.26 -19.99
C TRP E 47 -10.14 -26.72 -18.85
N LYS E 48 -9.95 -26.06 -17.71
CA LYS E 48 -10.72 -26.30 -16.49
C LYS E 48 -11.29 -25.04 -15.87
N ASP E 49 -12.42 -25.18 -15.19
CA ASP E 49 -12.96 -24.03 -14.48
C ASP E 49 -11.94 -23.61 -13.46
N ALA E 50 -11.62 -22.32 -13.34
CA ALA E 50 -10.66 -22.00 -12.28
C ALA E 50 -10.73 -20.56 -11.83
N GLU E 51 -10.59 -20.35 -10.53
CA GLU E 51 -10.51 -19.03 -9.99
C GLU E 51 -9.11 -18.47 -10.16
N THR E 52 -9.05 -17.20 -10.47
CA THR E 52 -7.81 -16.46 -10.58
C THR E 52 -8.23 -15.03 -10.57
N THR E 53 -7.33 -14.12 -10.28
CA THR E 53 -7.74 -12.74 -10.41
C THR E 53 -7.49 -12.25 -11.82
N LEU E 54 -8.23 -11.25 -12.20
CA LEU E 54 -8.09 -10.56 -13.47
C LEU E 54 -7.47 -9.22 -13.24
N PHE E 55 -6.85 -8.65 -14.25
CA PHE E 55 -6.33 -7.32 -14.02
C PHE E 55 -7.29 -6.33 -14.65
N CYS E 56 -7.28 -5.09 -14.13
CA CYS E 56 -8.13 -4.00 -14.57
C CYS E 56 -7.45 -3.15 -15.64
N ALA E 57 -8.19 -2.91 -16.71
CA ALA E 57 -7.73 -2.07 -17.79
C ALA E 57 -8.81 -1.03 -18.16
N SER E 58 -8.38 0.08 -18.71
CA SER E 58 -9.28 1.16 -19.13
C SER E 58 -8.85 1.76 -20.46
N ASP E 59 -9.67 2.63 -21.03
CA ASP E 59 -9.29 3.21 -22.31
C ASP E 59 -8.41 4.44 -22.16
N ALA E 60 -8.16 5.11 -23.28
CA ALA E 60 -7.27 6.26 -23.34
C ALA E 60 -7.90 7.60 -22.99
N LYS E 61 -9.17 7.64 -22.64
CA LYS E 61 -9.78 8.94 -22.39
C LYS E 61 -9.43 9.53 -21.01
N LYS E 67 -8.06 15.74 -14.62
CA LYS E 67 -8.67 14.42 -14.76
C LYS E 67 -9.22 13.97 -13.39
N HIS E 68 -8.37 13.34 -12.53
CA HIS E 68 -8.64 12.85 -11.16
C HIS E 68 -9.82 11.88 -11.04
N ASN E 69 -9.94 10.99 -11.99
CA ASN E 69 -10.97 9.98 -11.96
C ASN E 69 -10.42 8.79 -11.25
N VAL E 70 -11.05 8.40 -10.17
CA VAL E 70 -10.54 7.35 -9.32
C VAL E 70 -10.41 6.02 -10.01
N TRP E 71 -11.29 5.72 -10.93
CA TRP E 71 -11.26 4.43 -11.56
C TRP E 71 -10.09 4.38 -12.48
N ALA E 72 -9.95 5.46 -13.24
CA ALA E 72 -8.89 5.57 -14.21
C ALA E 72 -7.53 5.63 -13.55
N THR E 73 -7.47 6.27 -12.41
CA THR E 73 -6.21 6.41 -11.71
C THR E 73 -5.76 5.05 -11.29
N HIS E 74 -6.66 4.25 -10.75
CA HIS E 74 -6.23 2.92 -10.38
C HIS E 74 -5.88 2.06 -11.61
N CYS E 75 -6.78 2.03 -12.61
CA CYS E 75 -6.70 1.17 -13.79
C CYS E 75 -5.89 1.87 -14.87
N CYS E 76 -4.60 2.01 -14.57
CA CYS E 76 -3.68 2.68 -15.46
C CYS E 76 -3.28 1.86 -16.67
N VAL E 77 -3.60 0.59 -16.66
CA VAL E 77 -3.29 -0.27 -17.77
C VAL E 77 -4.28 0.02 -18.88
N PRO E 78 -3.84 0.37 -20.09
CA PRO E 78 -4.70 0.66 -21.19
C PRO E 78 -5.27 -0.62 -21.74
N THR E 79 -6.42 -0.54 -22.35
CA THR E 79 -6.93 -1.66 -23.09
C THR E 79 -6.31 -1.64 -24.46
N ASP E 80 -6.36 -2.77 -25.14
CA ASP E 80 -5.89 -2.81 -26.50
C ASP E 80 -6.82 -2.02 -27.39
N PRO E 81 -6.32 -1.33 -28.44
CA PRO E 81 -7.08 -0.63 -29.45
C PRO E 81 -7.78 -1.60 -30.40
N ASN E 82 -7.35 -2.85 -30.34
CA ASN E 82 -7.84 -3.88 -31.21
C ASN E 82 -8.04 -5.16 -30.40
N PRO E 83 -9.23 -5.41 -29.85
CA PRO E 83 -9.60 -6.56 -29.04
C PRO E 83 -9.81 -7.77 -29.91
N GLN E 84 -9.70 -8.96 -29.34
CA GLN E 84 -9.98 -10.16 -30.09
C GLN E 84 -11.12 -10.93 -29.52
N GLU E 85 -11.77 -11.67 -30.39
CA GLU E 85 -12.79 -12.61 -30.04
C GLU E 85 -12.78 -13.72 -31.04
N ILE E 86 -12.68 -14.95 -30.56
CA ILE E 86 -12.71 -16.06 -31.49
C ILE E 86 -13.90 -16.94 -31.27
N HIS E 87 -14.78 -16.98 -32.25
CA HIS E 87 -15.93 -17.85 -32.10
C HIS E 87 -15.48 -19.27 -32.27
N LEU E 88 -15.98 -20.14 -31.42
CA LEU E 88 -15.58 -21.53 -31.48
C LEU E 88 -16.63 -22.39 -32.14
N GLU E 89 -16.25 -23.07 -33.21
CA GLU E 89 -17.20 -23.93 -33.89
C GLU E 89 -17.29 -25.22 -33.09
N ASN E 90 -18.48 -25.88 -33.10
CA ASN E 90 -18.76 -27.18 -32.45
C ASN E 90 -18.33 -27.17 -30.96
N VAL E 91 -18.73 -26.09 -30.25
CA VAL E 91 -18.43 -25.78 -28.87
C VAL E 91 -19.65 -25.84 -28.01
N THR E 92 -19.46 -26.24 -26.79
CA THR E 92 -20.52 -26.20 -25.83
C THR E 92 -19.85 -25.87 -24.55
N GLU E 93 -20.54 -25.19 -23.66
CA GLU E 93 -19.98 -24.87 -22.36
C GLU E 93 -21.11 -24.71 -21.35
N GLU E 94 -20.77 -24.49 -20.09
CA GLU E 94 -21.79 -24.25 -19.07
C GLU E 94 -21.45 -23.07 -18.21
N PHE E 95 -22.41 -22.19 -18.04
CA PHE E 95 -22.21 -20.99 -17.26
C PHE E 95 -23.10 -20.99 -16.02
N ASN E 96 -22.59 -20.43 -14.93
CA ASN E 96 -23.41 -20.32 -13.73
C ASN E 96 -23.10 -19.02 -13.03
N MET E 97 -23.89 -18.02 -13.34
CA MET E 97 -23.67 -16.67 -12.85
C MET E 97 -23.87 -16.53 -11.36
N TRP E 98 -24.46 -17.52 -10.75
CA TRP E 98 -24.73 -17.40 -9.35
C TRP E 98 -23.52 -17.82 -8.53
N LYS E 99 -22.55 -18.42 -9.20
CA LYS E 99 -21.34 -18.93 -8.60
C LYS E 99 -20.21 -18.45 -9.48
N ASN E 100 -19.88 -17.17 -9.36
CA ASN E 100 -18.97 -16.60 -10.32
C ASN E 100 -18.00 -15.64 -9.65
N ASN E 101 -16.75 -16.07 -9.60
CA ASN E 101 -15.73 -15.34 -8.87
C ASN E 101 -15.36 -14.03 -9.52
N MET E 102 -15.84 -13.80 -10.73
CA MET E 102 -15.55 -12.53 -11.39
C MET E 102 -16.30 -11.45 -10.65
N VAL E 103 -17.47 -11.80 -10.13
CA VAL E 103 -18.31 -10.86 -9.44
C VAL E 103 -17.68 -10.62 -8.11
N GLU E 104 -17.23 -11.71 -7.50
CA GLU E 104 -16.63 -11.60 -6.20
C GLU E 104 -15.40 -10.73 -6.26
N GLN E 105 -14.60 -10.87 -7.31
CA GLN E 105 -13.43 -10.03 -7.40
C GLN E 105 -13.84 -8.60 -7.59
N MET E 106 -14.81 -8.34 -8.44
CA MET E 106 -15.17 -6.95 -8.65
C MET E 106 -15.55 -6.32 -7.35
N HIS E 107 -16.28 -7.05 -6.53
CA HIS E 107 -16.69 -6.51 -5.27
C HIS E 107 -15.49 -6.27 -4.39
N THR E 108 -14.62 -7.22 -4.28
CA THR E 108 -13.51 -7.02 -3.38
C THR E 108 -12.68 -5.81 -3.79
N ASP E 109 -12.43 -5.67 -5.07
CA ASP E 109 -11.61 -4.58 -5.53
C ASP E 109 -12.30 -3.25 -5.46
N ILE E 110 -13.60 -3.20 -5.68
CA ILE E 110 -14.25 -1.91 -5.64
C ILE E 110 -14.24 -1.38 -4.23
N ILE E 111 -14.34 -2.27 -3.23
CA ILE E 111 -14.34 -1.80 -1.87
C ILE E 111 -12.97 -1.27 -1.57
N SER E 112 -11.95 -2.03 -1.96
CA SER E 112 -10.61 -1.59 -1.66
C SER E 112 -10.33 -0.27 -2.29
N LEU E 113 -10.68 -0.10 -3.55
CA LEU E 113 -10.35 1.15 -4.16
C LEU E 113 -11.01 2.29 -3.45
N TRP E 114 -12.26 2.11 -3.09
CA TRP E 114 -12.96 3.17 -2.43
C TRP E 114 -12.19 3.60 -1.19
N ASP E 115 -11.83 2.63 -0.36
CA ASP E 115 -11.13 2.98 0.86
C ASP E 115 -9.77 3.55 0.63
N GLN E 116 -9.05 3.08 -0.39
CA GLN E 116 -7.72 3.62 -0.60
C GLN E 116 -7.82 5.06 -1.01
N SER E 117 -8.86 5.37 -1.75
CA SER E 117 -9.04 6.70 -2.27
C SER E 117 -9.23 7.72 -1.18
N LEU E 118 -9.83 7.31 -0.07
CA LEU E 118 -10.06 8.24 1.01
C LEU E 118 -8.91 8.31 2.00
N LYS E 119 -7.89 7.49 1.84
CA LYS E 119 -6.83 7.49 2.82
C LYS E 119 -6.16 8.82 3.06
N PRO E 120 -5.81 9.62 2.03
CA PRO E 120 -5.13 10.88 2.19
C PRO E 120 -6.01 12.09 2.47
N CYS E 121 -7.34 11.90 2.70
CA CYS E 121 -8.28 13.00 2.85
C CYS E 121 -8.37 13.44 4.30
N VAL E 122 -8.74 14.70 4.51
CA VAL E 122 -8.85 15.23 5.87
C VAL E 122 -9.91 14.52 6.67
N LYS E 123 -9.57 14.22 7.92
CA LYS E 123 -10.47 13.55 8.82
C LYS E 123 -11.28 14.63 9.50
N LEU E 124 -12.52 14.33 9.83
CA LEU E 124 -13.37 15.30 10.46
C LEU E 124 -13.55 15.04 11.93
N THR E 125 -12.67 14.25 12.51
CA THR E 125 -12.76 13.93 13.91
C THR E 125 -13.11 15.12 14.81
N PRO E 126 -12.42 16.29 14.79
CA PRO E 126 -12.65 17.42 15.66
C PRO E 126 -13.99 18.08 15.46
N LEU E 127 -14.65 17.73 14.38
CA LEU E 127 -15.95 18.29 14.05
C LEU E 127 -17.06 17.88 15.00
N CYS E 128 -16.99 16.69 15.69
CA CYS E 128 -18.12 16.29 16.52
C CYS E 128 -18.00 16.91 17.92
N VAL E 129 -18.73 17.98 18.04
CA VAL E 129 -18.87 18.83 19.21
C VAL E 129 -20.34 19.00 19.45
N THR E 130 -20.73 19.52 20.61
CA THR E 130 -22.15 19.70 20.82
C THR E 130 -22.63 20.66 19.78
N LEU E 131 -23.70 20.31 19.10
CA LEU E 131 -24.23 21.15 18.06
C LEU E 131 -25.55 21.76 18.52
N GLN E 132 -25.71 23.06 18.33
CA GLN E 132 -26.99 23.65 18.72
C GLN E 132 -27.77 23.96 17.45
N CYS E 133 -29.09 23.62 17.39
CA CYS E 133 -29.88 23.78 16.16
C CYS E 133 -31.26 24.39 16.40
N THR E 134 -31.73 25.03 15.35
CA THR E 134 -33.12 25.44 15.23
C THR E 134 -33.57 24.91 13.86
N ASN E 135 -34.88 24.86 13.61
CA ASN E 135 -35.40 24.33 12.31
C ASN E 135 -35.46 25.44 11.27
N VAL E 136 -35.24 25.09 9.99
CA VAL E 136 -35.35 26.06 8.89
C VAL E 136 -36.77 26.02 8.42
N THR E 137 -37.53 27.01 8.85
CA THR E 137 -38.94 27.10 8.56
C THR E 137 -39.34 28.43 7.94
N ASN E 138 -38.50 29.45 8.06
CA ASN E 138 -38.90 30.78 7.60
C ASN E 138 -38.78 30.99 6.09
N ASN E 139 -37.90 30.24 5.43
CA ASN E 139 -37.71 30.40 3.99
C ASN E 139 -38.23 29.22 3.17
N ILE E 140 -38.84 28.25 3.84
CA ILE E 140 -39.09 26.94 3.17
C ILE E 140 -40.59 26.69 3.04
N THR E 141 -41.02 26.10 1.92
CA THR E 141 -42.44 25.75 1.72
C THR E 141 -42.75 24.52 2.59
N ASP E 142 -44.02 24.16 2.76
CA ASP E 142 -44.36 23.03 3.66
C ASP E 142 -43.61 21.80 3.14
N ASP E 143 -43.55 21.63 1.81
CA ASP E 143 -42.71 20.53 1.26
C ASP E 143 -41.25 20.93 1.48
N MET E 144 -40.41 20.00 1.96
CA MET E 144 -38.98 20.29 2.24
C MET E 144 -38.85 21.13 3.52
N ARG E 145 -39.98 21.51 4.13
CA ARG E 145 -39.95 22.17 5.40
C ARG E 145 -39.58 21.17 6.45
N GLY E 146 -38.63 21.51 7.30
CA GLY E 146 -38.22 20.62 8.36
C GLY E 146 -37.07 19.71 7.93
N GLU E 147 -36.74 19.71 6.63
CA GLU E 147 -35.64 18.88 6.15
C GLU E 147 -34.32 19.45 6.55
N LEU E 148 -34.25 20.77 6.66
CA LEU E 148 -33.01 21.39 7.01
C LEU E 148 -33.04 21.97 8.38
N LYS E 149 -31.89 21.94 9.01
CA LYS E 149 -31.67 22.59 10.27
C LYS E 149 -30.54 23.57 10.13
N ASN E 150 -30.65 24.67 10.83
CA ASN E 150 -29.61 25.68 10.84
C ASN E 150 -28.94 25.53 12.19
N CYS E 151 -27.68 25.05 12.19
CA CYS E 151 -26.97 24.69 13.41
C CYS E 151 -25.66 25.45 13.56
N SER E 152 -25.22 25.61 14.81
CA SER E 152 -23.97 26.29 15.12
C SER E 152 -23.10 25.52 16.10
N PHE E 153 -21.79 25.73 15.96
CA PHE E 153 -20.81 25.08 16.81
C PHE E 153 -19.47 25.82 16.90
N ASN E 154 -18.65 25.50 17.94
CA ASN E 154 -17.30 26.04 18.14
C ASN E 154 -16.25 25.00 17.70
N MET E 155 -15.58 25.22 16.54
CA MET E 155 -14.62 24.24 15.97
C MET E 155 -13.20 24.78 16.00
N THR E 156 -12.25 23.90 16.28
CA THR E 156 -10.85 24.25 16.32
C THR E 156 -10.37 24.72 14.96
N THR E 157 -9.61 25.79 14.94
CA THR E 157 -9.05 26.37 13.71
C THR E 157 -7.57 26.02 13.57
N GLU E 158 -6.85 26.76 12.74
CA GLU E 158 -5.46 26.43 12.46
C GLU E 158 -4.57 26.39 13.69
N LEU E 159 -4.77 27.29 14.64
CA LEU E 159 -3.95 27.23 15.83
C LEU E 159 -4.72 26.53 16.90
N ARG E 160 -4.00 25.82 17.74
CA ARG E 160 -4.60 25.04 18.83
C ARG E 160 -5.20 25.88 19.92
N ASP E 161 -4.87 27.14 19.95
CA ASP E 161 -5.38 28.05 20.94
C ASP E 161 -6.73 28.63 20.55
N LYS E 162 -7.16 28.41 19.32
CA LYS E 162 -8.35 29.10 18.89
C LYS E 162 -9.44 28.23 18.34
N LYS E 163 -10.64 28.67 18.58
CA LYS E 163 -11.84 28.09 18.02
C LYS E 163 -12.50 29.14 17.19
N GLN E 164 -13.34 28.71 16.27
CA GLN E 164 -14.09 29.63 15.47
C GLN E 164 -15.54 29.25 15.52
N LYS E 165 -16.41 30.24 15.44
CA LYS E 165 -17.82 29.96 15.45
C LYS E 165 -18.29 29.76 14.04
N VAL E 166 -18.85 28.60 13.82
CA VAL E 166 -19.29 28.21 12.52
C VAL E 166 -20.72 27.78 12.57
N TYR E 167 -21.48 28.20 11.60
CA TYR E 167 -22.83 27.73 11.54
C TYR E 167 -23.10 27.40 10.11
N SER E 168 -23.99 26.46 9.91
CA SER E 168 -24.26 25.95 8.59
C SER E 168 -25.58 25.24 8.48
N LEU E 169 -25.94 24.91 7.25
CA LEU E 169 -27.16 24.17 7.05
C LEU E 169 -26.86 22.70 6.95
N PHE E 170 -27.71 21.91 7.56
CA PHE E 170 -27.61 20.46 7.54
C PHE E 170 -28.90 19.79 7.19
N TYR E 171 -28.79 18.63 6.61
CA TYR E 171 -29.98 17.83 6.42
C TYR E 171 -30.29 17.22 7.77
N ARG E 172 -31.56 17.06 8.08
CA ARG E 172 -31.94 16.48 9.35
C ARG E 172 -31.51 15.04 9.47
N LEU E 173 -31.27 14.38 8.36
CA LEU E 173 -30.93 12.98 8.36
C LEU E 173 -29.54 12.72 8.89
N ASP E 174 -28.72 13.76 8.94
CA ASP E 174 -27.37 13.60 9.42
C ASP E 174 -27.24 14.02 10.87
N VAL E 175 -28.33 14.48 11.48
CA VAL E 175 -28.25 15.04 12.81
C VAL E 175 -29.19 14.38 13.80
N VAL E 176 -28.67 14.00 14.94
CA VAL E 176 -29.48 13.34 15.96
C VAL E 176 -29.52 14.11 17.26
N GLN E 177 -30.70 14.21 17.84
CA GLN E 177 -30.87 14.95 19.07
C GLN E 177 -30.26 14.26 20.26
N ILE E 178 -29.63 15.06 21.10
CA ILE E 178 -29.01 14.59 22.33
C ILE E 178 -29.95 14.66 23.53
N ASN E 179 -30.61 15.84 23.75
CA ASN E 179 -31.48 16.12 24.92
C ASN E 179 -30.68 15.99 26.23
N ASN E 190 -33.63 21.87 26.15
CA ASN E 190 -33.04 22.82 25.16
C ASN E 190 -32.66 22.03 23.90
N LYS E 191 -32.59 22.70 22.75
CA LYS E 191 -32.20 22.05 21.46
C LYS E 191 -30.72 21.64 21.53
N GLU E 192 -30.42 20.35 21.29
CA GLU E 192 -29.05 19.81 21.51
C GLU E 192 -28.85 18.59 20.61
N TYR E 193 -27.88 18.68 19.71
CA TYR E 193 -27.65 17.65 18.71
C TYR E 193 -26.20 17.22 18.53
N ARG E 194 -26.02 16.06 17.96
CA ARG E 194 -24.72 15.54 17.55
C ARG E 194 -24.86 14.95 16.17
N LEU E 195 -23.76 14.71 15.49
CA LEU E 195 -23.91 14.08 14.19
C LEU E 195 -24.30 12.63 14.36
N ILE E 196 -25.13 12.15 13.44
CA ILE E 196 -25.66 10.80 13.55
C ILE E 196 -24.66 9.67 13.65
N ASN E 197 -23.52 9.77 12.98
CA ASN E 197 -22.57 8.67 13.09
C ASN E 197 -21.40 8.90 14.04
N CYS E 198 -21.48 9.95 14.89
CA CYS E 198 -20.48 10.35 15.86
C CYS E 198 -20.21 9.24 16.84
N ASN E 199 -21.26 8.49 17.16
CA ASN E 199 -21.20 7.41 18.19
C ASN E 199 -20.99 6.04 17.53
N THR E 200 -20.55 6.01 16.27
CA THR E 200 -20.24 4.76 15.56
C THR E 200 -18.81 4.74 15.04
N SER E 201 -18.42 5.81 14.36
CA SER E 201 -17.12 5.80 13.73
C SER E 201 -16.56 7.17 13.42
N ALA E 202 -15.29 7.19 13.06
CA ALA E 202 -14.71 8.44 12.59
C ALA E 202 -15.29 8.74 11.24
N ILE E 203 -15.45 10.01 10.93
CA ILE E 203 -15.95 10.37 9.63
C ILE E 203 -14.85 11.06 8.86
N THR E 204 -14.61 10.61 7.64
CA THR E 204 -13.58 11.22 6.80
C THR E 204 -14.23 12.01 5.68
N GLN E 205 -13.76 13.22 5.40
CA GLN E 205 -14.33 14.00 4.31
C GLN E 205 -13.77 13.52 3.02
N ALA E 206 -14.60 13.28 2.04
CA ALA E 206 -14.05 12.88 0.77
C ALA E 206 -13.31 14.06 0.16
N CYS E 207 -12.20 13.79 -0.55
CA CYS E 207 -11.41 14.81 -1.24
C CYS E 207 -12.24 15.37 -2.42
N PRO E 208 -12.47 16.69 -2.48
CA PRO E 208 -13.35 17.36 -3.41
C PRO E 208 -12.92 17.29 -4.86
N LYS E 209 -11.66 16.99 -5.10
CA LYS E 209 -11.19 16.94 -6.47
C LYS E 209 -11.41 15.58 -7.09
N VAL E 210 -11.78 14.59 -6.30
CA VAL E 210 -11.84 13.25 -6.85
C VAL E 210 -13.18 12.92 -7.45
N SER E 211 -13.15 12.49 -8.70
CA SER E 211 -14.37 12.09 -9.36
C SER E 211 -14.55 10.61 -9.23
N PHE E 212 -15.77 10.22 -8.93
CA PHE E 212 -16.13 8.82 -8.84
C PHE E 212 -16.98 8.38 -9.99
N GLU E 213 -17.12 9.22 -11.00
CA GLU E 213 -17.98 8.87 -12.11
C GLU E 213 -17.53 7.54 -12.71
N PRO E 214 -18.39 6.53 -12.80
CA PRO E 214 -18.10 5.23 -13.37
C PRO E 214 -17.63 5.37 -14.80
N ILE E 215 -16.63 4.59 -15.18
CA ILE E 215 -16.13 4.58 -16.54
C ILE E 215 -16.17 3.11 -16.83
N PRO E 216 -16.23 2.65 -18.06
CA PRO E 216 -16.25 1.25 -18.33
C PRO E 216 -14.95 0.65 -17.95
N ILE E 217 -15.00 -0.47 -17.29
CA ILE E 217 -13.85 -1.23 -16.88
C ILE E 217 -13.78 -2.56 -17.54
N HIS E 218 -12.62 -2.87 -18.09
CA HIS E 218 -12.44 -4.13 -18.76
C HIS E 218 -11.59 -5.05 -17.91
N TYR E 219 -12.05 -6.26 -17.66
CA TYR E 219 -11.21 -7.16 -16.90
C TYR E 219 -10.54 -8.11 -17.87
N CYS E 220 -9.23 -8.29 -17.72
CA CYS E 220 -8.39 -9.04 -18.65
C CYS E 220 -7.71 -10.23 -17.98
N ALA E 221 -7.64 -11.32 -18.74
CA ALA E 221 -7.03 -12.54 -18.24
C ALA E 221 -5.51 -12.43 -18.15
N PRO E 222 -4.88 -13.03 -17.13
CA PRO E 222 -3.46 -13.22 -17.02
C PRO E 222 -3.06 -14.32 -17.96
N ALA E 223 -1.80 -14.37 -18.36
CA ALA E 223 -1.41 -15.47 -19.23
C ALA E 223 -1.69 -16.79 -18.54
N GLY E 224 -2.16 -17.75 -19.32
CA GLY E 224 -2.49 -19.07 -18.83
C GLY E 224 -3.99 -19.22 -18.63
N PHE E 225 -4.70 -18.12 -18.73
CA PHE E 225 -6.14 -18.06 -18.58
C PHE E 225 -6.86 -17.44 -19.76
N ALA E 226 -8.12 -17.78 -19.89
CA ALA E 226 -8.94 -17.21 -20.94
C ALA E 226 -10.36 -16.94 -20.47
N ILE E 227 -11.01 -15.95 -21.09
CA ILE E 227 -12.36 -15.63 -20.71
C ILE E 227 -13.33 -16.10 -21.77
N LEU E 228 -14.27 -16.90 -21.35
CA LEU E 228 -15.25 -17.41 -22.29
C LEU E 228 -16.52 -16.63 -22.09
N LYS E 229 -17.24 -16.39 -23.17
CA LYS E 229 -18.52 -15.74 -22.99
C LYS E 229 -19.59 -16.41 -23.84
N CYS E 230 -20.84 -16.38 -23.33
CA CYS E 230 -22.02 -16.93 -24.00
C CYS E 230 -22.71 -15.83 -24.80
N LYS E 231 -22.87 -16.12 -26.08
CA LYS E 231 -23.46 -15.25 -27.07
C LYS E 231 -24.89 -15.61 -27.38
N ASP E 232 -25.45 -16.55 -26.67
CA ASP E 232 -26.81 -16.97 -26.95
C ASP E 232 -27.70 -15.76 -26.79
N LYS E 233 -28.59 -15.56 -27.73
CA LYS E 233 -29.44 -14.39 -27.70
C LYS E 233 -30.37 -14.33 -26.50
N LYS E 234 -30.84 -15.48 -26.03
CA LYS E 234 -31.79 -15.50 -24.94
C LYS E 234 -31.55 -16.61 -23.94
N PHE E 235 -30.80 -16.33 -22.90
CA PHE E 235 -30.52 -17.37 -21.94
C PHE E 235 -30.45 -16.72 -20.57
N ASN E 236 -30.53 -17.53 -19.51
CA ASN E 236 -30.53 -16.98 -18.12
C ASN E 236 -29.17 -17.18 -17.44
N GLY E 237 -28.23 -17.87 -18.09
CA GLY E 237 -26.83 -17.96 -17.63
C GLY E 237 -26.68 -18.83 -16.40
N THR E 238 -27.61 -19.77 -16.24
CA THR E 238 -27.58 -20.66 -15.09
C THR E 238 -27.44 -22.09 -15.60
N GLY E 239 -26.92 -22.25 -16.81
CA GLY E 239 -26.80 -23.55 -17.44
C GLY E 239 -26.01 -23.50 -18.76
N PRO E 240 -26.11 -24.58 -19.57
CA PRO E 240 -25.42 -24.83 -20.83
C PRO E 240 -25.66 -23.75 -21.89
N CYS E 241 -24.65 -23.53 -22.76
CA CYS E 241 -24.61 -22.56 -23.85
C CYS E 241 -23.95 -23.19 -25.08
N THR E 242 -24.55 -22.90 -26.25
CA THR E 242 -24.02 -23.40 -27.53
C THR E 242 -23.29 -22.39 -28.44
N ASN E 243 -23.47 -21.06 -28.23
CA ASN E 243 -22.81 -20.01 -28.99
C ASN E 243 -21.75 -19.38 -28.08
N VAL E 244 -20.51 -19.90 -28.14
CA VAL E 244 -19.43 -19.57 -27.20
C VAL E 244 -18.20 -19.10 -27.93
N SER E 245 -17.61 -18.05 -27.41
CA SER E 245 -16.41 -17.49 -27.97
C SER E 245 -15.41 -17.14 -26.89
N THR E 246 -14.15 -17.01 -27.30
CA THR E 246 -13.09 -16.68 -26.35
C THR E 246 -12.53 -15.29 -26.54
N VAL E 247 -12.40 -14.56 -25.43
CA VAL E 247 -11.83 -13.23 -25.48
C VAL E 247 -10.71 -13.04 -24.49
N GLN E 248 -9.89 -12.04 -24.77
CA GLN E 248 -8.84 -11.63 -23.85
C GLN E 248 -9.31 -10.80 -22.65
N CYS E 249 -10.32 -9.91 -22.88
CA CYS E 249 -10.86 -8.95 -21.93
C CYS E 249 -12.37 -8.95 -22.07
N THR E 250 -13.04 -8.59 -21.00
CA THR E 250 -14.48 -8.45 -21.01
C THR E 250 -14.88 -7.15 -21.66
N HIS E 251 -16.17 -7.06 -21.96
CA HIS E 251 -16.77 -5.84 -22.45
C HIS E 251 -16.66 -4.91 -21.30
N GLY E 252 -16.41 -3.64 -21.54
CA GLY E 252 -16.30 -2.79 -20.38
C GLY E 252 -17.62 -2.67 -19.66
N ILE E 253 -17.53 -2.66 -18.35
CA ILE E 253 -18.67 -2.51 -17.46
C ILE E 253 -18.46 -1.34 -16.54
N LYS E 254 -19.41 -0.42 -16.49
CA LYS E 254 -19.26 0.66 -15.56
C LYS E 254 -19.58 0.22 -14.14
N PRO E 255 -18.79 0.59 -13.14
CA PRO E 255 -18.99 0.28 -11.74
C PRO E 255 -20.03 1.18 -11.12
N VAL E 256 -21.26 1.00 -11.57
CA VAL E 256 -22.36 1.79 -11.10
C VAL E 256 -22.90 1.20 -9.83
N VAL E 257 -23.15 2.04 -8.84
CA VAL E 257 -23.68 1.59 -7.58
C VAL E 257 -25.07 2.17 -7.35
N SER E 258 -26.03 1.30 -7.14
CA SER E 258 -27.41 1.69 -6.92
C SER E 258 -28.20 0.58 -6.24
N THR E 259 -29.39 0.90 -5.71
CA THR E 259 -30.18 -0.23 -5.19
C THR E 259 -31.61 -0.27 -5.65
N GLN E 260 -32.03 -1.50 -5.88
CA GLN E 260 -33.36 -1.96 -6.33
C GLN E 260 -33.65 -1.56 -7.79
N LEU E 261 -32.71 -0.94 -8.45
CA LEU E 261 -32.90 -0.51 -9.82
C LEU E 261 -31.54 -0.52 -10.50
N LEU E 262 -31.45 -1.08 -11.68
CA LEU E 262 -30.17 -1.15 -12.36
C LEU E 262 -30.06 -0.11 -13.43
N LEU E 263 -29.10 0.80 -13.23
CA LEU E 263 -28.93 1.93 -14.12
C LEU E 263 -27.70 1.79 -15.01
N ASN E 264 -27.79 2.35 -16.22
CA ASN E 264 -26.67 2.42 -17.20
C ASN E 264 -25.98 1.05 -17.34
N GLY E 265 -26.75 -0.01 -17.60
CA GLY E 265 -26.20 -1.34 -17.85
C GLY E 265 -26.46 -1.85 -19.24
N SER E 266 -26.29 -3.15 -19.39
CA SER E 266 -26.50 -3.82 -20.65
C SER E 266 -27.98 -4.00 -20.82
N LEU E 267 -28.45 -3.77 -22.01
CA LEU E 267 -29.86 -3.91 -22.27
C LEU E 267 -30.10 -5.23 -22.99
N ALA E 268 -31.20 -5.91 -22.69
CA ALA E 268 -31.52 -7.16 -23.35
C ALA E 268 -31.83 -6.83 -24.80
N GLU E 269 -31.58 -7.73 -25.74
CA GLU E 269 -31.88 -7.38 -27.14
C GLU E 269 -33.18 -7.93 -27.71
N GLU E 270 -33.66 -9.06 -27.20
CA GLU E 270 -34.83 -9.69 -27.81
C GLU E 270 -36.13 -9.54 -27.03
N GLU E 271 -36.03 -9.60 -25.72
CA GLU E 271 -37.20 -9.56 -24.87
C GLU E 271 -36.73 -9.25 -23.48
N VAL E 272 -37.66 -9.02 -22.57
CA VAL E 272 -37.27 -8.86 -21.20
C VAL E 272 -36.83 -10.23 -20.73
N ILE E 273 -35.68 -10.30 -20.11
CA ILE E 273 -35.22 -11.60 -19.64
C ILE E 273 -35.19 -11.62 -18.15
N ILE E 274 -35.85 -12.60 -17.58
CA ILE E 274 -35.86 -12.68 -16.15
C ILE E 274 -35.13 -13.91 -15.69
N ARG E 275 -34.19 -13.70 -14.79
CA ARG E 275 -33.36 -14.74 -14.26
C ARG E 275 -33.23 -14.66 -12.74
N SER E 276 -33.03 -15.81 -12.13
CA SER E 276 -32.79 -15.90 -10.69
C SER E 276 -32.05 -17.18 -10.45
N GLU E 277 -31.46 -17.33 -9.28
CA GLU E 277 -30.79 -18.60 -8.99
C GLU E 277 -31.74 -19.79 -8.84
N ASN E 278 -32.90 -19.56 -8.18
CA ASN E 278 -33.94 -20.53 -7.85
C ASN E 278 -35.31 -19.83 -7.96
N ILE E 279 -36.11 -20.19 -8.99
CA ILE E 279 -37.38 -19.53 -9.32
C ILE E 279 -38.40 -19.64 -8.21
N THR E 280 -38.46 -20.79 -7.59
CA THR E 280 -39.44 -21.01 -6.57
C THR E 280 -38.98 -20.55 -5.20
N ASN E 281 -37.77 -20.04 -5.09
CA ASN E 281 -37.31 -19.62 -3.79
C ASN E 281 -37.65 -18.16 -3.57
N ASN E 282 -38.62 -17.88 -2.71
CA ASN E 282 -39.10 -16.52 -2.55
C ASN E 282 -38.16 -15.66 -1.71
N ALA E 283 -37.11 -16.27 -1.18
CA ALA E 283 -36.14 -15.54 -0.39
C ALA E 283 -35.05 -14.95 -1.26
N LYS E 284 -35.06 -15.24 -2.56
CA LYS E 284 -34.01 -14.76 -3.44
C LYS E 284 -34.44 -13.60 -4.32
N ASN E 285 -33.45 -12.84 -4.76
CA ASN E 285 -33.71 -11.76 -5.69
C ASN E 285 -33.92 -12.24 -7.10
N ILE E 286 -34.78 -11.55 -7.80
CA ILE E 286 -35.07 -11.76 -9.18
C ILE E 286 -34.50 -10.62 -9.99
N LEU E 287 -33.67 -10.95 -10.95
CA LEU E 287 -33.05 -9.91 -11.74
C LEU E 287 -33.78 -9.79 -13.06
N VAL E 288 -34.28 -8.61 -13.32
CA VAL E 288 -35.03 -8.39 -14.53
C VAL E 288 -34.25 -7.52 -15.47
N GLN E 289 -33.95 -8.03 -16.65
CA GLN E 289 -33.21 -7.24 -17.62
C GLN E 289 -34.17 -6.77 -18.70
N LEU E 290 -34.29 -5.47 -18.84
CA LEU E 290 -35.24 -4.90 -19.77
C LEU E 290 -34.61 -4.93 -21.12
N ASN E 291 -35.41 -5.01 -22.24
CA ASN E 291 -34.89 -4.89 -23.60
C ASN E 291 -35.05 -3.47 -24.23
N GLU E 292 -35.65 -2.52 -23.46
CA GLU E 292 -35.85 -1.11 -23.78
C GLU E 292 -35.54 -0.36 -22.52
N SER E 293 -34.76 0.69 -22.64
CA SER E 293 -34.40 1.49 -21.49
C SER E 293 -35.48 2.49 -21.18
N VAL E 294 -35.51 2.94 -19.94
CA VAL E 294 -36.43 4.02 -19.61
C VAL E 294 -35.64 5.19 -19.06
N GLN E 295 -35.85 6.36 -19.63
CA GLN E 295 -35.09 7.50 -19.18
C GLN E 295 -35.70 8.11 -17.92
N ILE E 296 -34.85 8.37 -16.94
CA ILE E 296 -35.27 8.99 -15.69
C ILE E 296 -34.48 10.29 -15.46
N ASN E 297 -35.19 11.42 -15.27
CA ASN E 297 -34.63 12.76 -15.07
C ASN E 297 -34.71 13.17 -13.58
N CYS E 298 -33.55 13.23 -12.89
CA CYS E 298 -33.46 13.50 -11.45
C CYS E 298 -32.80 14.85 -11.16
N THR E 299 -33.29 15.51 -10.13
CA THR E 299 -32.75 16.80 -9.76
C THR E 299 -32.74 17.14 -8.28
N ARG E 300 -31.82 18.04 -7.98
CA ARG E 300 -31.64 18.68 -6.69
C ARG E 300 -31.82 20.15 -7.05
N PRO E 301 -33.06 20.63 -7.10
CA PRO E 301 -33.47 21.88 -7.68
C PRO E 301 -33.01 23.17 -7.01
N ASN E 302 -32.61 23.14 -5.75
CA ASN E 302 -32.24 24.41 -5.15
C ASN E 302 -30.79 24.80 -5.45
N ASN E 303 -30.54 26.11 -5.64
CA ASN E 303 -29.23 26.72 -5.90
C ASN E 303 -28.61 27.17 -4.57
N ASN E 304 -27.62 26.41 -4.07
CA ASN E 304 -26.95 26.65 -2.79
C ASN E 304 -25.71 27.51 -2.91
N THR E 305 -25.17 27.81 -1.76
CA THR E 305 -23.91 28.50 -1.58
C THR E 305 -23.06 27.65 -0.70
N VAL E 306 -21.87 27.33 -1.16
CA VAL E 306 -20.92 26.52 -0.42
C VAL E 306 -19.80 27.34 0.18
N LYS E 307 -19.53 27.11 1.45
CA LYS E 307 -18.50 27.80 2.19
C LYS E 307 -17.45 26.84 2.70
N SER E 308 -16.26 27.35 3.00
CA SER E 308 -15.25 26.48 3.56
C SER E 308 -14.39 27.18 4.58
N ILE E 309 -13.84 26.38 5.48
CA ILE E 309 -12.95 26.86 6.52
C ILE E 309 -11.71 26.01 6.68
N ARG E 310 -10.68 26.61 7.24
CA ARG E 310 -9.50 25.84 7.56
C ARG E 310 -9.66 25.38 8.99
N ILE E 311 -9.35 24.12 9.23
CA ILE E 311 -9.46 23.51 10.54
C ILE E 311 -8.14 22.93 11.01
N GLY E 312 -7.08 23.30 10.32
CA GLY E 312 -5.77 22.80 10.63
C GLY E 312 -4.80 23.24 9.54
N PRO E 313 -3.54 22.79 9.62
CA PRO E 313 -2.43 23.16 8.79
C PRO E 313 -2.51 22.57 7.40
N GLY E 314 -3.33 23.19 6.57
CA GLY E 314 -3.59 22.69 5.23
C GLY E 314 -4.83 21.80 5.19
N GLN E 315 -5.65 21.89 6.23
CA GLN E 315 -6.85 21.08 6.31
C GLN E 315 -8.15 21.85 6.07
N TRP E 316 -8.82 21.56 4.95
CA TRP E 316 -10.06 22.25 4.63
C TRP E 316 -11.32 21.46 4.81
N PHE E 317 -12.31 22.12 5.40
CA PHE E 317 -13.65 21.59 5.59
C PHE E 317 -14.69 22.35 4.80
N TYR E 318 -15.56 21.61 4.13
CA TYR E 318 -16.58 22.25 3.31
C TYR E 318 -17.97 22.02 3.85
N TYR E 319 -18.80 23.04 3.76
CA TYR E 319 -20.18 22.95 4.23
C TYR E 319 -21.16 23.84 3.50
N THR E 320 -22.45 23.52 3.62
CA THR E 320 -23.44 24.35 2.97
C THR E 320 -23.62 25.62 3.77
N GLY E 321 -23.49 26.74 3.08
CA GLY E 321 -23.57 28.05 3.65
C GLY E 321 -24.99 28.58 3.69
N ASP E 322 -25.60 28.64 2.51
CA ASP E 322 -26.94 29.18 2.33
C ASP E 322 -27.63 28.63 1.09
N ILE E 323 -28.89 29.04 0.91
CA ILE E 323 -29.62 28.73 -0.32
C ILE E 323 -30.19 30.00 -0.93
N ILE E 324 -29.95 30.23 -2.20
CA ILE E 324 -30.51 31.42 -2.83
C ILE E 324 -31.64 31.02 -3.74
N GLY E 325 -32.80 31.58 -3.49
CA GLY E 325 -33.94 31.25 -4.30
C GLY E 325 -34.77 30.12 -3.73
N ASP E 326 -35.51 29.48 -4.61
CA ASP E 326 -36.50 28.48 -4.27
C ASP E 326 -35.96 27.25 -3.56
N ILE E 327 -36.69 26.81 -2.56
CA ILE E 327 -36.33 25.59 -1.87
C ILE E 327 -37.38 24.54 -2.14
N ARG E 328 -36.97 23.43 -2.75
CA ARG E 328 -37.85 22.33 -3.11
C ARG E 328 -37.21 20.99 -2.86
N GLN E 329 -38.02 19.97 -2.70
CA GLN E 329 -37.51 18.63 -2.52
C GLN E 329 -36.93 18.09 -3.81
N ALA E 330 -35.88 17.29 -3.67
CA ALA E 330 -35.27 16.61 -4.80
C ALA E 330 -36.26 15.59 -5.28
N HIS E 331 -36.22 15.33 -6.58
CA HIS E 331 -37.16 14.41 -7.17
C HIS E 331 -36.67 13.84 -8.50
N CYS E 332 -37.34 12.74 -8.96
CA CYS E 332 -37.11 12.08 -10.25
C CYS E 332 -38.39 11.93 -11.05
N ASN E 333 -38.29 12.16 -12.35
CA ASN E 333 -39.40 12.08 -13.29
C ASN E 333 -39.18 10.96 -14.33
N VAL E 334 -40.14 10.01 -14.39
CA VAL E 334 -40.14 8.89 -15.36
C VAL E 334 -41.47 8.85 -16.14
N SER E 335 -41.43 8.73 -17.47
CA SER E 335 -42.68 8.71 -18.24
C SER E 335 -43.63 7.65 -17.76
N LYS E 336 -44.91 8.02 -17.59
CA LYS E 336 -45.88 7.09 -17.09
C LYS E 336 -46.24 6.06 -18.10
N ALA E 337 -46.45 6.51 -19.32
CA ALA E 337 -46.85 5.57 -20.35
C ALA E 337 -45.74 4.58 -20.57
N THR E 338 -44.50 5.08 -20.54
CA THR E 338 -43.41 4.19 -20.77
C THR E 338 -43.34 3.22 -19.64
N TRP E 339 -43.46 3.73 -18.42
CA TRP E 339 -43.38 2.84 -17.29
C TRP E 339 -44.43 1.75 -17.32
N ASN E 340 -45.72 2.07 -17.63
CA ASN E 340 -46.81 1.09 -17.66
C ASN E 340 -46.56 0.00 -18.72
N GLU E 341 -46.04 0.38 -19.91
CA GLU E 341 -45.73 -0.55 -20.99
C GLU E 341 -44.55 -1.42 -20.62
N THR E 342 -43.55 -0.81 -19.99
CA THR E 342 -42.37 -1.51 -19.58
C THR E 342 -42.73 -2.54 -18.54
N LEU E 343 -43.55 -2.13 -17.59
CA LEU E 343 -43.91 -3.03 -16.55
C LEU E 343 -44.75 -4.14 -17.12
N GLY E 344 -45.63 -3.83 -18.08
CA GLY E 344 -46.44 -4.87 -18.67
C GLY E 344 -45.57 -5.93 -19.33
N LYS E 345 -44.48 -5.51 -19.99
CA LYS E 345 -43.58 -6.46 -20.63
C LYS E 345 -42.96 -7.38 -19.62
N VAL E 346 -42.61 -6.83 -18.47
CA VAL E 346 -42.03 -7.61 -17.40
C VAL E 346 -43.04 -8.62 -16.94
N VAL E 347 -44.29 -8.21 -16.80
CA VAL E 347 -45.32 -9.10 -16.37
C VAL E 347 -45.52 -10.23 -17.34
N LYS E 348 -45.51 -9.94 -18.64
CA LYS E 348 -45.68 -11.02 -19.59
C LYS E 348 -44.58 -12.05 -19.39
N GLN E 349 -43.37 -11.56 -19.15
CA GLN E 349 -42.27 -12.45 -18.94
C GLN E 349 -42.41 -13.24 -17.64
N LEU E 350 -42.97 -12.63 -16.60
CA LEU E 350 -43.17 -13.35 -15.34
C LEU E 350 -44.19 -14.45 -15.53
N ARG E 351 -45.22 -14.17 -16.30
CA ARG E 351 -46.28 -15.13 -16.54
C ARG E 351 -45.74 -16.39 -17.15
N LYS E 352 -44.69 -16.29 -17.94
CA LYS E 352 -44.10 -17.47 -18.55
C LYS E 352 -43.66 -18.49 -17.50
N HIS E 353 -43.42 -18.05 -16.27
CA HIS E 353 -42.98 -18.90 -15.19
C HIS E 353 -44.10 -19.21 -14.20
N PHE E 354 -45.14 -18.37 -14.15
CA PHE E 354 -46.16 -18.59 -13.14
C PHE E 354 -47.51 -19.13 -13.61
N GLY E 355 -47.86 -18.93 -14.86
CA GLY E 355 -49.15 -19.41 -15.37
C GLY E 355 -50.01 -18.38 -16.09
N ASN E 356 -50.89 -18.89 -16.99
CA ASN E 356 -51.78 -18.10 -17.85
C ASN E 356 -52.84 -17.29 -17.10
N ASN E 357 -53.33 -17.82 -15.97
CA ASN E 357 -54.38 -17.26 -15.13
C ASN E 357 -53.92 -16.53 -13.91
N THR E 358 -52.63 -16.22 -13.80
CA THR E 358 -52.24 -15.59 -12.57
C THR E 358 -52.50 -14.09 -12.56
N ILE E 359 -52.48 -13.54 -11.37
CA ILE E 359 -52.63 -12.13 -11.15
C ILE E 359 -51.32 -11.61 -10.62
N ILE E 360 -50.78 -10.60 -11.27
CA ILE E 360 -49.49 -10.11 -10.85
C ILE E 360 -49.57 -8.76 -10.22
N ARG E 361 -49.33 -8.74 -8.93
CA ARG E 361 -49.46 -7.54 -8.16
C ARG E 361 -48.15 -6.94 -7.80
N PHE E 362 -48.07 -5.64 -7.93
CA PHE E 362 -46.89 -4.96 -7.50
C PHE E 362 -47.22 -4.15 -6.29
N ALA E 363 -46.23 -4.04 -5.45
CA ALA E 363 -46.35 -3.31 -4.22
C ALA E 363 -44.98 -2.78 -3.87
N ASN E 364 -44.89 -1.83 -2.91
CA ASN E 364 -43.62 -1.25 -2.47
C ASN E 364 -42.87 -2.26 -1.57
N SER E 365 -41.58 -1.99 -1.31
CA SER E 365 -40.66 -2.80 -0.53
C SER E 365 -41.01 -2.82 0.94
N SER E 366 -40.36 -3.70 1.68
CA SER E 366 -40.56 -3.79 3.10
C SER E 366 -39.93 -2.56 3.72
N GLY E 367 -40.38 -2.17 4.90
CA GLY E 367 -39.76 -1.02 5.52
C GLY E 367 -38.41 -1.42 6.12
N GLY E 368 -37.66 -0.43 6.57
CA GLY E 368 -36.34 -0.66 7.12
C GLY E 368 -35.51 0.59 6.94
N ASP E 369 -34.22 0.43 6.96
CA ASP E 369 -33.31 1.55 6.84
C ASP E 369 -33.52 2.26 5.52
N LEU E 370 -33.25 3.56 5.49
CA LEU E 370 -33.44 4.32 4.26
C LEU E 370 -32.60 3.70 3.16
N GLU E 371 -31.43 3.24 3.55
CA GLU E 371 -30.45 2.63 2.68
C GLU E 371 -30.92 1.35 2.00
N VAL E 372 -31.94 0.70 2.51
CA VAL E 372 -32.42 -0.50 1.86
C VAL E 372 -33.78 -0.25 1.22
N THR E 373 -34.54 0.67 1.82
CA THR E 373 -35.89 1.02 1.42
C THR E 373 -36.00 1.76 0.10
N THR E 374 -35.12 2.73 -0.10
CA THR E 374 -35.17 3.58 -1.29
C THR E 374 -34.23 3.25 -2.41
N HIS E 375 -34.49 3.89 -3.53
CA HIS E 375 -33.65 3.74 -4.68
C HIS E 375 -32.47 4.62 -4.54
N SER E 376 -31.48 4.16 -3.82
CA SER E 376 -30.36 5.02 -3.64
C SER E 376 -29.50 5.01 -4.88
N PHE E 377 -28.85 6.13 -5.12
CA PHE E 377 -27.84 6.31 -6.16
C PHE E 377 -27.10 7.63 -6.00
N ASN E 378 -25.96 7.74 -6.65
CA ASN E 378 -25.23 8.99 -6.66
C ASN E 378 -25.57 9.82 -7.92
N CYS E 379 -26.08 11.07 -7.75
CA CYS E 379 -26.52 11.99 -8.81
C CYS E 379 -25.75 13.30 -8.73
N GLY E 380 -24.82 13.49 -9.65
CA GLY E 380 -24.05 14.72 -9.71
C GLY E 380 -23.00 14.77 -8.62
N GLY E 381 -22.86 13.68 -7.92
CA GLY E 381 -21.98 13.53 -6.80
C GLY E 381 -22.75 13.50 -5.47
N GLU E 382 -24.03 13.89 -5.46
CA GLU E 382 -24.81 13.85 -4.22
C GLU E 382 -25.44 12.48 -4.02
N PHE E 383 -25.74 12.12 -2.77
CA PHE E 383 -26.39 10.85 -2.51
C PHE E 383 -27.87 10.96 -2.26
N PHE E 384 -28.61 10.44 -3.24
CA PHE E 384 -30.06 10.47 -3.27
C PHE E 384 -30.63 9.18 -2.77
N TYR E 385 -31.74 9.28 -2.06
CA TYR E 385 -32.53 8.17 -1.56
C TYR E 385 -33.98 8.35 -1.97
N CYS E 386 -34.35 7.87 -3.18
CA CYS E 386 -35.63 8.15 -3.83
C CYS E 386 -36.74 7.16 -3.47
N ASN E 387 -37.95 7.67 -3.40
CA ASN E 387 -39.10 6.83 -3.10
C ASN E 387 -39.29 5.84 -4.25
N THR E 388 -39.91 4.70 -3.92
CA THR E 388 -40.16 3.58 -4.82
C THR E 388 -41.64 3.37 -5.09
N SER E 389 -42.49 3.85 -4.18
CA SER E 389 -43.89 3.46 -4.26
C SER E 389 -44.62 3.93 -5.47
N GLY E 390 -44.20 5.02 -6.06
CA GLY E 390 -44.92 5.55 -7.20
C GLY E 390 -44.91 4.61 -8.39
N LEU E 391 -43.98 3.67 -8.43
CA LEU E 391 -43.92 2.78 -9.55
C LEU E 391 -44.47 1.38 -9.31
N PHE E 392 -44.77 1.05 -8.06
CA PHE E 392 -45.18 -0.30 -7.71
C PHE E 392 -46.44 -0.32 -6.87
N ASN E 393 -47.60 -0.13 -7.55
CA ASN E 393 -48.93 0.01 -6.94
C ASN E 393 -49.99 -0.87 -7.62
N SER E 394 -49.92 -1.04 -8.97
CA SER E 394 -50.93 -1.69 -9.80
C SER E 394 -50.91 -3.20 -9.77
N THR E 395 -52.01 -3.78 -10.24
CA THR E 395 -52.14 -5.21 -10.39
C THR E 395 -52.52 -5.51 -11.82
N TRP E 396 -51.81 -6.43 -12.42
CA TRP E 396 -52.02 -6.84 -13.77
C TRP E 396 -52.92 -8.06 -13.84
N ILE E 397 -53.90 -7.99 -14.72
CA ILE E 397 -54.90 -9.05 -14.82
C ILE E 397 -54.76 -9.90 -16.08
N SER E 398 -54.79 -11.24 -15.91
CA SER E 398 -54.75 -12.29 -16.95
C SER E 398 -55.45 -11.89 -18.27
N SER E 410 -47.12 16.06 -20.37
CA SER E 410 -47.07 15.56 -21.74
C SER E 410 -47.27 14.02 -21.74
N ASN E 411 -46.38 13.29 -21.01
CA ASN E 411 -46.38 11.84 -20.83
C ASN E 411 -46.65 11.48 -19.38
N ASP E 412 -47.22 12.45 -18.66
CA ASP E 412 -47.61 12.29 -17.27
C ASP E 412 -46.50 11.70 -16.43
N SER E 413 -45.28 12.19 -16.59
CA SER E 413 -44.18 11.60 -15.87
C SER E 413 -44.50 11.51 -14.41
N ILE E 414 -44.17 10.37 -13.86
CA ILE E 414 -44.41 10.07 -12.48
C ILE E 414 -43.31 10.74 -11.73
N THR E 415 -43.68 11.52 -10.74
CA THR E 415 -42.68 12.20 -9.97
C THR E 415 -42.54 11.53 -8.63
N LEU E 416 -41.32 11.19 -8.26
CA LEU E 416 -41.10 10.60 -6.97
C LEU E 416 -40.14 11.53 -6.22
N PRO E 417 -40.36 11.78 -4.92
CA PRO E 417 -39.52 12.60 -4.07
C PRO E 417 -38.26 11.84 -3.75
N CYS E 418 -37.17 12.57 -3.46
CA CYS E 418 -35.87 12.03 -3.06
C CYS E 418 -35.31 12.77 -1.86
N ARG E 419 -34.75 12.00 -0.92
CA ARG E 419 -34.08 12.58 0.22
C ARG E 419 -32.60 12.66 -0.04
N ILE E 420 -31.95 13.64 0.56
CA ILE E 420 -30.51 13.76 0.42
C ILE E 420 -29.81 13.81 1.75
N LYS E 421 -28.72 13.05 1.87
CA LYS E 421 -27.94 13.08 3.12
C LYS E 421 -26.46 13.08 2.82
N GLN E 422 -25.67 13.71 3.68
CA GLN E 422 -24.23 13.78 3.49
C GLN E 422 -23.38 12.78 4.25
N ILE E 423 -23.91 12.06 5.23
CA ILE E 423 -23.03 11.11 5.89
C ILE E 423 -23.44 9.72 5.48
N ILE E 424 -22.53 9.03 4.81
CA ILE E 424 -22.84 7.74 4.23
C ILE E 424 -22.07 6.55 4.74
N ASN E 425 -22.80 5.51 5.12
CA ASN E 425 -22.18 4.27 5.54
C ASN E 425 -21.98 3.45 4.28
N MET E 426 -20.89 3.76 3.62
CA MET E 426 -20.69 3.23 2.31
C MET E 426 -20.54 1.73 2.31
N TRP E 427 -21.06 1.14 1.26
CA TRP E 427 -21.04 -0.28 0.99
C TRP E 427 -21.75 -1.12 1.98
N GLN E 428 -22.65 -0.50 2.76
CA GLN E 428 -23.46 -1.20 3.75
C GLN E 428 -22.59 -1.70 4.90
N ARG E 429 -21.38 -1.15 5.02
CA ARG E 429 -20.50 -1.53 6.09
C ARG E 429 -20.73 -0.64 7.28
N ILE E 430 -20.56 -1.19 8.45
CA ILE E 430 -20.72 -0.41 9.64
C ILE E 430 -19.40 -0.26 10.36
N GLY E 431 -19.10 0.97 10.75
CA GLY E 431 -17.86 1.27 11.46
C GLY E 431 -16.97 2.20 10.68
N GLN E 432 -17.39 2.53 9.48
CA GLN E 432 -16.68 3.46 8.63
C GLN E 432 -17.69 4.47 8.19
N ALA E 433 -17.27 5.68 7.90
CA ALA E 433 -18.21 6.64 7.37
C ALA E 433 -17.51 7.70 6.58
N MET E 434 -18.21 8.22 5.60
CA MET E 434 -17.66 9.30 4.84
C MET E 434 -18.60 10.45 4.75
N TYR E 435 -18.03 11.62 4.67
CA TYR E 435 -18.80 12.82 4.51
C TYR E 435 -18.69 13.32 3.12
N ALA E 436 -19.83 13.58 2.52
CA ALA E 436 -19.91 14.09 1.19
C ALA E 436 -19.86 15.61 1.24
N PRO E 437 -18.83 16.26 0.70
CA PRO E 437 -18.72 17.67 0.71
C PRO E 437 -19.93 18.09 -0.06
N PRO E 438 -20.50 19.24 0.21
CA PRO E 438 -21.65 19.76 -0.49
C PRO E 438 -21.23 20.09 -1.88
N ILE E 439 -22.13 19.95 -2.83
CA ILE E 439 -21.80 20.34 -4.18
C ILE E 439 -22.46 21.64 -4.55
N GLN E 440 -21.64 22.57 -5.01
CA GLN E 440 -22.10 23.89 -5.39
C GLN E 440 -22.89 23.88 -6.69
N GLY E 441 -24.06 24.50 -6.65
CA GLY E 441 -24.91 24.67 -7.82
C GLY E 441 -26.11 23.73 -7.86
N VAL E 442 -26.98 23.93 -8.83
CA VAL E 442 -28.18 23.11 -8.99
C VAL E 442 -27.75 21.82 -9.69
N ILE E 443 -28.25 20.68 -9.23
CA ILE E 443 -27.86 19.42 -9.84
C ILE E 443 -28.91 18.73 -10.64
N ARG E 444 -28.53 18.35 -11.84
CA ARG E 444 -29.39 17.59 -12.71
C ARG E 444 -28.60 16.44 -13.31
N CYS E 445 -29.19 15.23 -13.35
CA CYS E 445 -28.62 14.05 -13.97
C CYS E 445 -29.74 13.32 -14.66
N VAL E 446 -29.43 12.74 -15.79
CA VAL E 446 -30.40 11.94 -16.50
C VAL E 446 -29.79 10.60 -16.78
N SER E 447 -30.49 9.54 -16.43
CA SER E 447 -29.93 8.21 -16.60
C SER E 447 -30.92 7.22 -17.16
N ASN E 448 -30.41 6.06 -17.64
CA ASN E 448 -31.21 4.96 -18.21
C ASN E 448 -31.39 3.83 -17.21
N ILE E 449 -32.64 3.37 -17.00
CA ILE E 449 -32.90 2.17 -16.19
C ILE E 449 -32.90 1.04 -17.20
N THR E 450 -32.03 0.07 -16.95
CA THR E 450 -31.84 -1.06 -17.82
C THR E 450 -32.30 -2.35 -17.16
N GLY E 451 -32.59 -2.28 -15.87
CA GLY E 451 -33.05 -3.47 -15.18
C GLY E 451 -33.63 -3.16 -13.82
N LEU E 452 -34.23 -4.16 -13.22
CA LEU E 452 -34.91 -4.01 -11.94
C LEU E 452 -34.56 -5.13 -10.97
N ILE E 453 -34.58 -4.87 -9.66
CA ILE E 453 -34.44 -6.01 -8.75
C ILE E 453 -35.66 -6.16 -7.87
N LEU E 454 -36.30 -7.32 -7.98
CA LEU E 454 -37.50 -7.60 -7.22
C LEU E 454 -37.46 -8.88 -6.46
N THR E 455 -38.30 -8.99 -5.46
CA THR E 455 -38.48 -10.24 -4.76
C THR E 455 -39.94 -10.61 -4.83
N ARG E 456 -40.23 -11.89 -4.64
CA ARG E 456 -41.60 -12.36 -4.60
C ARG E 456 -41.93 -12.56 -3.15
N ASP E 457 -43.12 -12.22 -2.72
CA ASP E 457 -43.37 -12.41 -1.30
C ASP E 457 -43.42 -13.88 -0.91
N GLY E 458 -44.01 -14.68 -1.77
CA GLY E 458 -44.19 -16.10 -1.53
C GLY E 458 -45.26 -16.31 -0.47
N GLY E 459 -45.25 -17.47 0.19
CA GLY E 459 -46.30 -17.78 1.16
C GLY E 459 -47.60 -18.12 0.43
N SER E 460 -47.45 -18.65 -0.78
CA SER E 460 -48.59 -18.96 -1.63
C SER E 460 -49.52 -20.01 -1.10
N THR E 461 -50.79 -19.75 -1.35
CA THR E 461 -51.94 -20.59 -1.03
C THR E 461 -52.57 -21.05 -2.33
N ASN E 462 -51.83 -20.86 -3.41
CA ASN E 462 -52.24 -21.16 -4.78
C ASN E 462 -53.50 -20.40 -5.17
N SER E 463 -53.55 -19.14 -4.74
CA SER E 463 -54.65 -18.23 -5.02
C SER E 463 -54.55 -17.70 -6.43
N THR E 464 -53.39 -17.93 -7.04
CA THR E 464 -52.92 -17.51 -8.37
C THR E 464 -52.56 -16.04 -8.39
N THR E 465 -52.78 -15.34 -7.29
CA THR E 465 -52.41 -13.95 -7.19
C THR E 465 -51.15 -13.90 -6.38
N GLU E 466 -50.16 -13.23 -6.93
CA GLU E 466 -48.87 -13.15 -6.28
C GLU E 466 -48.37 -11.72 -6.25
N THR E 467 -47.58 -11.40 -5.24
CA THR E 467 -47.06 -10.06 -5.10
C THR E 467 -45.55 -9.96 -5.20
N PHE E 468 -45.13 -9.00 -6.00
CA PHE E 468 -43.75 -8.71 -6.23
C PHE E 468 -43.46 -7.34 -5.69
N ARG E 469 -42.32 -7.22 -5.05
CA ARG E 469 -41.93 -5.96 -4.46
C ARG E 469 -40.49 -5.64 -4.80
N PRO E 470 -40.11 -4.38 -4.91
CA PRO E 470 -38.74 -3.95 -5.07
C PRO E 470 -37.98 -4.40 -3.88
N GLY E 471 -36.72 -4.66 -4.06
CA GLY E 471 -35.90 -5.01 -2.91
C GLY E 471 -34.44 -4.96 -3.27
N GLY E 472 -33.62 -5.01 -2.26
CA GLY E 472 -32.19 -4.93 -2.48
C GLY E 472 -31.50 -6.16 -1.97
N GLY E 473 -30.26 -5.97 -1.57
CA GLY E 473 -29.43 -7.05 -1.12
C GLY E 473 -28.02 -6.62 -1.36
N ASP E 474 -27.11 -7.57 -1.33
CA ASP E 474 -25.73 -7.23 -1.53
C ASP E 474 -25.63 -6.63 -2.92
N MET E 475 -24.86 -5.56 -3.06
CA MET E 475 -24.71 -4.84 -4.32
C MET E 475 -24.02 -5.66 -5.39
N ARG E 476 -23.48 -6.81 -5.02
CA ARG E 476 -22.90 -7.69 -6.00
C ARG E 476 -23.89 -8.10 -7.04
N ASP E 477 -25.17 -8.16 -6.68
CA ASP E 477 -26.17 -8.59 -7.64
C ASP E 477 -26.18 -7.68 -8.86
N ASN E 478 -25.80 -6.43 -8.70
CA ASN E 478 -25.82 -5.52 -9.81
C ASN E 478 -24.78 -5.92 -10.83
N TRP E 479 -23.68 -6.46 -10.34
CA TRP E 479 -22.59 -6.78 -11.20
C TRP E 479 -22.80 -8.15 -11.74
N ARG E 480 -23.55 -8.98 -11.01
CA ARG E 480 -23.82 -10.31 -11.51
C ARG E 480 -24.56 -10.14 -12.79
N SER E 481 -25.44 -9.17 -12.83
CA SER E 481 -26.19 -8.94 -14.03
C SER E 481 -25.27 -8.57 -15.17
N GLU E 482 -24.36 -7.65 -14.96
CA GLU E 482 -23.50 -7.26 -16.07
C GLU E 482 -22.54 -8.35 -16.52
N LEU E 483 -22.10 -9.16 -15.58
CA LEU E 483 -21.18 -10.26 -15.80
C LEU E 483 -21.84 -11.62 -15.98
N TYR E 484 -23.15 -11.67 -16.14
CA TYR E 484 -23.88 -12.93 -16.18
C TYR E 484 -23.43 -13.87 -17.28
N LYS E 485 -22.85 -13.32 -18.34
CA LYS E 485 -22.44 -14.08 -19.50
C LYS E 485 -20.96 -14.47 -19.57
N TYR E 486 -20.17 -14.22 -18.52
CA TYR E 486 -18.74 -14.54 -18.62
C TYR E 486 -18.26 -15.65 -17.67
N LYS E 487 -17.28 -16.41 -18.14
CA LYS E 487 -16.62 -17.45 -17.36
C LYS E 487 -15.10 -17.46 -17.51
N VAL E 488 -14.35 -17.81 -16.46
CA VAL E 488 -12.90 -17.87 -16.60
C VAL E 488 -12.34 -19.26 -16.40
N VAL E 489 -11.52 -19.68 -17.36
CA VAL E 489 -10.93 -21.00 -17.29
C VAL E 489 -9.42 -21.00 -17.40
N LYS E 490 -8.83 -22.03 -16.82
CA LYS E 490 -7.41 -22.27 -16.86
C LYS E 490 -7.05 -23.17 -18.00
N ILE E 491 -6.03 -22.79 -18.72
CA ILE E 491 -5.57 -23.56 -19.85
C ILE E 491 -4.65 -24.66 -19.39
N GLU E 492 -4.90 -25.88 -19.86
CA GLU E 492 -4.10 -27.04 -19.48
C GLU E 492 -3.42 -27.72 -20.67
N PRO E 493 -2.20 -27.32 -21.06
CA PRO E 493 -1.44 -27.75 -22.22
C PRO E 493 -1.10 -29.23 -22.38
N LEU E 494 -1.08 -30.03 -21.31
CA LEU E 494 -0.72 -31.43 -21.53
C LEU E 494 -1.85 -32.41 -21.54
N GLY E 495 -1.65 -33.47 -22.31
CA GLY E 495 -2.56 -34.59 -22.33
C GLY E 495 -1.94 -35.75 -23.09
N VAL E 496 -2.58 -36.90 -22.98
CA VAL E 496 -2.11 -38.13 -23.61
C VAL E 496 -3.24 -38.82 -24.34
N ALA E 497 -2.89 -39.71 -25.23
CA ALA E 497 -3.83 -40.50 -26.03
C ALA E 497 -3.14 -41.80 -26.49
N PRO E 498 -3.85 -42.85 -26.93
CA PRO E 498 -3.28 -44.04 -27.54
C PRO E 498 -2.71 -43.79 -28.94
N THR E 499 -1.62 -44.47 -29.26
CA THR E 499 -0.96 -44.44 -30.56
C THR E 499 -0.42 -45.75 -31.07
N ARG E 500 -0.08 -45.78 -32.35
CA ARG E 500 0.58 -46.94 -32.96
C ARG E 500 2.13 -46.84 -33.08
N CYS E 501 2.75 -45.77 -32.54
CA CYS E 501 4.20 -45.55 -32.55
C CYS E 501 4.83 -45.90 -31.21
N LYS E 502 6.07 -46.32 -31.30
CA LYS E 502 6.93 -46.66 -30.18
C LYS E 502 8.30 -46.06 -30.49
N ARG E 503 9.11 -45.74 -29.49
CA ARG E 503 10.40 -45.13 -29.74
C ARG E 503 11.41 -46.08 -30.31
N ARG E 504 12.36 -45.54 -31.06
CA ARG E 504 13.45 -46.37 -31.54
C ARG E 504 14.36 -46.57 -30.33
N VAL E 505 14.89 -47.80 -30.16
CA VAL E 505 15.80 -48.18 -29.06
C VAL E 505 17.00 -48.86 -29.68
N LEU F 520 -5.06 -21.41 -36.98
CA LEU F 520 -5.96 -20.24 -37.15
C LEU F 520 -5.74 -19.24 -35.98
N GLY F 521 -6.03 -19.61 -34.71
CA GLY F 521 -5.91 -18.68 -33.55
C GLY F 521 -5.91 -19.34 -32.16
N PHE F 522 -5.64 -18.57 -31.08
CA PHE F 522 -5.30 -19.17 -29.76
C PHE F 522 -6.53 -19.91 -29.23
N LEU F 523 -6.45 -21.25 -29.18
CA LEU F 523 -7.54 -22.12 -28.76
C LEU F 523 -8.70 -22.04 -29.74
N GLY F 524 -8.40 -21.67 -30.98
CA GLY F 524 -9.39 -21.48 -32.01
C GLY F 524 -10.15 -22.72 -32.39
N ALA F 525 -9.46 -23.76 -32.82
CA ALA F 525 -10.16 -24.96 -33.26
C ALA F 525 -10.49 -25.89 -32.09
N ALA F 526 -11.20 -25.36 -31.11
CA ALA F 526 -11.57 -26.08 -29.91
C ALA F 526 -12.43 -27.29 -30.21
N GLY F 527 -13.29 -27.16 -31.21
CA GLY F 527 -14.22 -28.23 -31.57
C GLY F 527 -13.65 -29.21 -32.59
N SER F 528 -12.39 -29.05 -32.99
CA SER F 528 -11.83 -29.93 -33.99
C SER F 528 -11.45 -31.24 -33.36
N THR F 529 -11.23 -32.24 -34.18
CA THR F 529 -10.89 -33.53 -33.67
C THR F 529 -9.48 -33.56 -33.17
N MET F 530 -9.16 -34.58 -32.42
CA MET F 530 -7.85 -34.69 -31.83
C MET F 530 -6.74 -34.72 -32.84
N GLY F 531 -6.95 -35.41 -33.96
CA GLY F 531 -5.94 -35.45 -34.98
C GLY F 531 -5.81 -34.09 -35.63
N ALA F 532 -6.95 -33.48 -35.98
CA ALA F 532 -6.90 -32.21 -36.67
C ALA F 532 -6.21 -31.16 -35.87
N ALA F 533 -6.43 -31.20 -34.57
CA ALA F 533 -5.98 -30.25 -33.58
C ALA F 533 -4.48 -30.16 -33.51
N SER F 534 -3.78 -31.13 -34.06
CA SER F 534 -2.33 -31.07 -33.99
C SER F 534 -1.79 -29.80 -34.66
N MET F 535 -2.56 -29.26 -35.60
CA MET F 535 -2.24 -28.08 -36.37
C MET F 535 -2.15 -26.79 -35.55
N THR F 536 -2.75 -26.74 -34.37
CA THR F 536 -2.73 -25.53 -33.54
C THR F 536 -1.92 -25.70 -32.26
N LEU F 537 -1.26 -26.81 -32.05
CA LEU F 537 -0.67 -26.98 -30.73
C LEU F 537 0.39 -25.89 -30.45
N THR F 538 1.09 -25.48 -31.50
CA THR F 538 2.12 -24.47 -31.42
C THR F 538 1.54 -23.10 -31.01
N VAL F 539 0.34 -22.74 -31.48
CA VAL F 539 -0.16 -21.40 -31.13
C VAL F 539 -0.44 -21.38 -29.67
N GLN F 540 -0.86 -22.51 -29.12
CA GLN F 540 -1.13 -22.43 -27.72
C GLN F 540 0.15 -22.27 -26.92
N ALA F 541 1.21 -22.97 -27.32
CA ALA F 541 2.45 -22.89 -26.57
C ALA F 541 3.01 -21.48 -26.51
N ARG F 542 2.88 -20.78 -27.63
CA ARG F 542 3.40 -19.43 -27.76
C ARG F 542 2.70 -18.39 -26.92
N ASN F 543 1.52 -18.70 -26.42
CA ASN F 543 0.75 -17.74 -25.66
C ASN F 543 0.70 -18.04 -24.18
N LEU F 544 1.56 -18.89 -23.68
CA LEU F 544 1.54 -19.19 -22.26
C LEU F 544 2.41 -18.24 -21.44
N LEU F 545 3.36 -17.57 -22.07
CA LEU F 545 4.26 -16.68 -21.35
C LEU F 545 3.92 -15.21 -21.63
N SER F 546 4.20 -14.31 -20.64
CA SER F 546 4.01 -12.86 -20.75
C SER F 546 4.97 -12.26 -21.79
N ASP F 568 0.13 1.69 -4.36
CA ASP F 568 -0.76 0.62 -3.91
C ASP F 568 0.05 -0.70 -3.89
N THR F 569 0.46 -1.12 -2.66
CA THR F 569 1.28 -2.30 -2.45
C THR F 569 0.45 -3.58 -2.52
N HIS F 570 -0.84 -3.48 -2.26
CA HIS F 570 -1.63 -4.68 -2.34
C HIS F 570 -1.77 -5.07 -3.80
N TRP F 571 -1.97 -4.07 -4.64
CA TRP F 571 -2.10 -4.34 -6.05
C TRP F 571 -0.83 -4.94 -6.59
N GLY F 572 0.31 -4.35 -6.23
CA GLY F 572 1.57 -4.86 -6.74
C GLY F 572 1.80 -6.31 -6.35
N ILE F 573 1.45 -6.69 -5.12
CA ILE F 573 1.62 -8.07 -4.74
C ILE F 573 0.71 -8.97 -5.52
N LYS F 574 -0.54 -8.59 -5.70
CA LYS F 574 -1.42 -9.48 -6.43
C LYS F 574 -0.83 -9.80 -7.80
N GLN F 575 -0.27 -8.79 -8.45
CA GLN F 575 0.27 -9.05 -9.76
C GLN F 575 1.51 -9.91 -9.71
N LEU F 576 2.37 -9.72 -8.71
CA LEU F 576 3.53 -10.57 -8.65
C LEU F 576 3.15 -11.99 -8.36
N GLN F 577 2.15 -12.21 -7.54
CA GLN F 577 1.78 -13.57 -7.23
C GLN F 577 1.29 -14.24 -8.48
N ALA F 578 0.52 -13.51 -9.29
CA ALA F 578 0.02 -14.10 -10.50
C ALA F 578 1.15 -14.46 -11.46
N ARG F 579 2.16 -13.61 -11.54
CA ARG F 579 3.25 -13.89 -12.44
C ARG F 579 4.03 -15.10 -11.98
N VAL F 580 4.23 -15.21 -10.69
CA VAL F 580 4.96 -16.33 -10.19
C VAL F 580 4.23 -17.61 -10.44
N LEU F 581 2.92 -17.63 -10.21
CA LEU F 581 2.21 -18.86 -10.44
C LEU F 581 2.26 -19.25 -11.89
N ALA F 582 2.17 -18.29 -12.81
CA ALA F 582 2.22 -18.67 -14.20
C ALA F 582 3.54 -19.36 -14.51
N VAL F 583 4.62 -18.84 -13.91
CA VAL F 583 5.91 -19.44 -14.13
C VAL F 583 5.96 -20.82 -13.54
N GLU F 584 5.45 -20.99 -12.35
CA GLU F 584 5.50 -22.30 -11.73
C GLU F 584 4.72 -23.33 -12.51
N HIS F 585 3.59 -22.96 -13.07
CA HIS F 585 2.83 -23.96 -13.80
C HIS F 585 3.59 -24.31 -15.07
N TYR F 586 4.17 -23.31 -15.69
CA TYR F 586 4.92 -23.52 -16.90
C TYR F 586 6.07 -24.48 -16.66
N LEU F 587 6.84 -24.23 -15.59
CA LEU F 587 7.97 -25.07 -15.33
C LEU F 587 7.55 -26.48 -14.99
N ARG F 588 6.44 -26.66 -14.28
CA ARG F 588 6.05 -28.02 -14.01
C ARG F 588 5.76 -28.77 -15.28
N ASP F 589 5.12 -28.13 -16.26
CA ASP F 589 4.87 -28.87 -17.49
C ASP F 589 6.18 -29.25 -18.15
N GLN F 590 7.15 -28.34 -18.12
CA GLN F 590 8.41 -28.64 -18.76
C GLN F 590 9.16 -29.73 -18.04
N GLN F 591 9.04 -29.75 -16.72
CA GLN F 591 9.71 -30.74 -15.92
C GLN F 591 9.16 -32.10 -16.20
N LEU F 592 7.86 -32.18 -16.41
CA LEU F 592 7.29 -33.46 -16.72
C LEU F 592 7.72 -33.97 -18.07
N LEU F 593 7.80 -33.09 -19.04
CA LEU F 593 8.23 -33.56 -20.33
C LEU F 593 9.67 -34.05 -20.21
N GLY F 594 10.45 -33.36 -19.40
CA GLY F 594 11.83 -33.76 -19.20
C GLY F 594 11.94 -35.14 -18.58
N ILE F 595 11.23 -35.38 -17.48
CA ILE F 595 11.35 -36.63 -16.75
C ILE F 595 10.86 -37.82 -17.57
N TRP F 596 9.94 -37.58 -18.50
CA TRP F 596 9.42 -38.63 -19.36
C TRP F 596 10.23 -38.80 -20.64
N GLY F 597 11.22 -37.94 -20.88
CA GLY F 597 12.00 -37.98 -22.12
C GLY F 597 11.34 -37.36 -23.38
N CYS F 598 10.37 -36.44 -23.21
CA CYS F 598 9.59 -35.78 -24.26
C CYS F 598 9.91 -34.29 -24.33
N SER F 599 10.95 -33.83 -23.66
CA SER F 599 11.20 -32.40 -23.66
C SER F 599 11.61 -31.80 -25.00
N GLY F 600 12.14 -32.60 -25.89
CA GLY F 600 12.55 -32.04 -27.16
C GLY F 600 11.48 -32.07 -28.22
N LYS F 601 10.28 -32.57 -27.90
CA LYS F 601 9.28 -32.68 -28.94
C LYS F 601 7.94 -32.13 -28.49
N LEU F 602 7.23 -31.45 -29.37
CA LEU F 602 5.89 -31.05 -28.98
C LEU F 602 5.03 -32.32 -28.93
N ILE F 603 5.22 -33.18 -29.93
CA ILE F 603 4.51 -34.46 -30.00
C ILE F 603 5.54 -35.59 -29.80
N CYS F 604 5.32 -36.42 -28.76
CA CYS F 604 6.23 -37.49 -28.33
C CYS F 604 5.60 -38.89 -28.29
N CYS F 605 6.33 -39.86 -28.82
CA CYS F 605 5.91 -41.25 -28.76
C CYS F 605 6.68 -41.85 -27.62
N THR F 606 6.02 -42.64 -26.78
CA THR F 606 6.72 -43.23 -25.68
C THR F 606 6.57 -44.73 -25.74
N ASN F 607 7.28 -45.42 -24.88
CA ASN F 607 7.26 -46.86 -24.88
C ASN F 607 6.28 -47.46 -23.91
N VAL F 608 5.45 -46.64 -23.31
CA VAL F 608 4.47 -47.15 -22.39
C VAL F 608 3.31 -47.72 -23.18
N PRO F 609 2.91 -48.97 -22.99
CA PRO F 609 1.84 -49.60 -23.70
C PRO F 609 0.55 -48.95 -23.27
N TRP F 610 -0.42 -48.93 -24.14
CA TRP F 610 -1.70 -48.39 -23.78
C TRP F 610 -2.54 -49.48 -23.12
N ASN F 611 -3.18 -49.16 -21.99
CA ASN F 611 -4.08 -50.04 -21.23
C ASN F 611 -5.53 -49.83 -21.70
N SER F 612 -6.17 -50.91 -22.21
CA SER F 612 -7.56 -50.91 -22.70
C SER F 612 -8.53 -50.65 -21.54
N SER F 613 -8.02 -50.83 -20.32
CA SER F 613 -8.77 -50.53 -19.12
C SER F 613 -9.02 -49.04 -19.03
N TRP F 614 -8.02 -48.23 -19.38
CA TRP F 614 -8.17 -46.80 -19.26
C TRP F 614 -9.19 -46.38 -20.27
N SER F 615 -9.04 -46.94 -21.45
CA SER F 615 -9.95 -46.69 -22.55
C SER F 615 -9.92 -47.76 -23.58
N ASN F 616 -11.11 -48.22 -23.95
CA ASN F 616 -11.31 -49.22 -24.98
C ASN F 616 -11.96 -48.61 -26.22
N ARG F 617 -11.86 -47.30 -26.35
CA ARG F 617 -12.34 -46.54 -27.48
C ARG F 617 -11.31 -46.78 -28.61
N ASN F 618 -11.73 -46.73 -29.87
CA ASN F 618 -10.86 -47.11 -31.02
C ASN F 618 -10.19 -45.87 -31.65
N LEU F 619 -9.02 -46.05 -32.29
CA LEU F 619 -8.26 -44.93 -32.91
C LEU F 619 -9.12 -44.21 -33.95
N SER F 620 -10.00 -44.98 -34.59
CA SER F 620 -10.94 -44.50 -35.59
C SER F 620 -11.99 -43.57 -34.99
N GLU F 621 -12.11 -43.58 -33.66
CA GLU F 621 -13.03 -42.71 -32.99
C GLU F 621 -12.22 -41.59 -32.34
N ILE F 622 -11.08 -41.97 -31.76
CA ILE F 622 -10.27 -41.04 -31.01
C ILE F 622 -9.62 -39.98 -31.83
N TRP F 623 -8.99 -40.33 -32.93
CA TRP F 623 -8.30 -39.30 -33.67
C TRP F 623 -9.18 -38.63 -34.71
N ASP F 624 -10.15 -39.37 -35.21
CA ASP F 624 -11.00 -38.90 -36.29
C ASP F 624 -12.32 -38.26 -35.90
N ASN F 625 -12.92 -38.64 -34.78
CA ASN F 625 -14.22 -38.09 -34.44
C ASN F 625 -14.24 -37.26 -33.16
N MET F 626 -13.48 -37.70 -32.16
CA MET F 626 -13.46 -37.03 -30.87
C MET F 626 -12.57 -35.82 -30.88
N THR F 627 -12.91 -34.85 -30.05
CA THR F 627 -12.14 -33.63 -29.83
C THR F 627 -11.30 -33.82 -28.57
N TRP F 628 -10.33 -32.93 -28.32
CA TRP F 628 -9.52 -33.08 -27.11
C TRP F 628 -10.31 -32.82 -25.85
N LEU F 629 -11.33 -31.98 -25.93
CA LEU F 629 -12.13 -31.73 -24.74
C LEU F 629 -12.92 -32.97 -24.37
N GLN F 630 -13.49 -33.65 -25.39
CA GLN F 630 -14.25 -34.85 -25.11
C GLN F 630 -13.34 -35.92 -24.58
N TRP F 631 -12.19 -36.02 -25.21
CA TRP F 631 -11.22 -37.00 -24.83
C TRP F 631 -10.81 -36.81 -23.42
N ASP F 632 -10.53 -35.58 -23.02
CA ASP F 632 -10.12 -35.34 -21.66
C ASP F 632 -11.22 -35.80 -20.71
N LYS F 633 -12.47 -35.57 -21.05
CA LYS F 633 -13.52 -36.05 -20.18
C LYS F 633 -13.45 -37.57 -20.03
N GLU F 634 -13.07 -38.24 -21.11
CA GLU F 634 -12.96 -39.70 -21.12
C GLU F 634 -11.60 -40.22 -20.65
N ILE F 635 -10.69 -39.34 -20.24
CA ILE F 635 -9.39 -39.84 -19.77
C ILE F 635 -9.61 -40.46 -18.39
N SER F 636 -10.75 -40.11 -17.80
CA SER F 636 -11.28 -40.62 -16.56
C SER F 636 -10.34 -40.68 -15.36
N ASN F 637 -9.56 -39.59 -15.17
CA ASN F 637 -8.59 -39.34 -14.11
C ASN F 637 -7.51 -40.45 -13.93
N TYR F 638 -6.94 -40.97 -15.05
CA TYR F 638 -5.87 -41.98 -15.08
C TYR F 638 -4.54 -41.34 -15.46
N THR F 639 -4.53 -40.03 -15.49
CA THR F 639 -3.39 -39.26 -15.95
C THR F 639 -2.13 -39.56 -15.15
N GLN F 640 -2.27 -39.62 -13.86
CA GLN F 640 -1.17 -39.85 -12.94
C GLN F 640 -0.64 -41.27 -13.03
N ILE F 641 -1.44 -42.18 -13.58
CA ILE F 641 -1.01 -43.55 -13.69
C ILE F 641 -0.04 -43.56 -14.80
N ILE F 642 -0.44 -42.91 -15.86
CA ILE F 642 0.36 -42.83 -17.04
C ILE F 642 1.64 -42.11 -16.69
N TYR F 643 1.56 -41.04 -15.94
CA TYR F 643 2.78 -40.35 -15.62
C TYR F 643 3.77 -41.28 -14.92
N GLY F 644 3.31 -42.07 -13.96
CA GLY F 644 4.25 -42.93 -13.29
C GLY F 644 4.90 -43.92 -14.26
N LEU F 645 4.11 -44.42 -15.21
CA LEU F 645 4.63 -45.36 -16.18
C LEU F 645 5.65 -44.72 -17.12
N LEU F 646 5.41 -43.48 -17.50
CA LEU F 646 6.30 -42.80 -18.41
C LEU F 646 7.65 -42.58 -17.77
N GLU F 647 7.63 -42.28 -16.48
CA GLU F 647 8.82 -42.03 -15.71
C GLU F 647 9.67 -43.29 -15.62
N GLU F 648 9.03 -44.43 -15.42
CA GLU F 648 9.76 -45.68 -15.33
C GLU F 648 10.39 -46.06 -16.66
N SER F 649 9.68 -45.83 -17.76
CA SER F 649 10.27 -46.20 -19.04
C SER F 649 11.50 -45.36 -19.29
N GLN F 650 11.44 -44.08 -18.94
CA GLN F 650 12.59 -43.24 -19.16
C GLN F 650 13.77 -43.66 -18.30
N ASN F 651 13.52 -44.09 -17.06
CA ASN F 651 14.61 -44.48 -16.20
C ASN F 651 15.33 -45.67 -16.77
N GLN F 652 14.58 -46.60 -17.30
CA GLN F 652 15.18 -47.80 -17.83
C GLN F 652 16.02 -47.47 -19.03
N GLN F 653 15.53 -46.57 -19.87
CA GLN F 653 16.29 -46.25 -21.05
C GLN F 653 17.57 -45.51 -20.75
N GLU F 654 17.54 -44.57 -19.79
CA GLU F 654 18.79 -43.85 -19.54
C GLU F 654 19.81 -44.75 -18.90
N LYS F 655 19.38 -45.63 -18.00
CA LYS F 655 20.36 -46.48 -17.36
C LYS F 655 20.94 -47.45 -18.37
N ASN F 656 20.11 -47.99 -19.25
CA ASN F 656 20.63 -48.96 -20.18
C ASN F 656 21.64 -48.32 -21.10
N GLU F 657 21.39 -47.09 -21.54
CA GLU F 657 22.36 -46.48 -22.41
C GLU F 657 23.68 -46.28 -21.68
N GLN F 658 23.63 -45.85 -20.43
CA GLN F 658 24.87 -45.59 -19.73
C GLN F 658 25.69 -46.86 -19.56
N ASP F 659 25.02 -47.99 -19.37
CA ASP F 659 25.75 -49.23 -19.24
C ASP F 659 26.39 -49.63 -20.57
N LEU F 660 25.71 -49.31 -21.68
CA LEU F 660 26.20 -49.62 -23.02
C LEU F 660 27.38 -48.74 -23.50
N LEU F 661 27.42 -47.45 -23.08
CA LEU F 661 28.45 -46.46 -23.44
C LEU F 661 29.80 -46.89 -22.86
N UNK G 1 -30.62 47.39 -11.05
CA UNK G 1 -29.69 48.44 -10.64
C UNK G 1 -30.36 49.40 -9.64
N UNK G 2 -31.54 49.93 -9.99
CA UNK G 2 -32.36 50.86 -9.21
C UNK G 2 -33.80 50.69 -9.64
N UNK G 3 -34.73 51.08 -8.78
CA UNK G 3 -36.12 51.00 -9.15
C UNK G 3 -36.95 52.07 -8.48
N UNK G 4 -37.99 52.48 -9.19
CA UNK G 4 -39.00 53.43 -8.76
C UNK G 4 -40.08 52.83 -7.86
N UNK G 5 -40.67 53.72 -7.07
CA UNK G 5 -41.80 53.39 -6.22
C UNK G 5 -43.08 53.41 -7.01
N UNK G 6 -43.25 52.41 -7.84
CA UNK G 6 -44.41 52.31 -8.70
C UNK G 6 -45.62 52.15 -7.79
N UNK G 7 -46.79 52.56 -8.27
CA UNK G 7 -47.99 52.56 -7.43
C UNK G 7 -47.72 53.53 -6.29
N UNK G 8 -47.67 53.04 -5.05
CA UNK G 8 -47.47 53.94 -3.90
C UNK G 8 -48.52 55.03 -3.98
N UNK G 9 -49.73 54.60 -4.30
CA UNK G 9 -50.87 55.46 -4.46
C UNK G 9 -51.75 55.36 -3.25
N UNK G 10 -52.54 56.39 -3.00
CA UNK G 10 -53.51 56.26 -1.93
C UNK G 10 -54.57 55.26 -2.37
N UNK G 11 -55.04 54.48 -1.42
CA UNK G 11 -56.09 53.50 -1.68
C UNK G 11 -57.22 53.77 -0.72
N UNK G 12 -58.40 53.31 -1.06
CA UNK G 12 -59.49 53.44 -0.13
C UNK G 12 -59.19 52.53 1.04
N UNK G 13 -59.63 52.89 2.23
CA UNK G 13 -59.44 51.99 3.35
C UNK G 13 -60.27 50.74 3.13
N UNK G 14 -59.76 49.59 3.57
CA UNK G 14 -60.49 48.32 3.47
C UNK G 14 -60.90 48.04 2.03
N UNK G 15 -59.95 48.22 1.14
CA UNK G 15 -60.09 48.00 -0.29
C UNK G 15 -58.80 47.43 -0.79
N UNK G 16 -58.78 46.80 -1.96
CA UNK G 16 -57.51 46.26 -2.38
C UNK G 16 -56.49 47.38 -2.48
N UNK G 17 -55.30 47.12 -1.96
CA UNK G 17 -54.22 48.07 -1.97
C UNK G 17 -53.66 48.30 -3.35
N UNK G 18 -53.20 49.52 -3.61
CA UNK G 18 -52.48 49.73 -4.84
C UNK G 18 -51.11 49.11 -4.64
N UNK G 19 -50.55 48.44 -5.63
CA UNK G 19 -49.23 47.90 -5.43
C UNK G 19 -48.51 47.70 -6.75
N UNK G 20 -47.25 48.07 -6.78
CA UNK G 20 -46.41 47.90 -7.94
C UNK G 20 -44.99 48.16 -7.55
N UNK G 21 -44.08 47.82 -8.43
CA UNK G 21 -42.68 48.16 -8.26
C UNK G 21 -42.05 48.23 -9.64
N UNK G 22 -41.04 49.06 -9.78
CA UNK G 22 -40.28 49.05 -11.01
C UNK G 22 -39.15 48.05 -10.87
N UNK G 23 -38.56 47.61 -11.98
CA UNK G 23 -37.43 46.68 -11.86
C UNK G 23 -36.52 46.72 -13.04
N UNK G 24 -35.34 46.22 -12.80
CA UNK G 24 -34.30 45.99 -13.78
C UNK G 24 -33.68 44.72 -13.34
N UNK G 25 -33.14 43.92 -14.26
CA UNK G 25 -32.55 42.65 -13.85
C UNK G 25 -33.59 41.86 -13.04
N UNK G 26 -34.82 41.82 -13.53
CA UNK G 26 -35.86 41.12 -12.83
C UNK G 26 -35.44 39.68 -12.72
N UNK G 27 -35.80 39.06 -11.59
CA UNK G 27 -35.49 37.67 -11.23
C UNK G 27 -34.03 37.44 -10.84
N UNK G 28 -33.23 38.50 -10.73
CA UNK G 28 -31.85 38.41 -10.27
C UNK G 28 -31.79 38.29 -8.75
N UNK G 29 -30.68 37.74 -8.25
CA UNK G 29 -30.38 37.57 -6.83
C UNK G 29 -31.46 36.76 -6.11
N UNK G 30 -31.84 37.17 -4.89
CA UNK G 30 -32.81 36.43 -4.12
C UNK G 30 -34.17 37.04 -4.31
N UNK G 31 -35.17 36.36 -3.82
CA UNK G 31 -36.51 36.86 -3.90
C UNK G 31 -36.63 38.23 -3.22
N UNK G 32 -37.49 39.10 -3.77
CA UNK G 32 -37.73 40.46 -3.24
C UNK G 32 -39.00 40.64 -2.43
N UNK G 33 -38.87 40.99 -1.16
CA UNK G 33 -40.07 41.20 -0.33
C UNK G 33 -40.42 42.65 -0.30
N UNK G 34 -41.71 42.93 -0.38
CA UNK G 34 -42.26 44.28 -0.26
C UNK G 34 -42.52 44.59 1.18
N UNK G 35 -41.50 44.90 1.94
CA UNK G 35 -41.77 45.09 3.35
C UNK G 35 -42.70 46.28 3.47
N UNK G 36 -43.82 46.15 4.18
CA UNK G 36 -44.75 47.26 4.31
C UNK G 36 -44.12 48.47 4.96
N UNK G 37 -43.16 48.23 5.89
CA UNK G 37 -42.51 49.32 6.60
C UNK G 37 -43.61 50.15 7.22
N UNK G 38 -44.53 49.44 7.83
CA UNK G 38 -45.70 50.02 8.43
C UNK G 38 -45.38 50.80 9.67
N UNK G 39 -46.30 51.66 10.05
CA UNK G 39 -46.11 52.43 11.24
C UNK G 39 -45.81 51.48 12.38
N UNK G 40 -44.79 51.86 13.16
CA UNK G 40 -44.28 51.11 14.29
C UNK G 40 -43.76 49.72 13.91
N UNK G 41 -43.18 49.59 12.71
CA UNK G 41 -42.57 48.35 12.27
C UNK G 41 -41.30 48.64 11.50
N UNK G 42 -40.28 47.79 11.65
CA UNK G 42 -39.09 48.00 10.83
C UNK G 42 -39.32 47.36 9.47
N UNK G 43 -40.08 46.27 9.49
CA UNK G 43 -40.39 45.49 8.31
C UNK G 43 -41.67 44.72 8.52
N UNK G 44 -42.24 44.29 7.42
CA UNK G 44 -43.44 43.47 7.41
C UNK G 44 -43.11 42.00 7.28
N UNK G 45 -44.16 41.19 7.41
CA UNK G 45 -44.12 39.75 7.24
C UNK G 45 -44.13 39.38 5.76
N UNK G 46 -44.16 40.40 4.90
CA UNK G 46 -44.21 40.23 3.47
C UNK G 46 -43.16 39.25 3.10
N UNK G 47 -43.54 38.30 2.30
CA UNK G 47 -42.61 37.31 1.92
C UNK G 47 -42.01 37.74 0.65
N UNK G 48 -40.84 37.27 0.40
CA UNK G 48 -40.16 37.62 -0.80
C UNK G 48 -40.77 37.00 -2.03
N UNK G 49 -40.76 37.78 -3.11
CA UNK G 49 -41.20 37.34 -4.40
C UNK G 49 -40.07 36.75 -5.23
N UNK G 50 -40.14 35.45 -5.46
CA UNK G 50 -39.09 34.73 -6.14
C UNK G 50 -39.24 34.86 -7.62
N UNK G 51 -38.18 34.53 -8.33
CA UNK G 51 -38.20 34.56 -9.78
C UNK G 51 -39.30 33.67 -10.35
N UNK G 52 -39.56 32.52 -9.71
CA UNK G 52 -40.58 31.61 -10.20
C UNK G 52 -42.00 31.96 -9.71
N UNK G 53 -42.11 32.35 -8.44
CA UNK G 53 -43.41 32.65 -7.85
C UNK G 53 -43.26 33.50 -6.62
N UNK G 54 -44.26 34.32 -6.32
CA UNK G 54 -44.16 35.06 -5.09
C UNK G 54 -44.66 34.26 -3.91
N UNK G 55 -43.98 34.40 -2.78
CA UNK G 55 -44.42 33.77 -1.55
C UNK G 55 -45.41 34.67 -0.82
N UNK G 56 -46.33 34.05 -0.07
CA UNK G 56 -47.27 34.82 0.75
C UNK G 56 -46.60 35.25 2.04
N UNK G 57 -47.05 36.37 2.58
CA UNK G 57 -46.57 36.90 3.84
C UNK G 57 -46.84 35.92 4.95
N UNK G 58 -45.95 35.84 5.92
CA UNK G 58 -46.21 34.95 7.04
C UNK G 58 -47.49 35.34 7.74
N UNK G 59 -47.79 36.64 7.78
CA UNK G 59 -49.00 37.18 8.37
C UNK G 59 -50.26 36.75 7.64
N UNK G 60 -50.12 36.51 6.35
CA UNK G 60 -51.19 36.14 5.44
C UNK G 60 -52.39 37.08 5.58
N UNK G 61 -52.14 38.38 5.69
CA UNK G 61 -53.21 39.35 5.85
C UNK G 61 -53.81 39.70 4.51
N UNK G 62 -54.52 38.73 3.94
CA UNK G 62 -55.08 38.81 2.61
C UNK G 62 -53.97 39.15 1.64
N UNK G 63 -52.83 38.50 1.86
CA UNK G 63 -51.64 38.73 1.08
C UNK G 63 -51.94 38.47 -0.37
N UNK G 64 -51.43 39.35 -1.22
CA UNK G 64 -51.68 39.23 -2.64
C UNK G 64 -50.45 39.40 -3.50
N UNK G 65 -49.26 39.02 -3.03
CA UNK G 65 -48.09 39.26 -3.87
C UNK G 65 -48.25 38.56 -5.19
N UNK G 66 -47.89 39.25 -6.26
CA UNK G 66 -48.03 38.68 -7.59
C UNK G 66 -47.05 39.33 -8.53
N UNK G 67 -45.76 39.07 -8.32
CA UNK G 67 -44.78 39.79 -9.09
C UNK G 67 -45.07 39.74 -10.57
N UNK G 68 -45.11 40.92 -11.19
CA UNK G 68 -45.38 41.05 -12.61
C UNK G 68 -44.28 40.47 -13.48
N UNK G 69 -44.63 39.83 -14.58
CA UNK G 69 -43.56 39.38 -15.45
C UNK G 69 -42.76 40.54 -16.03
N UNK G 70 -43.44 41.64 -16.35
CA UNK G 70 -42.80 42.79 -16.99
C UNK G 70 -41.76 43.49 -16.13
N UNK G 71 -42.00 43.62 -14.84
CA UNK G 71 -41.06 44.33 -13.98
C UNK G 71 -41.06 43.84 -12.56
N UNK G 72 -41.53 42.65 -12.30
CA UNK G 72 -41.59 42.17 -10.93
C UNK G 72 -42.29 43.18 -10.04
N UNK G 73 -43.35 43.79 -10.56
CA UNK G 73 -44.07 44.76 -9.81
C UNK G 73 -44.58 44.04 -8.63
N UNK G 74 -44.55 44.62 -7.43
CA UNK G 74 -44.98 43.81 -6.29
C UNK G 74 -46.38 43.27 -6.49
N UNK G 75 -47.25 44.13 -7.02
CA UNK G 75 -48.64 43.84 -7.34
C UNK G 75 -49.38 43.24 -6.15
N UNK G 76 -48.88 43.48 -4.96
CA UNK G 76 -49.41 42.94 -3.73
C UNK G 76 -50.58 43.73 -3.23
N UNK G 77 -51.66 43.65 -3.99
CA UNK G 77 -52.85 44.40 -3.71
C UNK G 77 -53.65 43.66 -2.66
N UNK G 78 -53.15 43.71 -1.43
CA UNK G 78 -53.78 42.98 -0.35
C UNK G 78 -55.20 43.45 -0.26
N UNK G 79 -56.10 42.53 0.05
CA UNK G 79 -57.54 42.83 0.03
C UNK G 79 -58.02 43.97 0.92
N UNK G 80 -57.38 44.23 2.06
CA UNK G 80 -57.90 45.27 2.93
C UNK G 80 -56.84 46.27 3.33
N UNK G 81 -56.72 47.31 2.52
CA UNK G 81 -55.75 48.38 2.66
C UNK G 81 -55.91 49.17 3.95
N UNK G 82 -54.78 49.66 4.46
CA UNK G 82 -54.76 50.49 5.65
C UNK G 82 -53.67 51.51 5.50
N UNK G 83 -53.78 52.63 6.21
CA UNK G 83 -52.80 53.71 6.14
C UNK G 83 -51.56 53.37 6.91
N UNK G 84 -51.60 52.23 7.57
CA UNK G 84 -50.49 51.74 8.34
C UNK G 84 -49.29 51.50 7.43
N UNK G 85 -49.50 51.05 6.19
CA UNK G 85 -48.36 50.74 5.32
C UNK G 85 -47.95 51.95 4.52
N UNK G 86 -46.64 52.17 4.40
CA UNK G 86 -46.14 53.29 3.63
C UNK G 86 -44.69 53.07 3.39
N UNK G 87 -44.13 53.59 2.30
CA UNK G 87 -42.70 53.48 2.10
C UNK G 87 -42.29 52.03 2.12
N UNK G 88 -43.15 51.19 1.54
CA UNK G 88 -42.84 49.80 1.52
C UNK G 88 -41.62 49.60 0.69
N UNK G 89 -40.73 48.77 1.15
CA UNK G 89 -39.52 48.54 0.41
C UNK G 89 -39.47 47.20 -0.26
N UNK G 90 -39.70 47.20 -1.58
CA UNK G 90 -39.66 45.99 -2.37
C UNK G 90 -38.28 45.84 -2.97
N UNK G 91 -37.49 44.91 -2.42
CA UNK G 91 -36.12 44.75 -2.90
C UNK G 91 -35.62 43.33 -2.77
N UNK G 92 -34.84 42.89 -3.76
CA UNK G 92 -34.26 41.55 -3.75
C UNK G 92 -33.22 41.43 -2.68
N UNK G 93 -33.28 40.35 -1.94
CA UNK G 93 -32.29 40.09 -0.92
C UNK G 93 -31.03 39.54 -1.56
N UNK G 94 -29.96 39.60 -0.82
CA UNK G 94 -28.73 38.96 -1.29
C UNK G 94 -28.42 37.69 -0.50
N UNK G 95 -29.39 37.21 0.26
CA UNK G 95 -29.24 36.00 1.08
C UNK G 95 -30.60 35.44 1.46
N UNK G 96 -30.63 34.20 1.92
CA UNK G 96 -31.87 33.63 2.46
C UNK G 96 -31.74 33.56 3.98
N UNK G 97 -30.88 32.69 4.50
CA UNK G 97 -30.68 32.71 5.94
C UNK G 97 -30.02 34.04 6.21
N UNK G 98 -30.41 34.75 7.26
CA UNK G 98 -29.80 36.06 7.50
C UNK G 98 -29.92 36.87 6.22
N UNK G 99 -31.12 36.91 5.66
CA UNK G 99 -31.29 37.57 4.39
C UNK G 99 -30.73 38.95 4.44
N UNK G 100 -29.90 39.26 3.45
CA UNK G 100 -29.26 40.54 3.36
C UNK G 100 -30.22 41.60 2.88
N UNK G 101 -30.09 42.80 3.46
CA UNK G 101 -30.87 43.98 3.14
C UNK G 101 -30.57 44.52 1.76
N UNK G 102 -31.60 45.12 1.15
CA UNK G 102 -31.44 45.76 -0.16
C UNK G 102 -32.36 46.97 -0.23
N UNK G 103 -31.95 47.94 -1.05
CA UNK G 103 -32.68 49.20 -1.25
C UNK G 103 -33.86 49.11 -2.19
N UNK G 104 -34.80 50.03 -1.98
CA UNK G 104 -36.00 50.22 -2.79
C UNK G 104 -36.38 51.69 -2.73
N UNK G 105 -37.15 52.18 -3.70
CA UNK G 105 -37.58 53.58 -3.67
C UNK G 105 -38.38 53.93 -2.42
N UNK G 106 -39.19 53.00 -1.94
CA UNK G 106 -39.93 53.19 -0.71
C UNK G 106 -40.74 54.50 -0.59
N UNK G 107 -41.61 54.81 -1.55
CA UNK G 107 -42.45 56.01 -1.43
C UNK G 107 -43.60 55.78 -0.45
N UNK G 108 -44.04 56.85 0.21
CA UNK G 108 -45.15 56.85 1.17
C UNK G 108 -46.49 56.55 0.52
N UNK G 109 -47.42 56.03 1.33
CA UNK G 109 -48.76 55.65 0.90
C UNK G 109 -49.74 55.80 2.06
N UNK G 110 -51.03 55.77 1.75
CA UNK G 110 -52.09 55.91 2.75
C UNK G 110 -53.36 55.19 2.30
N UNK G 111 -54.26 54.87 3.27
CA UNK G 111 -55.58 54.22 3.10
C UNK G 111 -56.28 54.23 4.46
N UNK H 1 -41.49 37.13 20.38
CA UNK H 1 -40.87 37.82 19.22
C UNK H 1 -39.48 38.34 19.60
N UNK H 2 -39.17 39.60 19.27
CA UNK H 2 -37.87 40.21 19.62
C UNK H 2 -38.08 41.45 20.50
N UNK H 3 -37.29 41.60 21.56
CA UNK H 3 -37.40 42.79 22.46
C UNK H 3 -36.06 43.53 22.48
N UNK H 4 -36.09 44.86 22.28
CA UNK H 4 -34.83 45.65 22.22
C UNK H 4 -35.04 47.07 22.73
N UNK H 5 -33.99 47.71 23.24
CA UNK H 5 -34.08 49.13 23.67
C UNK H 5 -34.03 50.06 22.46
N UNK H 6 -34.60 51.26 22.57
CA UNK H 6 -34.55 52.24 21.45
C UNK H 6 -33.89 53.53 21.94
N UNK H 7 -34.47 54.69 21.58
CA UNK H 7 -34.14 55.97 22.22
C UNK H 7 -32.67 56.38 22.23
N UNK H 8 -32.01 56.26 21.08
CA UNK H 8 -30.63 56.65 20.92
C UNK H 8 -30.49 58.18 20.81
N UNK H 9 -29.31 58.70 21.12
CA UNK H 9 -29.01 60.13 20.94
C UNK H 9 -27.59 60.25 20.41
N UNK H 10 -27.40 61.13 19.43
CA UNK H 10 -26.10 61.31 18.80
C UNK H 10 -25.20 62.26 19.54
N UNK H 11 -24.86 61.89 20.77
CA UNK H 11 -23.93 62.70 21.53
C UNK H 11 -22.58 62.52 20.87
N UNK H 12 -21.77 63.57 20.81
CA UNK H 12 -20.50 63.41 20.13
C UNK H 12 -19.65 62.36 20.80
N UNK H 13 -19.13 61.45 19.99
CA UNK H 13 -18.22 60.38 20.39
C UNK H 13 -18.77 59.54 21.53
N UNK H 14 -20.08 59.45 21.67
CA UNK H 14 -20.66 58.67 22.73
C UNK H 14 -20.93 57.27 22.26
N UNK H 15 -20.14 56.33 22.75
CA UNK H 15 -20.26 54.96 22.32
C UNK H 15 -21.62 54.44 22.73
N UNK H 16 -22.18 53.56 21.91
CA UNK H 16 -23.52 53.02 22.17
C UNK H 16 -23.73 51.67 21.51
N UNK H 17 -24.77 50.94 21.96
CA UNK H 17 -25.08 49.67 21.32
C UNK H 17 -26.57 49.42 21.16
N UNK H 18 -26.90 48.71 20.08
CA UNK H 18 -28.24 48.31 19.70
C UNK H 18 -28.54 46.87 20.08
N UNK H 19 -29.34 46.76 21.13
CA UNK H 19 -29.73 45.49 21.74
C UNK H 19 -30.73 44.69 20.95
N UNK H 20 -30.68 43.39 21.18
CA UNK H 20 -31.68 42.44 20.71
C UNK H 20 -31.73 41.26 21.65
N UNK H 21 -32.90 40.64 21.74
CA UNK H 21 -33.13 39.39 22.44
C UNK H 21 -34.31 38.71 21.77
N UNK H 22 -34.10 37.51 21.22
CA UNK H 22 -35.16 36.84 20.47
C UNK H 22 -34.90 35.37 20.17
N UNK H 23 -35.97 34.62 19.87
CA UNK H 23 -35.82 33.25 19.35
C UNK H 23 -35.07 33.28 18.03
N UNK H 24 -35.32 34.32 17.24
CA UNK H 24 -34.63 34.49 15.97
C UNK H 24 -33.16 34.75 16.22
N UNK H 25 -32.84 35.46 17.28
CA UNK H 25 -31.45 35.72 17.59
C UNK H 25 -30.82 34.41 18.06
N UNK H 26 -31.61 33.56 18.73
CA UNK H 26 -31.13 32.25 19.16
C UNK H 26 -30.76 31.40 17.95
N UNK H 27 -31.55 31.52 16.88
CA UNK H 27 -31.27 30.83 15.61
C UNK H 27 -29.94 31.33 15.09
N UNK H 28 -29.72 32.62 15.33
CA UNK H 28 -28.54 33.40 15.06
C UNK H 28 -28.21 33.62 13.61
N UNK H 29 -29.14 33.38 12.70
CA UNK H 29 -28.90 33.77 11.33
C UNK H 29 -29.37 35.22 11.26
N UNK H 30 -28.64 36.04 11.99
CA UNK H 30 -28.95 37.41 12.31
C UNK H 30 -27.96 38.36 11.72
N UNK H 31 -28.34 39.59 11.53
CA UNK H 31 -27.39 40.58 11.04
C UNK H 31 -27.82 41.95 11.54
N UNK H 32 -26.88 42.88 11.69
CA UNK H 32 -27.27 44.23 12.12
C UNK H 32 -26.39 45.31 11.54
N UNK H 33 -27.01 46.44 11.25
CA UNK H 33 -26.35 47.64 10.73
C UNK H 33 -27.33 48.79 10.82
N UNK H 34 -26.85 50.03 10.71
CA UNK H 34 -27.80 51.13 10.72
C UNK H 34 -28.14 51.63 9.34
N UNK H 35 -29.39 52.03 9.17
CA UNK H 35 -29.88 52.61 7.93
C UNK H 35 -29.91 54.11 7.93
N UNK H 36 -29.56 54.68 6.81
CA UNK H 36 -29.71 56.10 6.65
C UNK H 36 -31.20 56.36 6.60
N UNK H 37 -31.64 57.58 6.84
CA UNK H 37 -33.07 57.78 6.73
C UNK H 37 -33.50 57.42 5.33
N UNK H 38 -34.66 56.75 5.20
CA UNK H 38 -35.21 56.35 3.91
C UNK H 38 -34.19 55.55 3.09
N UNK H 39 -33.59 54.57 3.74
CA UNK H 39 -32.56 53.75 3.14
C UNK H 39 -32.50 52.37 3.76
N UNK H 40 -31.88 51.45 3.04
CA UNK H 40 -31.64 50.11 3.57
C UNK H 40 -30.49 50.21 4.58
N UNK H 41 -30.45 49.27 5.51
CA UNK H 41 -29.37 49.23 6.49
C UNK H 41 -28.05 49.01 5.80
N UNK H 42 -27.02 49.58 6.39
CA UNK H 42 -25.66 49.49 5.95
C UNK H 42 -25.20 48.05 5.99
N UNK H 43 -24.04 47.79 5.45
CA UNK H 43 -23.59 46.42 5.39
C UNK H 43 -23.60 45.81 6.78
N UNK H 44 -24.05 44.56 6.80
CA UNK H 44 -24.18 43.72 7.97
C UNK H 44 -23.85 42.31 7.55
N UNK H 45 -23.53 41.45 8.48
CA UNK H 45 -23.22 40.09 8.15
C UNK H 45 -23.87 39.13 9.13
N UNK H 46 -24.07 37.90 8.68
CA UNK H 46 -24.78 36.86 9.43
C UNK H 46 -24.15 36.59 10.80
N UNK H 47 -25.02 36.33 11.76
CA UNK H 47 -24.75 36.13 13.19
C UNK H 47 -24.12 37.38 13.77
N UNK H 48 -24.67 38.53 13.36
CA UNK H 48 -24.24 39.83 13.84
C UNK H 48 -22.74 39.94 13.73
N UNK H 49 -22.27 39.61 12.54
CA UNK H 49 -20.87 39.60 12.22
C UNK H 49 -20.45 40.92 11.59
N UNK H 50 -19.14 41.15 11.59
CA UNK H 50 -18.55 42.35 11.02
C UNK H 50 -18.79 42.41 9.52
N UNK H 51 -18.92 43.63 9.00
CA UNK H 51 -19.21 43.85 7.59
C UNK H 51 -18.57 45.13 7.06
N UNK H 52 -18.77 45.36 5.77
CA UNK H 52 -18.25 46.51 5.02
C UNK H 52 -18.97 47.79 5.42
N UNK H 53 -18.80 48.86 4.64
CA UNK H 53 -19.37 50.16 5.01
C UNK H 53 -18.84 50.55 6.38
N UNK H 54 -17.51 50.52 6.49
CA UNK H 54 -16.80 50.79 7.73
C UNK H 54 -17.18 52.13 8.31
N UNK H 55 -17.31 52.11 9.62
CA UNK H 55 -17.70 53.22 10.45
C UNK H 55 -17.25 52.94 11.85
N UNK H 56 -17.52 53.85 12.77
CA UNK H 56 -17.24 53.59 14.18
C UNK H 56 -18.01 52.33 14.62
N UNK H 57 -19.13 52.08 13.94
CA UNK H 57 -20.05 50.97 14.15
C UNK H 57 -19.68 49.65 13.47
N UNK H 58 -19.99 48.55 14.18
CA UNK H 58 -19.90 47.17 13.68
C UNK H 58 -20.90 46.31 14.44
N UNK H 59 -21.39 45.23 13.84
CA UNK H 59 -22.32 44.34 14.54
C UNK H 59 -21.61 43.46 15.57
N UNK H 60 -22.37 43.01 16.57
CA UNK H 60 -21.86 42.07 17.55
C UNK H 60 -23.00 41.18 18.06
N UNK H 61 -22.68 39.91 18.28
CA UNK H 61 -23.63 38.90 18.76
C UNK H 61 -23.62 38.75 20.26
N UNK H 62 -24.70 38.20 20.78
CA UNK H 62 -24.85 37.86 22.18
C UNK H 62 -25.72 36.61 22.26
N UNK H 63 -25.74 35.91 23.40
CA UNK H 63 -26.52 34.68 23.43
C UNK H 63 -27.99 34.96 23.26
N UNK H 64 -28.55 34.45 22.15
CA UNK H 64 -29.94 34.65 21.74
C UNK H 64 -30.25 36.11 21.80
N UNK H 65 -29.26 36.89 21.42
CA UNK H 65 -29.28 38.31 21.57
C UNK H 65 -28.27 38.95 20.67
N UNK H 66 -28.25 40.26 20.68
CA UNK H 66 -27.26 41.01 19.93
C UNK H 66 -27.03 42.35 20.61
N UNK H 67 -25.89 42.94 20.29
CA UNK H 67 -25.52 44.25 20.78
C UNK H 67 -24.64 44.96 19.76
N UNK H 68 -25.20 45.37 18.63
CA UNK H 68 -24.37 45.98 17.60
C UNK H 68 -23.81 47.22 18.25
N UNK H 69 -22.59 47.61 17.95
CA UNK H 69 -22.11 48.76 18.69
C UNK H 69 -21.15 49.64 17.95
N UNK H 70 -21.05 50.87 18.43
CA UNK H 70 -20.15 51.82 17.83
C UNK H 70 -19.40 52.60 18.83
N UNK H 71 -18.16 52.92 18.49
CA UNK H 71 -17.36 53.83 19.31
C UNK H 71 -17.98 55.21 19.28
N UNK H 72 -18.62 55.51 18.15
CA UNK H 72 -19.25 56.77 17.78
C UNK H 72 -18.23 57.88 17.56
N UNK H 73 -16.96 57.55 17.64
CA UNK H 73 -15.87 58.50 17.50
C UNK H 73 -15.90 59.19 16.16
N UNK H 74 -16.32 58.47 15.15
CA UNK H 74 -16.41 59.01 13.82
C UNK H 74 -17.67 58.55 13.14
N UNK H 75 -18.80 58.68 13.83
CA UNK H 75 -20.04 58.29 13.20
C UNK H 75 -21.22 59.05 13.77
N UNK H 76 -22.22 59.29 12.93
CA UNK H 76 -23.45 59.88 13.43
C UNK H 76 -24.33 58.75 13.89
N UNK H 77 -25.04 58.96 14.98
CA UNK H 77 -25.98 57.94 15.47
C UNK H 77 -27.35 58.13 14.83
N UNK H 78 -27.46 59.13 13.96
CA UNK H 78 -28.70 59.47 13.29
C UNK H 78 -29.25 58.31 12.45
N UNK H 79 -28.38 57.46 11.90
CA UNK H 79 -28.87 56.31 11.12
C UNK H 79 -29.62 55.39 12.07
N UNK H 80 -30.66 54.73 11.59
CA UNK H 80 -31.41 53.84 12.45
C UNK H 80 -30.78 52.52 12.61
N UNK H 81 -30.31 52.24 13.82
CA UNK H 81 -29.70 50.95 14.02
C UNK H 81 -30.81 49.98 13.84
N UNK H 82 -30.59 48.86 13.21
CA UNK H 82 -31.68 47.90 13.09
C UNK H 82 -31.09 46.52 12.98
N UNK H 83 -31.90 45.52 13.27
CA UNK H 83 -31.40 44.17 13.14
C UNK H 83 -32.44 43.27 12.58
N UNK H 84 -31.99 42.16 12.01
CA UNK H 84 -32.89 41.17 11.47
C UNK H 84 -32.37 39.80 11.80
N UNK H 85 -33.29 38.85 11.89
CA UNK H 85 -32.98 37.48 12.22
C UNK H 85 -34.15 36.62 11.82
N UNK H 86 -34.01 35.30 11.84
CA UNK H 86 -35.18 34.52 11.47
C UNK H 86 -35.38 33.27 12.27
N UNK H 87 -36.65 32.98 12.54
CA UNK H 87 -37.06 31.75 13.19
C UNK H 87 -38.53 31.52 12.96
N UNK H 88 -38.92 30.25 13.06
CA UNK H 88 -40.31 29.87 13.02
C UNK H 88 -41.02 30.48 11.82
N UNK H 89 -42.06 31.27 12.06
CA UNK H 89 -42.86 31.82 10.99
C UNK H 89 -42.13 32.73 10.01
N UNK H 90 -41.12 33.49 10.44
CA UNK H 90 -40.58 34.42 9.47
C UNK H 90 -39.22 35.00 9.77
N UNK H 91 -38.60 35.48 8.69
CA UNK H 91 -37.47 36.35 8.85
C UNK H 91 -38.06 37.70 9.15
N UNK H 92 -37.46 38.45 10.04
CA UNK H 92 -38.01 39.76 10.34
C UNK H 92 -36.97 40.74 10.77
N UNK H 93 -37.29 42.01 10.56
CA UNK H 93 -36.45 43.10 11.04
C UNK H 93 -37.18 43.78 12.15
N UNK H 94 -36.42 44.35 13.06
CA UNK H 94 -36.99 45.05 14.18
C UNK H 94 -36.03 46.06 14.80
N UNK H 95 -36.61 46.88 15.68
CA UNK H 95 -35.90 47.86 16.47
C UNK H 95 -35.19 48.89 15.65
N UNK H 96 -35.81 49.39 14.59
CA UNK H 96 -35.11 50.45 13.92
C UNK H 96 -35.04 51.54 14.97
N UNK H 97 -33.84 52.04 15.25
CA UNK H 97 -33.66 53.01 16.31
C UNK H 97 -32.65 54.09 15.97
N UNK H 98 -33.15 55.14 15.34
CA UNK H 98 -32.33 56.29 14.96
C UNK H 98 -32.15 57.16 16.16
N UNK H 99 -30.99 57.77 16.25
CA UNK H 99 -30.75 58.69 17.32
C UNK H 99 -31.27 60.06 17.06
#